data_5HUK
#
_entry.id   5HUK
#
_cell.length_a   116.225
_cell.length_b   122.789
_cell.length_c   176.846
_cell.angle_alpha   90.00
_cell.angle_beta   90.00
_cell.angle_gamma   90.00
#
_symmetry.space_group_name_H-M   'P 21 21 21'
#
loop_
_entity.id
_entity.type
_entity.pdbx_description
1 polymer Neuraminidase
2 branched 2-acetamido-2-deoxy-beta-D-glucopyranose-(1-4)-2-acetamido-2-deoxy-beta-D-glucopyranose
3 branched alpha-D-mannopyranose-(1-2)-alpha-D-mannopyranose-(1-3)-[alpha-D-mannopyranose-(1-3)-alpha-D-mannopyranose-(1-6)]beta-D-mannopyranose-(1-4)-2-acetamido-2-deoxy-beta-D-glucopyranose-(1-4)-2-acetamido-2-deoxy-beta-D-glucopyranose
4 non-polymer 'CALCIUM ION'
5 non-polymer 2-acetamido-2-deoxy-beta-D-glucopyranose
6 water water
#
_entity_poly.entity_id   1
_entity_poly.type   'polypeptide(L)'
_entity_poly.pdbx_seq_one_letter_code
;SLVPRGSGDSGSPGAEYRNWSKPQCQITGFAPFSKDNSIRLSAGGDIWVTREPYVSCSPGKCYQFALGQGTTLNNKHSNG
TIHDRIPHRTLLMSELGVPFHLGTKQVCIAWSSSSCHDGKAWLHVCVTGDDRNATASFIYDGMLADSIGSWSQNILRTQE
SECVCINGTCTVVMTDGSASGRADTRILFIKEGKIVHISPLSGSAQHIEECSCYPRYPDVRCVCRDNWKGSNRPVIDINM
ADYSIDSSYVCSGLVGDTPRNDDSSSSSNCRDPNNERGNPGVKGWAFDNGNDVWMGRTISEDSRSGYETFRVTDGWTTAN
SKSQVNRQIIVDNNNWSGYSGIFSVEGKSCINRCFYVELIRGRPQETRVWWTSNSIVVFCGTSGTYGTGSWPDGANINFM
PI
;
_entity_poly.pdbx_strand_id   A,B,C,D
#
# COMPACT_ATOMS: atom_id res chain seq x y z
N ALA A 15 -4.58 24.66 -6.99
CA ALA A 15 -4.94 24.77 -5.55
C ALA A 15 -4.55 26.14 -5.00
N GLU A 16 -5.44 26.66 -4.16
CA GLU A 16 -5.32 27.98 -3.54
C GLU A 16 -5.10 27.72 -2.02
N TYR A 17 -4.65 28.74 -1.29
CA TYR A 17 -4.58 28.65 0.14
C TYR A 17 -5.98 28.61 0.76
N ARG A 18 -6.11 27.86 1.85
CA ARG A 18 -7.28 27.91 2.72
C ARG A 18 -7.36 29.14 3.58
N ASN A 19 -8.58 29.64 3.75
CA ASN A 19 -8.86 30.84 4.56
C ASN A 19 -9.80 30.62 5.72
N TRP A 20 -10.51 29.50 5.71
CA TRP A 20 -11.48 29.22 6.75
C TRP A 20 -12.48 30.37 6.99
N SER A 21 -12.85 31.07 5.93
CA SER A 21 -13.64 32.31 6.03
C SER A 21 -15.11 31.98 5.89
N LYS A 22 -15.62 31.20 6.84
CA LYS A 22 -17.04 30.87 6.96
C LYS A 22 -17.38 30.86 8.42
N PRO A 23 -18.66 31.08 8.74
CA PRO A 23 -19.04 30.99 10.15
C PRO A 23 -18.94 29.55 10.67
N GLN A 24 -18.85 29.42 11.99
CA GLN A 24 -18.80 28.14 12.66
C GLN A 24 -20.16 27.46 12.54
N CYS A 25 -20.19 26.17 12.25
CA CYS A 25 -21.45 25.40 12.22
C CYS A 25 -22.10 25.46 13.58
N GLN A 26 -23.42 25.66 13.62
CA GLN A 26 -24.18 25.61 14.87
C GLN A 26 -24.44 24.16 15.16
N ILE A 27 -23.81 23.63 16.18
CA ILE A 27 -23.84 22.22 16.47
C ILE A 27 -24.70 21.96 17.68
N THR A 28 -25.24 20.73 17.74
CA THR A 28 -26.06 20.29 18.82
C THR A 28 -25.34 19.27 19.70
N GLY A 29 -24.11 18.94 19.31
CA GLY A 29 -23.33 17.91 19.92
C GLY A 29 -22.41 17.28 18.91
N PHE A 30 -21.98 16.05 19.21
CA PHE A 30 -20.97 15.37 18.41
C PHE A 30 -21.39 13.96 18.04
N ALA A 31 -20.96 13.52 16.87
CA ALA A 31 -21.28 12.20 16.37
C ALA A 31 -19.98 11.40 16.12
N PRO A 32 -20.04 10.09 16.22
CA PRO A 32 -18.90 9.21 15.98
C PRO A 32 -18.37 9.31 14.59
N PHE A 33 -17.06 9.36 14.49
CA PHE A 33 -16.39 9.54 13.22
C PHE A 33 -15.33 8.46 12.92
N SER A 34 -14.44 8.16 13.83
CA SER A 34 -13.40 7.18 13.53
C SER A 34 -12.84 6.56 14.79
N LYS A 35 -12.33 5.33 14.62
CA LYS A 35 -11.73 4.60 15.74
C LYS A 35 -10.68 3.74 15.16
N ASP A 36 -9.50 3.64 15.78
CA ASP A 36 -8.49 2.80 15.11
C ASP A 36 -8.19 1.42 15.66
N ASN A 37 -8.61 1.12 16.87
CA ASN A 37 -8.43 -0.22 17.46
C ASN A 37 -6.99 -0.71 17.55
N SER A 38 -6.03 0.21 17.64
CA SER A 38 -4.63 -0.17 17.60
C SER A 38 -4.19 -1.23 18.59
N ILE A 39 -4.64 -1.10 19.82
CA ILE A 39 -4.13 -1.99 20.88
C ILE A 39 -4.73 -3.39 20.68
N ARG A 40 -6.04 -3.45 20.43
CA ARG A 40 -6.68 -4.72 20.08
C ARG A 40 -5.93 -5.43 18.89
N LEU A 41 -5.60 -4.66 17.85
CA LEU A 41 -4.87 -5.20 16.73
C LEU A 41 -3.43 -5.60 17.06
N SER A 42 -2.79 -4.87 17.96
CA SER A 42 -1.40 -5.15 18.39
C SER A 42 -1.20 -6.53 18.99
N ALA A 43 -2.26 -7.12 19.51
CA ALA A 43 -2.22 -8.45 20.06
C ALA A 43 -2.23 -9.57 19.02
N GLY A 44 -2.37 -9.24 17.74
CA GLY A 44 -2.28 -10.23 16.67
C GLY A 44 -1.84 -9.59 15.35
N GLY A 45 -0.71 -8.90 15.40
CA GLY A 45 -0.19 -8.18 14.27
C GLY A 45 0.89 -7.21 14.72
N ASP A 46 1.65 -6.74 13.75
CA ASP A 46 2.78 -5.79 13.96
C ASP A 46 2.26 -4.37 13.81
N ILE A 47 2.09 -3.72 14.95
CA ILE A 47 1.56 -2.39 15.06
C ILE A 47 2.51 -1.51 15.90
N TRP A 48 2.64 -0.26 15.49
CA TRP A 48 3.54 0.70 16.15
C TRP A 48 3.11 1.02 17.57
N VAL A 49 4.06 1.13 18.46
CA VAL A 49 3.83 1.75 19.77
C VAL A 49 3.89 3.26 19.60
N THR A 50 2.89 3.92 20.15
CA THR A 50 2.77 5.37 20.03
C THR A 50 2.30 6.08 21.31
N ARG A 51 2.32 7.40 21.24
CA ARG A 51 1.55 8.29 22.12
C ARG A 51 1.44 9.68 21.50
N GLU A 52 0.63 10.54 22.14
CA GLU A 52 0.46 11.95 21.70
C GLU A 52 -0.04 11.98 20.25
N PRO A 53 -1.18 11.33 19.99
CA PRO A 53 -1.73 11.39 18.67
C PRO A 53 -2.53 12.64 18.40
N TYR A 54 -2.85 12.86 17.13
CA TYR A 54 -3.78 13.87 16.79
C TYR A 54 -4.29 13.64 15.36
N VAL A 55 -5.20 14.52 14.94
CA VAL A 55 -5.84 14.41 13.64
C VAL A 55 -5.84 15.78 12.96
N SER A 56 -5.62 15.78 11.66
CA SER A 56 -5.62 16.97 10.84
C SER A 56 -6.01 16.57 9.39
N CYS A 57 -6.79 17.42 8.72
CA CYS A 57 -7.35 17.14 7.38
C CYS A 57 -6.81 18.15 6.37
N SER A 58 -6.31 17.66 5.24
CA SER A 58 -6.16 18.46 4.05
C SER A 58 -7.55 18.71 3.49
N PRO A 59 -7.67 19.50 2.43
CA PRO A 59 -9.02 19.68 1.83
C PRO A 59 -9.55 18.40 1.22
N GLY A 60 -8.65 17.52 0.77
CA GLY A 60 -9.01 16.22 0.19
C GLY A 60 -9.18 15.06 1.15
N LYS A 61 -8.38 14.99 2.23
CA LYS A 61 -8.60 13.97 3.23
C LYS A 61 -7.98 14.16 4.62
N CYS A 62 -8.42 13.31 5.54
CA CYS A 62 -7.99 13.34 6.89
C CYS A 62 -6.91 12.35 7.20
N TYR A 63 -6.04 12.74 8.12
CA TYR A 63 -4.95 11.87 8.57
C TYR A 63 -4.89 11.76 10.05
N GLN A 64 -4.44 10.62 10.54
CA GLN A 64 -4.06 10.50 11.93
C GLN A 64 -2.55 10.54 12.07
N PHE A 65 -2.10 11.17 13.16
CA PHE A 65 -0.70 11.34 13.44
C PHE A 65 -0.42 10.85 14.84
N ALA A 66 0.82 10.47 15.07
CA ALA A 66 1.25 10.16 16.42
C ALA A 66 2.76 10.07 16.53
N LEU A 67 3.25 10.10 17.75
CA LEU A 67 4.70 9.97 17.94
C LEU A 67 5.00 8.54 18.22
N GLY A 68 5.65 7.89 17.26
CA GLY A 68 6.08 6.52 17.47
C GLY A 68 7.19 6.46 18.50
N GLN A 69 7.42 5.26 18.99
CA GLN A 69 8.50 4.94 19.90
C GLN A 69 9.54 4.07 19.24
N GLY A 70 9.55 4.08 17.90
CA GLY A 70 10.61 3.37 17.15
C GLY A 70 10.55 1.88 17.29
N THR A 71 9.37 1.37 17.51
CA THR A 71 9.16 -0.05 17.74
C THR A 71 7.73 -0.41 17.58
N THR A 72 7.50 -1.70 17.30
CA THR A 72 6.18 -2.27 17.38
C THR A 72 5.95 -2.78 18.81
N LEU A 73 4.74 -3.19 19.09
CA LEU A 73 4.37 -3.50 20.46
C LEU A 73 4.78 -4.89 20.83
N ASN A 74 4.60 -5.83 19.92
CA ASN A 74 5.07 -7.20 20.18
C ASN A 74 6.52 -7.36 19.74
N ASN A 75 7.40 -6.83 20.59
CA ASN A 75 8.77 -6.51 20.27
C ASN A 75 9.40 -6.13 21.60
N LYS A 76 10.54 -6.70 21.91
CA LYS A 76 11.20 -6.38 23.18
C LYS A 76 11.56 -4.92 23.35
N HIS A 77 11.70 -4.17 22.26
CA HIS A 77 12.01 -2.75 22.40
C HIS A 77 10.80 -1.95 22.88
N SER A 78 9.62 -2.56 22.99
CA SER A 78 8.50 -1.84 23.59
C SER A 78 8.67 -1.60 25.13
N ASN A 79 9.57 -2.35 25.76
CA ASN A 79 9.82 -2.24 27.20
C ASN A 79 10.30 -0.83 27.53
N GLY A 80 9.65 -0.15 28.46
CA GLY A 80 10.16 1.17 28.88
C GLY A 80 9.64 2.34 28.07
N THR A 81 8.65 2.10 27.22
CA THR A 81 8.09 3.15 26.40
C THR A 81 7.23 4.21 27.12
N ILE A 82 7.17 4.13 28.43
CA ILE A 82 6.66 5.26 29.23
C ILE A 82 7.49 6.54 29.10
N HIS A 83 8.81 6.39 28.94
CA HIS A 83 9.68 7.57 28.70
C HIS A 83 9.28 8.36 27.46
N ASP A 84 9.23 9.68 27.60
CA ASP A 84 8.74 10.58 26.55
C ASP A 84 9.73 10.97 25.45
N ARG A 85 11.03 10.99 25.77
CA ARG A 85 11.98 11.61 24.85
C ARG A 85 13.17 10.74 24.57
N ILE A 86 13.14 10.03 23.44
CA ILE A 86 14.27 9.25 22.95
C ILE A 86 14.49 9.61 21.50
N PRO A 87 15.71 9.37 21.04
CA PRO A 87 16.04 9.81 19.67
C PRO A 87 15.31 9.05 18.59
N HIS A 88 14.74 7.89 18.95
CA HIS A 88 14.04 7.07 17.98
C HIS A 88 12.60 7.44 17.72
N ARG A 89 12.06 8.41 18.45
CA ARG A 89 10.69 8.84 18.20
C ARG A 89 10.60 9.58 16.86
N THR A 90 9.63 9.19 16.06
CA THR A 90 9.34 9.81 14.78
C THR A 90 7.86 10.10 14.68
N LEU A 91 7.54 11.10 13.90
CA LEU A 91 6.15 11.42 13.64
C LEU A 91 5.56 10.49 12.57
N LEU A 92 4.58 9.70 12.97
CA LEU A 92 3.81 8.82 12.09
C LEU A 92 2.59 9.50 11.47
N MET A 93 2.34 9.21 10.20
CA MET A 93 1.25 9.81 9.47
C MET A 93 0.57 8.75 8.63
N SER A 94 -0.72 8.61 8.79
CA SER A 94 -1.49 7.61 8.06
C SER A 94 -2.89 8.16 7.82
N GLU A 95 -3.52 7.72 6.76
CA GLU A 95 -4.85 8.16 6.49
C GLU A 95 -5.66 7.78 7.68
N LEU A 96 -6.64 8.63 8.04
CA LEU A 96 -7.50 8.37 9.18
C LEU A 96 -8.22 7.03 9.02
N GLY A 97 -8.08 6.17 10.04
CA GLY A 97 -8.68 4.85 10.04
C GLY A 97 -7.73 3.74 9.58
N VAL A 98 -6.60 4.10 8.98
CA VAL A 98 -5.62 3.06 8.63
C VAL A 98 -4.72 2.98 9.84
N PRO A 99 -4.69 1.81 10.49
CA PRO A 99 -3.84 1.73 11.71
C PRO A 99 -2.33 1.91 11.40
N PHE A 100 -1.55 2.14 12.45
CA PHE A 100 -0.17 2.41 12.30
C PHE A 100 0.55 1.05 12.18
N HIS A 101 0.52 0.48 10.98
CA HIS A 101 1.20 -0.80 10.69
C HIS A 101 2.62 -0.52 10.10
N LEU A 102 3.35 -1.57 9.71
CA LEU A 102 4.70 -1.42 9.17
C LEU A 102 4.90 -0.67 7.86
N GLY A 103 3.86 -0.48 7.07
CA GLY A 103 3.96 0.43 5.90
C GLY A 103 3.71 1.91 6.20
N THR A 104 3.54 2.27 7.47
CA THR A 104 3.29 3.65 7.84
C THR A 104 4.52 4.51 7.59
N LYS A 105 4.26 5.70 7.04
CA LYS A 105 5.28 6.67 6.79
C LYS A 105 5.73 7.40 8.08
N GLN A 106 7.04 7.42 8.29
CA GLN A 106 7.64 8.28 9.32
C GLN A 106 8.07 9.57 8.65
N VAL A 107 7.40 10.62 9.00
CA VAL A 107 7.46 11.88 8.26
C VAL A 107 8.63 12.74 8.72
N CYS A 108 9.11 12.58 9.95
CA CYS A 108 10.26 13.35 10.44
C CYS A 108 10.63 12.79 11.82
N ILE A 109 11.72 13.24 12.39
CA ILE A 109 12.18 12.76 13.68
C ILE A 109 11.56 13.70 14.73
N ALA A 110 10.90 13.17 15.77
CA ALA A 110 10.18 14.04 16.69
C ALA A 110 9.78 13.37 17.98
N TRP A 111 10.09 14.04 19.08
CA TRP A 111 9.43 13.70 20.34
C TRP A 111 8.42 14.77 20.78
N SER A 112 8.18 15.77 19.95
CA SER A 112 7.06 16.68 20.13
C SER A 112 6.74 17.18 18.73
N SER A 113 5.47 17.42 18.41
CA SER A 113 5.13 17.85 17.03
C SER A 113 3.81 18.57 16.91
N SER A 114 3.66 19.18 15.74
CA SER A 114 2.39 19.74 15.27
C SER A 114 2.37 19.67 13.72
N SER A 115 1.20 19.50 13.10
CA SER A 115 1.10 19.46 11.63
C SER A 115 -0.11 20.20 11.14
N CYS A 116 -0.06 20.74 9.94
CA CYS A 116 -1.24 21.34 9.37
C CYS A 116 -1.04 21.50 7.87
N HIS A 117 -2.14 21.65 7.15
CA HIS A 117 -2.13 21.77 5.70
C HIS A 117 -2.66 23.19 5.41
N ASP A 118 -1.96 23.93 4.55
CA ASP A 118 -2.30 25.32 4.24
C ASP A 118 -3.19 25.45 2.98
N GLY A 119 -3.68 24.33 2.49
CA GLY A 119 -4.42 24.26 1.22
C GLY A 119 -3.61 23.77 0.03
N LYS A 120 -2.28 23.94 0.08
CA LYS A 120 -1.38 23.43 -0.97
C LYS A 120 -0.52 22.27 -0.55
N ALA A 121 -0.04 22.32 0.69
CA ALA A 121 0.90 21.33 1.19
C ALA A 121 0.90 21.21 2.70
N TRP A 122 1.50 20.13 3.15
CA TRP A 122 1.65 19.82 4.55
C TRP A 122 2.86 20.53 5.16
N LEU A 123 2.64 21.11 6.31
CA LEU A 123 3.69 21.55 7.20
C LEU A 123 3.73 20.64 8.40
N HIS A 124 4.93 20.24 8.78
CA HIS A 124 5.18 19.54 10.04
C HIS A 124 6.24 20.28 10.84
N VAL A 125 6.00 20.35 12.12
CA VAL A 125 6.93 20.90 13.09
C VAL A 125 7.35 19.77 13.99
N CYS A 126 8.63 19.52 14.01
CA CYS A 126 9.19 18.30 14.60
C CYS A 126 10.36 18.65 15.52
N VAL A 127 10.21 18.39 16.80
CA VAL A 127 11.26 18.72 17.78
C VAL A 127 11.90 17.42 18.25
N THR A 128 13.22 17.39 18.24
CA THR A 128 14.01 16.23 18.70
C THR A 128 15.36 16.73 19.24
N GLY A 129 16.15 15.81 19.80
CA GLY A 129 17.47 16.11 20.32
C GLY A 129 17.53 16.18 21.83
N ASP A 130 18.64 16.72 22.33
CA ASP A 130 18.91 16.84 23.79
C ASP A 130 17.85 17.71 24.47
N ASP A 131 17.44 17.32 25.66
CA ASP A 131 16.50 18.09 26.48
C ASP A 131 16.85 19.57 26.61
N ARG A 132 18.12 19.84 26.86
CA ARG A 132 18.55 21.22 27.05
C ARG A 132 18.97 21.94 25.80
N ASN A 133 18.87 21.29 24.64
CA ASN A 133 19.35 21.92 23.42
C ASN A 133 18.73 21.26 22.21
N ALA A 134 17.40 21.32 22.17
CA ALA A 134 16.65 20.65 21.12
C ALA A 134 16.63 21.44 19.84
N THR A 135 16.21 20.77 18.76
CA THR A 135 16.06 21.37 17.46
C THR A 135 14.65 21.15 17.01
N ALA A 136 14.01 22.21 16.51
CA ALA A 136 12.75 22.06 15.86
C ALA A 136 12.95 22.22 14.37
N SER A 137 12.53 21.20 13.61
CA SER A 137 12.59 21.25 12.15
C SER A 137 11.22 21.57 11.58
N PHE A 138 11.20 22.34 10.50
CA PHE A 138 10.02 22.71 9.77
C PHE A 138 10.07 22.15 8.36
N ILE A 139 9.11 21.30 8.07
CA ILE A 139 9.10 20.55 6.85
C ILE A 139 7.89 20.92 6.11
N TYR A 140 8.07 21.44 4.92
CA TYR A 140 6.95 21.91 4.10
C TYR A 140 7.01 21.21 2.72
N ASP A 141 5.92 20.59 2.37
CA ASP A 141 5.79 19.83 1.11
C ASP A 141 6.87 18.77 0.94
N GLY A 142 7.17 18.05 2.01
CA GLY A 142 8.17 17.01 1.97
C GLY A 142 9.60 17.53 1.98
N MET A 143 9.83 18.85 2.10
CA MET A 143 11.23 19.38 2.17
C MET A 143 11.52 20.17 3.43
N LEU A 144 12.74 20.05 3.93
CA LEU A 144 13.20 20.82 5.06
C LEU A 144 13.31 22.30 4.67
N ALA A 145 12.56 23.17 5.35
CA ALA A 145 12.48 24.58 5.01
C ALA A 145 13.08 25.51 6.04
N ASP A 146 13.17 25.09 7.30
CA ASP A 146 13.71 25.96 8.35
C ASP A 146 13.93 25.16 9.60
N SER A 147 14.62 25.75 10.56
CA SER A 147 14.79 25.14 11.87
C SER A 147 15.04 26.21 12.89
N ILE A 148 14.80 25.89 14.15
CA ILE A 148 15.19 26.72 15.27
C ILE A 148 15.72 25.87 16.40
N GLY A 149 16.62 26.47 17.18
CA GLY A 149 17.10 25.95 18.42
C GLY A 149 16.35 26.47 19.65
N SER A 150 16.56 25.79 20.75
CA SER A 150 15.93 26.05 22.04
C SER A 150 16.37 27.43 22.55
N TRP A 151 15.43 28.31 22.90
CA TRP A 151 15.74 29.62 23.47
C TRP A 151 15.88 29.69 25.01
N SER A 152 15.37 28.74 25.76
CA SER A 152 15.57 28.66 27.23
C SER A 152 16.29 27.41 27.73
N GLN A 153 16.67 26.54 26.81
CA GLN A 153 17.48 25.34 27.15
C GLN A 153 16.87 24.37 28.16
N ASN A 154 15.55 24.22 28.06
CA ASN A 154 14.81 23.35 28.93
C ASN A 154 13.54 22.80 28.28
N ILE A 155 13.77 21.91 27.34
CA ILE A 155 12.73 21.10 26.67
C ILE A 155 11.80 21.95 25.80
N LEU A 156 12.30 22.32 24.66
CA LEU A 156 11.46 22.99 23.63
C LEU A 156 10.38 22.01 23.19
N ARG A 157 9.13 22.46 23.20
CA ARG A 157 7.99 21.61 22.99
C ARG A 157 6.88 22.39 22.32
N THR A 158 5.96 21.67 21.67
CA THR A 158 4.90 22.33 20.92
C THR A 158 3.54 21.73 21.21
N GLN A 159 2.61 21.86 20.28
CA GLN A 159 1.18 21.60 20.59
C GLN A 159 0.73 20.16 20.77
N GLU A 160 1.35 19.22 20.05
CA GLU A 160 0.84 17.88 19.92
C GLU A 160 -0.59 17.86 19.34
N SER A 161 -0.93 18.84 18.53
CA SER A 161 -2.15 18.78 17.73
C SER A 161 -1.99 19.70 16.52
N GLU A 162 -3.04 19.86 15.73
CA GLU A 162 -2.89 20.58 14.49
C GLU A 162 -2.58 22.06 14.73
N CYS A 163 -1.66 22.57 13.91
CA CYS A 163 -1.51 24.01 13.75
C CYS A 163 -2.60 24.53 12.82
N VAL A 164 -2.61 25.83 12.59
CA VAL A 164 -3.67 26.47 11.80
C VAL A 164 -3.08 27.44 10.82
N CYS A 165 -3.56 27.38 9.56
CA CYS A 165 -3.08 28.26 8.52
C CYS A 165 -4.21 29.07 8.00
N ILE A 166 -3.97 30.37 7.80
CA ILE A 166 -4.88 31.25 7.07
C ILE A 166 -4.20 32.03 5.96
N ASN A 167 -4.73 31.87 4.75
CA ASN A 167 -4.19 32.53 3.61
C ASN A 167 -2.69 32.31 3.46
N GLY A 168 -2.23 31.09 3.67
CA GLY A 168 -0.83 30.80 3.47
C GLY A 168 0.08 31.02 4.68
N THR A 169 -0.44 31.64 5.73
CA THR A 169 0.36 31.85 6.96
C THR A 169 -0.12 30.90 8.07
N CYS A 170 0.79 30.07 8.55
CA CYS A 170 0.50 29.09 9.59
C CYS A 170 1.06 29.55 10.93
N THR A 171 0.33 29.27 11.97
CA THR A 171 0.72 29.64 13.29
C THR A 171 0.79 28.43 14.20
N VAL A 172 1.79 28.44 15.06
CA VAL A 172 2.05 27.38 16.00
C VAL A 172 2.62 27.96 17.28
N VAL A 173 2.18 27.40 18.39
CA VAL A 173 2.58 27.83 19.69
C VAL A 173 3.62 26.87 20.25
N MET A 174 4.69 27.43 20.82
CA MET A 174 5.79 26.62 21.36
C MET A 174 6.18 27.15 22.74
N THR A 175 6.64 26.26 23.60
CA THR A 175 7.06 26.66 24.92
C THR A 175 8.41 26.05 25.18
N ASP A 176 9.27 26.83 25.83
CA ASP A 176 10.54 26.32 26.31
C ASP A 176 10.73 26.76 27.75
N GLY A 177 11.24 25.90 28.58
CA GLY A 177 11.60 26.38 29.89
C GLY A 177 10.90 25.59 30.97
N SER A 178 11.14 26.01 32.21
CA SER A 178 10.86 25.15 33.35
C SER A 178 9.36 25.05 33.48
N ALA A 179 8.85 23.84 33.37
CA ALA A 179 7.45 23.55 33.70
C ALA A 179 6.86 24.23 35.01
N SER A 180 7.70 24.62 35.99
CA SER A 180 7.29 25.37 37.23
C SER A 180 7.41 26.94 37.08
N GLY A 181 8.54 27.42 36.55
CA GLY A 181 8.89 28.85 36.71
C GLY A 181 9.99 29.34 35.79
N ARG A 182 9.71 30.44 35.09
CA ARG A 182 10.46 30.93 33.90
C ARG A 182 10.19 29.94 32.78
N ALA A 183 8.95 30.02 32.31
CA ALA A 183 8.50 29.30 31.11
C ALA A 183 8.30 30.32 30.02
N ASP A 184 8.80 30.07 28.82
CA ASP A 184 8.82 31.08 27.82
C ASP A 184 8.14 30.57 26.55
N THR A 185 6.94 31.07 26.39
CA THR A 185 6.02 30.70 25.35
C THR A 185 6.09 31.71 24.22
N ARG A 186 6.21 31.20 22.98
CA ARG A 186 6.28 32.02 21.78
C ARG A 186 5.40 31.49 20.69
N ILE A 187 4.86 32.41 19.91
CA ILE A 187 3.94 32.11 18.85
C ILE A 187 4.65 32.41 17.52
N LEU A 188 4.80 31.36 16.73
CA LEU A 188 5.48 31.40 15.45
C LEU A 188 4.50 31.54 14.29
N PHE A 189 4.92 32.28 13.29
CA PHE A 189 4.17 32.51 12.04
C PHE A 189 5.01 32.08 10.88
N ILE A 190 4.46 31.18 10.07
CA ILE A 190 5.25 30.39 9.13
C ILE A 190 4.60 30.38 7.76
N LYS A 191 5.39 30.61 6.75
CA LYS A 191 4.93 30.75 5.39
C LYS A 191 5.78 29.82 4.53
N GLU A 192 5.14 28.82 3.94
CA GLU A 192 5.80 27.79 3.13
C GLU A 192 6.98 27.19 3.86
N GLY A 193 6.79 26.93 5.14
CA GLY A 193 7.85 26.42 5.98
C GLY A 193 8.93 27.36 6.52
N LYS A 194 8.97 28.60 6.06
CA LYS A 194 9.88 29.62 6.61
C LYS A 194 9.22 30.38 7.74
N ILE A 195 9.97 30.51 8.83
CA ILE A 195 9.52 31.37 9.91
C ILE A 195 9.56 32.83 9.55
N VAL A 196 8.43 33.53 9.52
CA VAL A 196 8.47 34.93 9.12
C VAL A 196 8.30 35.90 10.29
N HIS A 197 7.76 35.44 11.42
CA HIS A 197 7.62 36.31 12.57
C HIS A 197 7.42 35.46 13.78
N ILE A 198 7.93 35.93 14.91
CA ILE A 198 7.74 35.28 16.21
C ILE A 198 7.26 36.35 17.22
N SER A 199 6.15 36.09 17.92
CA SER A 199 5.66 37.02 18.91
C SER A 199 5.72 36.37 20.28
N PRO A 200 6.03 37.16 21.29
CA PRO A 200 5.99 36.61 22.66
C PRO A 200 4.56 36.49 23.13
N LEU A 201 4.35 35.59 24.08
CA LEU A 201 3.09 35.55 24.74
C LEU A 201 2.83 36.82 25.47
N SER A 202 1.58 37.25 25.44
CA SER A 202 1.20 38.43 26.15
C SER A 202 -0.21 38.22 26.77
N GLY A 203 -0.59 39.05 27.75
CA GLY A 203 -1.90 38.95 28.45
C GLY A 203 -1.76 38.33 29.84
N SER A 204 -2.78 37.64 30.37
CA SER A 204 -2.70 37.14 31.77
C SER A 204 -2.49 35.62 31.99
N ALA A 205 -2.39 34.85 30.91
CA ALA A 205 -2.15 33.41 31.03
C ALA A 205 -0.76 33.18 31.60
N GLN A 206 -0.56 32.20 32.46
CA GLN A 206 0.73 32.11 33.13
C GLN A 206 1.65 30.96 32.80
N HIS A 207 1.11 29.77 32.49
CA HIS A 207 1.98 28.61 32.20
C HIS A 207 1.11 28.07 31.08
N ILE A 208 1.73 27.86 29.93
CA ILE A 208 1.08 27.36 28.75
C ILE A 208 1.83 26.16 28.19
N GLU A 209 1.06 25.12 27.92
CA GLU A 209 1.51 23.91 27.32
C GLU A 209 0.41 23.38 26.36
N GLU A 210 0.85 22.70 25.33
CA GLU A 210 0.02 21.81 24.52
C GLU A 210 -1.30 22.42 24.05
N CYS A 211 -1.18 23.55 23.38
CA CYS A 211 -2.35 24.27 22.90
C CYS A 211 -3.14 23.48 21.79
N SER A 212 -4.47 23.44 21.95
CA SER A 212 -5.39 23.06 20.90
C SER A 212 -5.97 24.28 20.28
N CYS A 213 -5.64 24.46 19.02
CA CYS A 213 -5.95 25.70 18.28
C CYS A 213 -6.93 25.46 17.14
N TYR A 214 -7.65 26.54 16.81
CA TYR A 214 -8.60 26.54 15.75
C TYR A 214 -8.78 27.88 15.08
N PRO A 215 -9.15 27.86 13.80
CA PRO A 215 -9.35 29.07 13.07
C PRO A 215 -10.65 29.70 13.48
N ARG A 216 -10.61 31.02 13.59
CA ARG A 216 -11.79 31.86 13.93
C ARG A 216 -11.63 33.15 13.14
N TYR A 217 -11.89 33.02 11.86
CA TYR A 217 -11.51 33.98 10.85
C TYR A 217 -11.85 35.42 11.26
N PRO A 218 -10.95 36.38 11.04
CA PRO A 218 -9.59 36.31 10.44
C PRO A 218 -8.47 35.85 11.38
N ASP A 219 -8.80 35.42 12.60
CA ASP A 219 -7.80 35.06 13.61
C ASP A 219 -7.72 33.57 13.95
N VAL A 220 -6.90 33.27 14.97
CA VAL A 220 -6.75 31.97 15.52
C VAL A 220 -6.90 32.02 17.00
N ARG A 221 -7.53 30.99 17.57
CA ARG A 221 -7.74 30.92 18.99
C ARG A 221 -7.30 29.54 19.51
N CYS A 222 -6.65 29.51 20.68
CA CYS A 222 -6.14 28.32 21.29
C CYS A 222 -6.61 28.18 22.70
N VAL A 223 -6.85 26.93 23.11
CA VAL A 223 -7.16 26.61 24.48
C VAL A 223 -6.12 25.60 24.90
N CYS A 224 -5.51 25.86 26.05
CA CYS A 224 -4.29 25.22 26.43
C CYS A 224 -4.37 24.53 27.79
N ARG A 225 -3.22 24.10 28.24
CA ARG A 225 -3.03 23.41 29.51
C ARG A 225 -2.10 24.26 30.40
N ASP A 226 -2.58 24.57 31.59
CA ASP A 226 -1.80 25.17 32.70
C ASP A 226 -1.36 24.00 33.54
N ASN A 227 -0.10 23.85 33.48
CA ASN A 227 0.75 22.83 34.03
C ASN A 227 1.04 22.92 35.53
N TRP A 228 0.73 24.06 36.12
CA TRP A 228 1.29 24.39 37.40
C TRP A 228 0.31 24.98 38.42
N LYS A 229 -0.47 25.99 38.05
CA LYS A 229 -1.32 26.65 39.02
C LYS A 229 -2.81 26.61 38.80
N GLY A 230 -3.26 26.20 37.63
CA GLY A 230 -4.67 26.31 37.30
C GLY A 230 -5.23 25.00 36.75
N SER A 231 -6.38 24.62 37.26
CA SER A 231 -7.20 23.61 36.64
C SER A 231 -8.21 24.25 35.67
N ASN A 232 -8.25 25.58 35.63
CA ASN A 232 -8.96 26.28 34.54
C ASN A 232 -7.98 26.42 33.36
N ARG A 233 -8.49 26.33 32.13
CA ARG A 233 -7.64 26.31 30.98
C ARG A 233 -7.30 27.72 30.45
N PRO A 234 -6.04 27.96 30.11
CA PRO A 234 -5.67 29.20 29.43
C PRO A 234 -6.21 29.32 28.00
N VAL A 235 -6.43 30.54 27.59
CA VAL A 235 -6.89 30.84 26.25
C VAL A 235 -5.93 31.82 25.63
N ILE A 236 -5.54 31.58 24.39
CA ILE A 236 -4.68 32.49 23.68
C ILE A 236 -5.33 32.93 22.40
N ASP A 237 -5.41 34.24 22.20
CA ASP A 237 -5.86 34.83 20.91
C ASP A 237 -4.72 35.34 20.08
N ILE A 238 -4.80 35.05 18.79
CA ILE A 238 -3.71 35.32 17.88
C ILE A 238 -4.23 36.08 16.69
N ASN A 239 -3.74 37.31 16.53
CA ASN A 239 -4.17 38.16 15.42
C ASN A 239 -3.29 37.92 14.21
N MET A 240 -3.85 37.40 13.14
CA MET A 240 -3.06 36.95 11.99
C MET A 240 -2.71 38.10 11.06
N ALA A 241 -3.32 39.27 11.28
CA ALA A 241 -3.09 40.45 10.44
C ALA A 241 -1.90 41.26 10.95
N ASP A 242 -1.81 41.44 12.27
CA ASP A 242 -0.70 42.22 12.86
C ASP A 242 0.20 41.44 13.86
N TYR A 243 -0.05 40.15 14.04
CA TYR A 243 0.78 39.26 14.86
C TYR A 243 0.74 39.54 16.36
N SER A 244 -0.23 40.32 16.81
CA SER A 244 -0.36 40.61 18.25
C SER A 244 -1.16 39.48 18.95
N ILE A 245 -0.93 39.40 20.25
CA ILE A 245 -1.35 38.29 21.05
C ILE A 245 -2.09 38.77 22.29
N ASP A 246 -3.13 38.05 22.71
CA ASP A 246 -3.72 38.26 24.03
C ASP A 246 -4.08 36.90 24.65
N SER A 247 -4.30 36.86 25.96
CA SER A 247 -4.56 35.63 26.64
C SER A 247 -5.25 35.87 27.98
N SER A 248 -5.94 34.83 28.44
CA SER A 248 -6.69 34.85 29.65
C SER A 248 -7.03 33.37 30.01
N TYR A 249 -8.11 33.11 30.75
CA TYR A 249 -8.53 31.78 31.12
C TYR A 249 -10.02 31.63 30.77
N VAL A 250 -10.39 30.41 30.35
CA VAL A 250 -11.78 30.06 30.08
C VAL A 250 -12.64 30.43 31.32
N CYS A 251 -13.76 31.12 31.06
CA CYS A 251 -14.65 31.67 32.10
C CYS A 251 -15.40 30.63 32.92
N SER A 252 -15.84 29.56 32.25
CA SER A 252 -16.60 28.49 32.86
C SER A 252 -16.12 28.03 34.24
N GLY A 253 -17.05 28.02 35.20
CA GLY A 253 -16.76 27.49 36.52
C GLY A 253 -16.64 25.95 36.51
N LEU A 254 -17.15 25.31 35.45
CA LEU A 254 -16.89 23.89 35.21
C LEU A 254 -15.57 23.82 34.43
N VAL A 255 -14.52 23.43 35.10
CA VAL A 255 -13.20 23.55 34.51
C VAL A 255 -12.76 22.27 33.78
N GLY A 256 -11.79 22.41 32.90
CA GLY A 256 -11.50 21.38 31.91
C GLY A 256 -10.27 20.55 32.12
N ASP A 257 -9.45 20.91 33.10
CA ASP A 257 -8.25 20.19 33.36
C ASP A 257 -8.45 19.01 34.33
N THR A 258 -7.40 18.19 34.42
CA THR A 258 -7.31 17.07 35.32
C THR A 258 -5.90 17.09 35.94
N PRO A 259 -5.79 17.09 37.27
CA PRO A 259 -6.83 17.07 38.25
C PRO A 259 -7.60 18.39 38.37
N ARG A 260 -8.66 18.38 39.17
CA ARG A 260 -9.47 19.55 39.41
C ARG A 260 -10.32 19.32 40.65
N ASN A 261 -10.91 20.38 41.20
CA ASN A 261 -11.90 20.19 42.28
C ASN A 261 -13.19 19.66 41.66
N ASP A 262 -14.06 19.11 42.50
CA ASP A 262 -15.41 18.77 42.10
C ASP A 262 -16.20 20.03 41.71
N ASP A 263 -17.33 19.80 41.03
CA ASP A 263 -18.13 20.82 40.40
C ASP A 263 -18.72 21.87 41.33
N SER A 264 -18.95 21.56 42.59
CA SER A 264 -19.48 22.60 43.48
C SER A 264 -18.41 23.48 44.08
N SER A 265 -17.16 23.02 44.11
CA SER A 265 -16.09 23.88 44.67
C SER A 265 -15.04 24.38 43.65
N SER A 266 -15.29 24.18 42.38
CA SER A 266 -14.36 24.60 41.34
C SER A 266 -14.71 26.02 40.92
N SER A 267 -13.74 26.75 40.38
CA SER A 267 -14.00 28.11 39.95
C SER A 267 -13.01 28.63 38.92
N SER A 268 -13.41 29.72 38.28
CA SER A 268 -12.55 30.49 37.38
C SER A 268 -13.04 31.95 37.41
N ASN A 269 -12.10 32.87 37.40
CA ASN A 269 -12.45 34.30 37.27
C ASN A 269 -12.08 34.94 35.91
N CYS A 270 -11.83 34.12 34.89
CA CYS A 270 -11.51 34.54 33.51
C CYS A 270 -10.10 35.06 33.33
N ARG A 271 -9.40 35.37 34.40
CA ARG A 271 -8.22 36.21 34.30
C ARG A 271 -6.96 35.53 34.84
N ASP A 272 -7.13 34.77 35.91
CA ASP A 272 -6.01 34.16 36.58
C ASP A 272 -6.16 32.65 36.74
N PRO A 273 -5.04 31.95 36.93
CA PRO A 273 -5.16 30.57 37.30
C PRO A 273 -5.88 30.51 38.64
N ASN A 274 -6.71 29.49 38.81
CA ASN A 274 -7.55 29.35 39.96
C ASN A 274 -6.88 28.79 41.22
N ASN A 275 -5.65 28.31 41.12
CA ASN A 275 -4.93 27.65 42.24
C ASN A 275 -5.61 26.46 42.87
N GLU A 276 -6.37 25.74 42.08
CA GLU A 276 -7.05 24.54 42.53
C GLU A 276 -6.48 23.34 41.77
N ARG A 277 -5.63 22.60 42.43
CA ARG A 277 -5.08 21.35 41.91
C ARG A 277 -4.47 21.53 40.51
N GLY A 278 -3.61 22.52 40.40
CA GLY A 278 -3.11 22.98 39.11
C GLY A 278 -2.20 22.00 38.38
N ASN A 279 -1.60 21.06 39.08
CA ASN A 279 -0.59 20.24 38.43
C ASN A 279 -0.94 18.76 38.49
N PRO A 280 -0.54 17.98 37.50
CA PRO A 280 0.21 18.36 36.29
C PRO A 280 -0.65 18.79 35.09
N GLY A 281 -1.95 18.57 35.14
CA GLY A 281 -2.83 18.89 34.00
C GLY A 281 -2.80 17.80 32.96
N VAL A 282 -3.58 18.03 31.92
CA VAL A 282 -3.63 17.18 30.75
C VAL A 282 -4.01 18.00 29.52
N LYS A 283 -3.50 17.63 28.35
CA LYS A 283 -3.91 18.34 27.11
C LYS A 283 -5.41 18.14 26.84
N GLY A 284 -6.10 19.23 26.58
CA GLY A 284 -7.47 19.19 26.22
C GLY A 284 -7.85 20.39 25.34
N TRP A 285 -9.14 20.62 25.20
CA TRP A 285 -9.68 21.60 24.27
C TRP A 285 -11.00 22.22 24.74
N ALA A 286 -11.36 23.30 24.07
CA ALA A 286 -12.65 23.97 24.19
C ALA A 286 -12.82 24.94 23.04
N PHE A 287 -14.06 25.31 22.75
CA PHE A 287 -14.31 26.38 21.79
C PHE A 287 -15.60 27.16 22.09
N ASP A 288 -15.60 28.37 21.61
CA ASP A 288 -16.65 29.34 21.90
C ASP A 288 -17.72 29.27 20.84
N ASN A 289 -18.96 29.44 21.29
CA ASN A 289 -20.08 29.76 20.44
C ASN A 289 -20.92 30.88 21.07
N GLY A 290 -20.62 32.09 20.66
CA GLY A 290 -21.21 33.31 21.28
C GLY A 290 -20.80 33.43 22.75
N ASN A 291 -21.77 33.36 23.64
CA ASN A 291 -21.50 33.38 25.10
C ASN A 291 -21.24 32.03 25.68
N ASP A 292 -21.52 30.98 24.90
CA ASP A 292 -21.41 29.60 25.35
C ASP A 292 -20.02 29.01 25.03
N VAL A 293 -19.65 27.98 25.79
CA VAL A 293 -18.49 27.16 25.46
C VAL A 293 -18.90 25.72 25.27
N TRP A 294 -18.26 25.06 24.31
CA TRP A 294 -18.24 23.61 24.21
C TRP A 294 -16.87 23.14 24.64
N MET A 295 -16.84 22.07 25.41
CA MET A 295 -15.58 21.60 25.96
C MET A 295 -15.62 20.10 26.27
N GLY A 296 -14.45 19.49 26.32
CA GLY A 296 -14.28 18.11 26.78
C GLY A 296 -13.48 18.06 28.06
N ARG A 297 -13.60 16.96 28.78
CA ARG A 297 -12.68 16.70 29.87
C ARG A 297 -12.81 15.23 30.29
N THR A 298 -11.86 14.79 31.09
CA THR A 298 -11.92 13.46 31.68
C THR A 298 -13.11 13.42 32.64
N ILE A 299 -13.69 12.25 32.86
CA ILE A 299 -14.82 12.15 33.78
C ILE A 299 -14.29 12.23 35.20
N SER A 300 -13.18 11.53 35.46
CA SER A 300 -12.57 11.57 36.81
C SER A 300 -11.92 12.94 37.05
N GLU A 301 -12.06 13.43 38.28
CA GLU A 301 -11.42 14.67 38.72
C GLU A 301 -9.99 14.46 39.15
N ASP A 302 -9.60 13.19 39.31
CA ASP A 302 -8.27 12.84 39.82
C ASP A 302 -7.38 12.29 38.77
N SER A 303 -7.91 11.49 37.88
CA SER A 303 -7.04 10.83 36.96
C SER A 303 -7.61 10.83 35.53
N ARG A 304 -6.79 10.37 34.61
CA ARG A 304 -7.11 10.39 33.16
C ARG A 304 -7.91 9.20 32.76
N SER A 305 -9.14 9.22 33.25
CA SER A 305 -10.05 8.16 33.08
C SER A 305 -11.42 8.73 32.67
N GLY A 306 -12.03 8.10 31.70
CA GLY A 306 -13.27 8.59 31.12
C GLY A 306 -13.12 9.82 30.27
N TYR A 307 -14.19 10.15 29.54
CA TYR A 307 -14.21 11.35 28.78
C TYR A 307 -15.64 11.75 28.51
N GLU A 308 -15.90 13.05 28.62
CA GLU A 308 -17.26 13.66 28.46
C GLU A 308 -17.14 15.00 27.77
N THR A 309 -18.19 15.33 27.03
CA THR A 309 -18.30 16.65 26.41
C THR A 309 -19.57 17.29 26.88
N PHE A 310 -19.61 18.61 26.86
CA PHE A 310 -20.83 19.34 27.10
C PHE A 310 -20.66 20.80 26.72
N ARG A 311 -21.78 21.50 26.75
CA ARG A 311 -21.82 22.89 26.57
C ARG A 311 -22.17 23.60 27.91
N VAL A 312 -21.54 24.74 28.16
CA VAL A 312 -21.82 25.53 29.35
C VAL A 312 -22.42 26.84 28.89
N THR A 313 -23.70 27.09 29.23
CA THR A 313 -24.38 28.30 28.75
C THR A 313 -23.73 29.49 29.49
N ASP A 314 -23.35 30.50 28.74
CA ASP A 314 -22.63 31.65 29.27
C ASP A 314 -21.21 31.37 29.74
N GLY A 315 -20.73 30.17 29.45
CA GLY A 315 -19.45 29.71 30.01
C GLY A 315 -18.25 30.34 29.31
N TRP A 316 -18.47 30.97 28.18
CA TRP A 316 -17.43 31.73 27.55
C TRP A 316 -17.27 33.18 28.03
N THR A 317 -18.35 33.86 28.40
CA THR A 317 -18.26 35.29 28.72
C THR A 317 -18.62 35.70 30.14
N THR A 318 -19.17 34.80 30.93
CA THR A 318 -19.47 35.08 32.33
C THR A 318 -18.63 34.23 33.24
N ALA A 319 -17.87 34.89 34.09
CA ALA A 319 -17.07 34.21 35.10
C ALA A 319 -17.88 33.24 35.95
N ASN A 320 -17.39 32.01 36.00
CA ASN A 320 -17.86 31.02 36.92
C ASN A 320 -19.22 30.39 36.59
N SER A 321 -19.72 30.53 35.36
CA SER A 321 -20.97 29.79 35.02
C SER A 321 -20.77 28.31 35.16
N LYS A 322 -21.80 27.65 35.71
CA LYS A 322 -21.80 26.22 35.96
C LYS A 322 -23.06 25.58 35.37
N SER A 323 -23.62 26.25 34.40
CA SER A 323 -24.87 25.85 33.82
C SER A 323 -24.69 24.91 32.56
N GLN A 324 -24.58 23.59 32.77
CA GLN A 324 -24.35 22.75 31.62
C GLN A 324 -25.53 22.22 30.96
N VAL A 325 -25.35 21.91 29.70
CA VAL A 325 -26.35 21.24 28.89
C VAL A 325 -25.66 20.37 27.79
N ASN A 326 -26.37 19.41 27.23
CA ASN A 326 -25.92 18.59 26.11
C ASN A 326 -24.74 17.71 26.39
N ARG A 327 -24.74 17.11 27.57
CA ARG A 327 -23.66 16.24 27.94
C ARG A 327 -23.68 14.96 27.14
N GLN A 328 -22.49 14.52 26.76
CA GLN A 328 -22.29 13.19 26.14
C GLN A 328 -21.11 12.50 26.73
N ILE A 329 -21.31 11.23 27.03
CA ILE A 329 -20.21 10.32 27.37
C ILE A 329 -19.56 9.80 26.13
N ILE A 330 -18.26 10.02 26.05
CA ILE A 330 -17.48 9.48 24.91
C ILE A 330 -16.79 8.18 25.29
N VAL A 331 -16.14 8.20 26.45
CA VAL A 331 -15.52 7.01 27.03
C VAL A 331 -15.98 6.92 28.49
N ASP A 332 -16.53 5.78 28.89
CA ASP A 332 -17.07 5.64 30.26
C ASP A 332 -15.94 5.62 31.28
N ASN A 333 -16.32 5.90 32.52
CA ASN A 333 -15.32 6.07 33.59
C ASN A 333 -14.69 4.77 34.12
N ASN A 334 -15.02 3.63 33.53
CA ASN A 334 -14.25 2.42 33.76
C ASN A 334 -13.12 2.20 32.78
N ASN A 335 -12.79 3.20 31.97
CA ASN A 335 -11.76 3.04 30.96
C ASN A 335 -10.85 4.23 30.93
N TRP A 336 -9.63 4.00 30.48
CA TRP A 336 -8.61 5.01 30.48
C TRP A 336 -8.80 5.89 29.29
N SER A 337 -8.49 7.17 29.49
CA SER A 337 -8.41 8.12 28.42
C SER A 337 -6.99 8.62 28.30
N GLY A 338 -6.82 9.93 28.15
CA GLY A 338 -5.54 10.53 27.82
C GLY A 338 -5.72 11.93 27.24
N TYR A 339 -4.77 12.35 26.45
CA TYR A 339 -4.82 13.67 25.82
C TYR A 339 -6.00 13.75 24.91
N SER A 340 -6.45 14.99 24.63
CA SER A 340 -7.47 15.20 23.63
C SER A 340 -7.19 16.49 23.02
N GLY A 341 -7.75 16.67 21.83
CA GLY A 341 -7.52 17.88 21.06
C GLY A 341 -8.54 18.12 19.94
N ILE A 342 -8.49 19.32 19.38
CA ILE A 342 -9.45 19.78 18.43
C ILE A 342 -8.85 19.77 17.01
N PHE A 343 -9.69 19.55 16.03
CA PHE A 343 -9.39 19.87 14.66
C PHE A 343 -10.61 20.46 14.01
N SER A 344 -10.38 21.15 12.90
CA SER A 344 -11.47 21.84 12.17
C SER A 344 -11.60 21.34 10.73
N VAL A 345 -12.81 21.39 10.20
CA VAL A 345 -13.11 20.92 8.87
C VAL A 345 -13.98 21.95 8.13
N GLU A 346 -13.59 22.29 6.91
CA GLU A 346 -14.34 23.22 6.10
C GLU A 346 -15.41 22.50 5.31
N GLY A 347 -16.67 22.84 5.57
CA GLY A 347 -17.75 22.38 4.71
C GLY A 347 -18.08 23.38 3.62
N LYS A 348 -19.18 23.19 2.89
CA LYS A 348 -19.56 24.14 1.81
C LYS A 348 -19.99 25.52 2.39
N SER A 349 -20.70 25.53 3.51
N SER A 349 -20.71 25.52 3.51
CA SER A 349 -21.21 26.80 4.09
CA SER A 349 -21.23 26.77 4.09
C SER A 349 -20.70 27.15 5.49
C SER A 349 -20.70 27.15 5.49
N CYS A 350 -20.05 26.22 6.18
CA CYS A 350 -19.56 26.50 7.53
C CYS A 350 -18.37 25.63 7.92
N ILE A 351 -17.75 26.04 9.01
CA ILE A 351 -16.61 25.39 9.58
C ILE A 351 -17.04 24.54 10.73
N ASN A 352 -16.75 23.24 10.62
CA ASN A 352 -17.05 22.32 11.73
C ASN A 352 -15.86 22.13 12.68
N ARG A 353 -16.17 21.77 13.90
CA ARG A 353 -15.19 21.43 14.91
C ARG A 353 -15.31 19.96 15.28
N CYS A 354 -14.18 19.30 15.43
CA CYS A 354 -14.10 17.89 15.76
C CYS A 354 -13.05 17.71 16.86
N PHE A 355 -13.02 16.53 17.49
CA PHE A 355 -11.98 16.22 18.44
C PHE A 355 -11.61 14.73 18.43
N TYR A 356 -10.45 14.47 19.00
CA TYR A 356 -9.93 13.13 19.15
C TYR A 356 -9.63 12.94 20.66
N VAL A 357 -9.70 11.68 21.10
CA VAL A 357 -9.29 11.29 22.43
C VAL A 357 -8.29 10.17 22.32
N GLU A 358 -7.16 10.36 23.00
CA GLU A 358 -6.12 9.38 23.17
C GLU A 358 -6.54 8.43 24.28
N LEU A 359 -6.50 7.13 24.01
CA LEU A 359 -6.87 6.08 24.97
C LEU A 359 -5.60 5.36 25.32
N ILE A 360 -4.99 5.76 26.44
CA ILE A 360 -3.69 5.28 26.84
C ILE A 360 -3.85 3.92 27.53
N ARG A 361 -3.04 2.93 27.10
CA ARG A 361 -2.97 1.64 27.78
C ARG A 361 -1.53 1.33 28.23
N GLY A 362 -1.41 0.48 29.25
CA GLY A 362 -0.11 0.08 29.77
C GLY A 362 0.33 0.96 30.93
N ARG A 363 1.62 1.20 31.03
CA ARG A 363 2.19 1.92 32.18
C ARG A 363 1.84 3.41 32.10
N PRO A 364 1.64 4.08 33.26
CA PRO A 364 1.86 3.58 34.62
C PRO A 364 0.68 2.86 35.24
N GLN A 365 -0.50 3.00 34.65
CA GLN A 365 -1.69 2.49 35.32
C GLN A 365 -1.83 1.00 35.30
N GLU A 366 -1.33 0.34 34.27
CA GLU A 366 -1.53 -1.10 34.05
C GLU A 366 -0.16 -1.78 34.03
N THR A 367 0.18 -2.44 35.13
CA THR A 367 1.52 -2.93 35.34
C THR A 367 1.73 -4.39 34.98
N ARG A 368 0.72 -5.10 34.52
CA ARG A 368 1.00 -6.42 33.96
C ARG A 368 1.94 -6.34 32.72
N VAL A 369 1.89 -5.25 31.97
CA VAL A 369 2.79 -5.07 30.81
C VAL A 369 3.88 -4.03 31.10
N TRP A 370 4.91 -4.00 30.26
CA TRP A 370 6.07 -3.12 30.41
C TRP A 370 6.07 -1.98 29.41
N TRP A 371 5.11 -1.99 28.51
CA TRP A 371 5.00 -0.92 27.50
C TRP A 371 3.91 0.14 27.88
N THR A 372 3.89 1.24 27.14
CA THR A 372 2.85 2.24 27.18
C THR A 372 2.50 2.53 25.73
N SER A 373 1.23 2.56 25.40
CA SER A 373 0.80 2.88 24.02
C SER A 373 -0.60 3.45 24.05
N ASN A 374 -1.16 3.74 22.90
CA ASN A 374 -2.56 4.25 22.89
C ASN A 374 -3.32 3.85 21.63
N SER A 375 -4.65 3.93 21.67
CA SER A 375 -5.44 4.00 20.45
C SER A 375 -6.17 5.34 20.46
N ILE A 376 -6.98 5.59 19.45
CA ILE A 376 -7.80 6.79 19.40
C ILE A 376 -9.26 6.53 19.03
N VAL A 377 -10.07 7.52 19.41
CA VAL A 377 -11.44 7.61 18.97
C VAL A 377 -11.68 9.08 18.63
N VAL A 378 -12.51 9.31 17.62
CA VAL A 378 -12.67 10.60 17.01
C VAL A 378 -14.13 10.88 16.72
N PHE A 379 -14.53 12.13 17.01
CA PHE A 379 -15.94 12.57 16.93
C PHE A 379 -15.95 13.90 16.26
N CYS A 380 -17.04 14.18 15.58
CA CYS A 380 -17.16 15.42 14.86
C CYS A 380 -18.51 16.08 15.20
N GLY A 381 -18.50 17.39 15.15
CA GLY A 381 -19.71 18.17 15.36
C GLY A 381 -20.81 17.80 14.38
N THR A 382 -22.03 17.80 14.90
CA THR A 382 -23.17 17.61 14.09
C THR A 382 -24.24 18.67 14.45
N SER A 383 -25.04 19.02 13.46
CA SER A 383 -26.22 19.79 13.71
C SER A 383 -27.46 18.94 13.61
N GLY A 384 -27.30 17.62 13.52
CA GLY A 384 -28.45 16.70 13.57
C GLY A 384 -28.76 16.15 14.97
N THR A 385 -29.31 14.94 15.03
CA THR A 385 -29.52 14.27 16.30
C THR A 385 -28.57 13.08 16.44
N TYR A 386 -28.55 12.53 17.64
CA TYR A 386 -27.63 11.43 17.97
C TYR A 386 -28.10 10.74 19.25
N GLY A 387 -27.48 9.62 19.57
CA GLY A 387 -27.82 8.81 20.70
C GLY A 387 -26.74 8.84 21.77
N THR A 388 -26.52 7.69 22.39
CA THR A 388 -25.50 7.51 23.43
C THR A 388 -24.68 6.27 23.21
N GLY A 389 -23.55 6.24 23.88
CA GLY A 389 -22.70 5.06 23.88
C GLY A 389 -21.44 5.28 24.65
N SER A 390 -20.53 4.32 24.52
CA SER A 390 -19.19 4.46 25.06
C SER A 390 -18.25 3.72 24.11
N TRP A 391 -17.17 4.37 23.75
CA TRP A 391 -16.20 3.82 22.75
C TRP A 391 -14.77 3.78 23.25
N PRO A 392 -14.48 2.92 24.23
CA PRO A 392 -13.14 2.90 24.84
C PRO A 392 -12.20 2.10 23.92
N ASP A 393 -10.99 1.92 24.37
CA ASP A 393 -9.95 1.22 23.60
C ASP A 393 -10.35 -0.23 23.25
N GLY A 394 -10.81 -0.97 24.26
CA GLY A 394 -11.38 -2.29 24.11
C GLY A 394 -10.44 -3.45 24.23
N ALA A 395 -9.16 -3.20 24.46
CA ALA A 395 -8.23 -4.30 24.61
C ALA A 395 -8.31 -4.87 25.99
N ASN A 396 -8.16 -6.19 26.05
CA ASN A 396 -8.03 -6.90 27.28
C ASN A 396 -6.55 -7.03 27.62
N ILE A 397 -6.16 -6.43 28.74
CA ILE A 397 -4.76 -6.33 29.09
C ILE A 397 -4.14 -7.72 29.25
N ASN A 398 -4.94 -8.71 29.63
CA ASN A 398 -4.48 -10.09 29.78
C ASN A 398 -4.18 -10.83 28.51
N PHE A 399 -4.62 -10.30 27.37
CA PHE A 399 -4.41 -10.97 26.06
C PHE A 399 -3.15 -10.43 25.38
N MET A 400 -2.48 -9.48 26.00
CA MET A 400 -1.42 -8.75 25.33
C MET A 400 -0.04 -9.36 25.56
N PRO A 401 0.89 -9.23 24.59
CA PRO A 401 2.34 -9.40 24.82
C PRO A 401 2.75 -8.50 25.94
N ILE A 402 3.79 -8.84 26.66
CA ILE A 402 3.90 -8.31 28.04
C ILE A 402 4.63 -6.95 28.29
N ALA B 15 -6.03 8.42 -24.23
CA ALA B 15 -5.30 7.17 -24.58
C ALA B 15 -5.88 6.53 -25.83
N GLU B 16 -4.97 6.01 -26.65
CA GLU B 16 -5.29 5.37 -27.91
C GLU B 16 -4.93 3.88 -27.78
N TYR B 17 -5.44 3.06 -28.67
CA TYR B 17 -5.07 1.66 -28.69
C TYR B 17 -3.61 1.52 -29.11
N ARG B 18 -2.95 0.54 -28.55
CA ARG B 18 -1.63 0.13 -29.04
C ARG B 18 -1.71 -0.61 -30.38
N ASN B 19 -0.73 -0.36 -31.24
CA ASN B 19 -0.57 -1.04 -32.54
C ASN B 19 0.70 -1.84 -32.71
N TRP B 20 1.70 -1.57 -31.89
CA TRP B 20 2.98 -2.28 -32.01
C TRP B 20 3.59 -2.19 -33.43
N SER B 21 3.40 -1.04 -34.08
CA SER B 21 3.77 -0.89 -35.47
C SER B 21 5.15 -0.31 -35.62
N LYS B 22 6.13 -1.02 -35.09
CA LYS B 22 7.52 -0.62 -35.17
C LYS B 22 8.28 -1.88 -35.44
N PRO B 23 9.43 -1.76 -36.10
CA PRO B 23 10.26 -2.96 -36.20
C PRO B 23 10.77 -3.49 -34.87
N GLN B 24 11.13 -4.77 -34.88
CA GLN B 24 11.67 -5.45 -33.75
C GLN B 24 13.07 -4.90 -33.51
N CYS B 25 13.40 -4.61 -32.26
CA CYS B 25 14.77 -4.22 -31.91
C CYS B 25 15.76 -5.31 -32.33
N GLN B 26 16.91 -4.92 -32.87
CA GLN B 26 17.98 -5.85 -33.22
C GLN B 26 18.75 -6.04 -31.94
N ILE B 27 18.65 -7.22 -31.35
CA ILE B 27 19.24 -7.50 -30.06
C ILE B 27 20.46 -8.38 -30.23
N THR B 28 21.33 -8.32 -29.23
CA THR B 28 22.53 -9.07 -29.20
C THR B 28 22.45 -10.16 -28.15
N GLY B 29 21.35 -10.15 -27.39
CA GLY B 29 21.15 -11.01 -26.25
C GLY B 29 20.24 -10.34 -25.24
N PHE B 30 20.34 -10.79 -23.99
CA PHE B 30 19.38 -10.39 -22.94
C PHE B 30 20.10 -9.94 -21.69
N ALA B 31 19.53 -8.95 -21.04
CA ALA B 31 20.06 -8.40 -19.83
C ALA B 31 19.09 -8.57 -18.65
N PRO B 32 19.60 -8.59 -17.42
CA PRO B 32 18.79 -8.81 -16.23
C PRO B 32 17.84 -7.70 -15.99
N PHE B 33 16.62 -8.05 -15.62
CA PHE B 33 15.52 -7.04 -15.45
C PHE B 33 14.84 -7.09 -14.09
N SER B 34 14.45 -8.26 -13.62
CA SER B 34 13.75 -8.36 -12.37
C SER B 34 13.82 -9.75 -11.79
N LYS B 35 13.70 -9.82 -10.47
CA LYS B 35 13.73 -11.08 -9.73
C LYS B 35 12.88 -10.90 -8.49
N ASP B 36 12.04 -11.85 -8.11
CA ASP B 36 11.19 -11.56 -6.94
C ASP B 36 11.50 -12.22 -5.59
N ASN B 37 12.35 -13.23 -5.58
CA ASN B 37 12.77 -13.85 -4.36
C ASN B 37 11.68 -14.41 -3.46
N SER B 38 10.56 -14.79 -4.05
CA SER B 38 9.40 -15.21 -3.26
C SER B 38 9.63 -16.28 -2.23
N ILE B 39 10.38 -17.33 -2.62
CA ILE B 39 10.51 -18.49 -1.77
C ILE B 39 11.42 -18.15 -0.60
N ARG B 40 12.50 -17.47 -0.89
CA ARG B 40 13.39 -16.99 0.16
C ARG B 40 12.64 -16.11 1.18
N LEU B 41 11.86 -15.15 0.67
CA LEU B 41 10.96 -14.38 1.56
C LEU B 41 10.03 -15.58 1.51
N SER B 42 9.27 -15.87 2.48
CA SER B 42 8.27 -17.07 2.45
C SER B 42 8.70 -17.83 3.66
N ALA B 43 10.00 -18.00 3.82
CA ALA B 43 10.55 -18.52 5.05
C ALA B 43 10.58 -17.54 6.22
N GLY B 44 10.17 -16.30 6.03
CA GLY B 44 10.08 -15.35 7.15
C GLY B 44 9.14 -14.22 6.85
N GLY B 45 7.93 -14.61 6.52
CA GLY B 45 6.93 -13.66 6.09
C GLY B 45 5.76 -14.40 5.41
N ASP B 46 4.64 -13.69 5.30
CA ASP B 46 3.41 -14.20 4.70
C ASP B 46 3.36 -13.88 3.22
N ILE B 47 3.60 -14.90 2.41
CA ILE B 47 3.73 -14.82 0.95
C ILE B 47 2.87 -15.92 0.28
N TRP B 48 2.18 -15.55 -0.76
CA TRP B 48 1.27 -16.44 -1.49
C TRP B 48 1.99 -17.63 -2.09
N VAL B 49 1.38 -18.80 -2.00
CA VAL B 49 1.77 -19.94 -2.79
C VAL B 49 1.20 -19.77 -4.21
N THR B 50 2.07 -19.92 -5.21
CA THR B 50 1.68 -19.74 -6.59
C THR B 50 2.25 -20.79 -7.56
N ARG B 51 1.80 -20.66 -8.81
CA ARG B 51 2.49 -21.26 -9.98
C ARG B 51 1.99 -20.60 -11.26
N GLU B 52 2.63 -20.97 -12.38
CA GLU B 52 2.21 -20.49 -13.70
C GLU B 52 2.22 -18.96 -13.74
N PRO B 53 3.39 -18.35 -13.45
CA PRO B 53 3.46 -16.91 -13.49
C PRO B 53 3.70 -16.42 -14.88
N TYR B 54 3.51 -15.11 -15.05
CA TYR B 54 3.95 -14.44 -16.24
C TYR B 54 4.05 -12.94 -16.00
N VAL B 55 4.44 -12.22 -17.06
CA VAL B 55 4.62 -10.82 -16.99
C VAL B 55 3.93 -10.18 -18.18
N SER B 56 3.36 -9.00 -17.96
CA SER B 56 2.81 -8.20 -19.02
C SER B 56 2.89 -6.72 -18.60
N CYS B 57 3.10 -5.82 -19.56
CA CYS B 57 3.26 -4.36 -19.31
C CYS B 57 2.15 -3.59 -19.99
N SER B 58 1.54 -2.69 -19.24
CA SER B 58 0.75 -1.61 -19.83
C SER B 58 1.76 -0.59 -20.42
N PRO B 59 1.29 0.46 -21.12
CA PRO B 59 2.26 1.47 -21.63
C PRO B 59 2.96 2.23 -20.47
N GLY B 60 2.31 2.34 -19.31
CA GLY B 60 2.89 2.97 -18.13
C GLY B 60 3.69 2.07 -17.20
N LYS B 61 3.30 0.82 -16.99
CA LYS B 61 4.14 -0.08 -16.21
C LYS B 61 3.97 -1.59 -16.40
N CYS B 62 4.92 -2.32 -15.82
CA CYS B 62 4.94 -3.75 -15.84
C CYS B 62 4.38 -4.43 -14.61
N TYR B 63 3.74 -5.58 -14.84
CA TYR B 63 3.17 -6.32 -13.74
C TYR B 63 3.57 -7.76 -13.80
N GLN B 64 3.67 -8.37 -12.62
CA GLN B 64 3.81 -9.80 -12.55
C GLN B 64 2.48 -10.41 -12.15
N PHE B 65 2.21 -11.58 -12.75
CA PHE B 65 0.99 -12.30 -12.49
C PHE B 65 1.30 -13.72 -12.08
N ALA B 66 0.34 -14.35 -11.42
CA ALA B 66 0.46 -15.78 -11.19
C ALA B 66 -0.83 -16.36 -10.68
N LEU B 67 -0.92 -17.68 -10.67
CA LEU B 67 -2.08 -18.32 -10.14
C LEU B 67 -1.83 -18.69 -8.71
N GLY B 68 -2.53 -18.02 -7.80
CA GLY B 68 -2.41 -18.36 -6.39
C GLY B 68 -3.10 -19.67 -6.10
N GLN B 69 -2.79 -20.23 -4.93
CA GLN B 69 -3.40 -21.46 -4.44
C GLN B 69 -4.29 -21.20 -3.25
N GLY B 70 -4.73 -19.96 -3.09
CA GLY B 70 -5.66 -19.62 -2.02
C GLY B 70 -5.07 -19.73 -0.63
N THR B 71 -3.78 -19.56 -0.53
CA THR B 71 -3.07 -19.75 0.71
C THR B 71 -1.67 -19.16 0.63
N THR B 72 -1.15 -18.82 1.80
CA THR B 72 0.26 -18.49 1.93
C THR B 72 1.04 -19.75 2.16
N LEU B 73 2.33 -19.64 2.12
CA LEU B 73 3.18 -20.84 2.16
C LEU B 73 3.38 -21.36 3.60
N ASN B 74 3.62 -20.47 4.54
CA ASN B 74 3.63 -20.87 5.94
C ASN B 74 2.20 -20.90 6.57
N ASN B 75 1.46 -21.95 6.22
CA ASN B 75 0.02 -22.07 6.40
C ASN B 75 -0.24 -23.51 6.09
N LYS B 76 -0.99 -24.17 6.93
CA LYS B 76 -1.29 -25.60 6.68
C LYS B 76 -2.06 -25.88 5.40
N HIS B 77 -2.77 -24.89 4.88
CA HIS B 77 -3.43 -25.10 3.58
C HIS B 77 -2.46 -25.22 2.40
N SER B 78 -1.17 -24.98 2.63
CA SER B 78 -0.17 -25.11 1.53
C SER B 78 0.08 -26.56 1.17
N ASN B 79 -0.35 -27.47 2.08
CA ASN B 79 -0.14 -28.92 1.87
C ASN B 79 -0.92 -29.39 0.63
N GLY B 80 -0.29 -30.07 -0.30
CA GLY B 80 -1.03 -30.60 -1.45
C GLY B 80 -1.17 -29.65 -2.64
N THR B 81 -0.42 -28.54 -2.63
CA THR B 81 -0.53 -27.56 -3.67
C THR B 81 0.15 -27.94 -4.99
N ILE B 82 0.65 -29.16 -5.10
CA ILE B 82 0.97 -29.70 -6.42
C ILE B 82 -0.25 -29.82 -7.36
N HIS B 83 -1.43 -30.08 -6.80
CA HIS B 83 -2.65 -30.16 -7.62
C HIS B 83 -2.93 -28.83 -8.28
N ASP B 84 -3.23 -28.90 -9.56
CA ASP B 84 -3.35 -27.75 -10.43
C ASP B 84 -4.70 -27.03 -10.33
N ARG B 85 -5.76 -27.75 -10.03
CA ARG B 85 -7.09 -27.17 -10.24
C ARG B 85 -7.94 -27.32 -9.02
N ILE B 86 -8.08 -26.25 -8.27
CA ILE B 86 -9.03 -26.15 -7.19
C ILE B 86 -9.82 -24.84 -7.33
N PRO B 87 -11.00 -24.80 -6.74
CA PRO B 87 -11.79 -23.60 -6.83
C PRO B 87 -11.23 -22.35 -6.16
N HIS B 88 -10.23 -22.51 -5.31
CA HIS B 88 -9.66 -21.34 -4.59
C HIS B 88 -8.55 -20.67 -5.33
N ARG B 89 -8.15 -21.17 -6.53
CA ARG B 89 -7.10 -20.50 -7.30
C ARG B 89 -7.61 -19.20 -7.90
N THR B 90 -6.81 -18.13 -7.77
CA THR B 90 -7.14 -16.81 -8.27
C THR B 90 -5.95 -16.24 -8.98
N LEU B 91 -6.20 -15.38 -9.96
CA LEU B 91 -5.12 -14.68 -10.65
C LEU B 91 -4.61 -13.47 -9.83
N LEU B 92 -3.37 -13.57 -9.41
CA LEU B 92 -2.67 -12.53 -8.66
C LEU B 92 -2.00 -11.55 -9.59
N MET B 93 -2.10 -10.25 -9.25
CA MET B 93 -1.50 -9.19 -10.06
C MET B 93 -0.76 -8.19 -9.16
N SER B 94 0.49 -7.93 -9.46
CA SER B 94 1.28 -7.02 -8.64
C SER B 94 2.27 -6.30 -9.52
N GLU B 95 2.67 -5.10 -9.15
CA GLU B 95 3.68 -4.40 -9.92
C GLU B 95 4.93 -5.28 -9.92
N LEU B 96 5.60 -5.31 -11.07
CA LEU B 96 6.78 -6.13 -11.23
C LEU B 96 7.82 -5.76 -10.19
N GLY B 97 8.26 -6.76 -9.44
CA GLY B 97 9.21 -6.59 -8.35
C GLY B 97 8.62 -6.52 -6.95
N VAL B 98 7.30 -6.30 -6.89
CA VAL B 98 6.63 -6.32 -5.60
C VAL B 98 6.17 -7.75 -5.37
N PRO B 99 6.68 -8.41 -4.35
CA PRO B 99 6.32 -9.80 -4.18
C PRO B 99 4.82 -10.00 -3.89
N PHE B 100 4.35 -11.23 -4.01
CA PHE B 100 2.98 -11.56 -3.78
C PHE B 100 2.76 -11.72 -2.29
N HIS B 101 2.57 -10.59 -1.62
CA HIS B 101 2.29 -10.55 -0.16
C HIS B 101 0.76 -10.44 0.09
N LEU B 102 0.33 -10.29 1.35
CA LEU B 102 -1.10 -10.24 1.67
C LEU B 102 -1.92 -9.06 1.15
N GLY B 103 -1.29 -7.97 0.76
CA GLY B 103 -2.01 -6.88 0.08
C GLY B 103 -2.16 -7.05 -1.43
N THR B 104 -1.77 -8.20 -1.98
CA THR B 104 -1.87 -8.44 -3.42
C THR B 104 -3.30 -8.55 -3.85
N LYS B 105 -3.59 -7.89 -4.94
CA LYS B 105 -4.91 -7.99 -5.55
C LYS B 105 -5.16 -9.33 -6.27
N GLN B 106 -6.28 -9.96 -5.92
CA GLN B 106 -6.79 -11.11 -6.66
C GLN B 106 -7.77 -10.60 -7.68
N VAL B 107 -7.38 -10.71 -8.90
CA VAL B 107 -8.05 -10.01 -9.99
C VAL B 107 -9.25 -10.80 -10.55
N CYS B 108 -9.23 -12.13 -10.43
CA CYS B 108 -10.33 -12.96 -10.87
C CYS B 108 -10.08 -14.38 -10.34
N ILE B 109 -11.06 -15.27 -10.48
CA ILE B 109 -10.95 -16.63 -10.05
C ILE B 109 -10.40 -17.43 -11.24
N ALA B 110 -9.34 -18.22 -11.04
CA ALA B 110 -8.69 -18.86 -12.19
C ALA B 110 -7.74 -19.94 -11.79
N TRP B 111 -7.87 -21.08 -12.45
CA TRP B 111 -6.80 -22.06 -12.47
C TRP B 111 -6.12 -22.15 -13.84
N SER B 112 -6.45 -21.28 -14.77
CA SER B 112 -5.67 -21.05 -16.01
C SER B 112 -5.97 -19.62 -16.44
N SER B 113 -5.01 -18.88 -17.00
CA SER B 113 -5.27 -17.50 -17.38
C SER B 113 -4.34 -16.97 -18.45
N SER B 114 -4.68 -15.78 -18.88
CA SER B 114 -3.88 -14.93 -19.74
C SER B 114 -4.31 -13.45 -19.56
N SER B 115 -3.39 -12.49 -19.70
CA SER B 115 -3.74 -11.09 -19.51
C SER B 115 -3.05 -10.24 -20.50
N CYS B 116 -3.62 -9.09 -20.83
CA CYS B 116 -2.92 -8.14 -21.70
C CYS B 116 -3.60 -6.81 -21.63
N HIS B 117 -2.89 -5.79 -22.08
CA HIS B 117 -3.36 -4.42 -22.05
C HIS B 117 -3.45 -3.94 -23.50
N ASP B 118 -4.58 -3.37 -23.89
CA ASP B 118 -4.78 -2.93 -25.29
C ASP B 118 -4.39 -1.46 -25.57
N GLY B 119 -3.77 -0.82 -24.59
CA GLY B 119 -3.46 0.59 -24.62
C GLY B 119 -4.41 1.44 -23.79
N LYS B 120 -5.63 0.97 -23.58
CA LYS B 120 -6.61 1.68 -22.71
C LYS B 120 -6.86 1.00 -21.35
N ALA B 121 -6.88 -0.32 -21.35
CA ALA B 121 -7.28 -1.10 -20.22
C ALA B 121 -6.78 -2.53 -20.28
N TRP B 122 -6.84 -3.17 -19.13
CA TRP B 122 -6.48 -4.56 -18.94
C TRP B 122 -7.60 -5.52 -19.33
N LEU B 123 -7.22 -6.57 -20.03
CA LEU B 123 -8.04 -7.72 -20.25
C LEU B 123 -7.45 -8.90 -19.48
N HIS B 124 -8.29 -9.63 -18.76
CA HIS B 124 -7.93 -10.89 -18.16
C HIS B 124 -8.84 -11.98 -18.65
N VAL B 125 -8.24 -13.10 -19.02
CA VAL B 125 -8.96 -14.31 -19.33
C VAL B 125 -8.73 -15.32 -18.21
N CYS B 126 -9.83 -15.78 -17.60
CA CYS B 126 -9.78 -16.50 -16.32
C CYS B 126 -10.64 -17.73 -16.37
N VAL B 127 -10.03 -18.91 -16.28
CA VAL B 127 -10.78 -20.17 -16.41
C VAL B 127 -10.82 -20.81 -15.06
N THR B 128 -12.03 -21.22 -14.66
CA THR B 128 -12.23 -21.92 -13.40
C THR B 128 -13.44 -22.85 -13.51
N GLY B 129 -13.71 -23.62 -12.44
CA GLY B 129 -14.84 -24.56 -12.37
C GLY B 129 -14.49 -26.04 -12.55
N ASP B 130 -15.50 -26.85 -12.85
CA ASP B 130 -15.28 -28.32 -13.04
C ASP B 130 -14.35 -28.60 -14.20
N ASP B 131 -13.52 -29.62 -14.07
CA ASP B 131 -12.65 -30.12 -15.14
C ASP B 131 -13.38 -30.40 -16.45
N ARG B 132 -14.52 -31.04 -16.35
CA ARG B 132 -15.30 -31.36 -17.52
C ARG B 132 -16.31 -30.32 -17.93
N ASN B 133 -16.39 -29.18 -17.24
CA ASN B 133 -17.40 -28.17 -17.62
C ASN B 133 -16.98 -26.79 -17.12
N ALA B 134 -15.80 -26.34 -17.52
CA ALA B 134 -15.24 -25.07 -17.01
C ALA B 134 -15.85 -23.85 -17.64
N THR B 135 -15.60 -22.70 -17.00
CA THR B 135 -16.03 -21.42 -17.50
C THR B 135 -14.82 -20.54 -17.67
N ALA B 136 -14.72 -19.85 -18.80
CA ALA B 136 -13.75 -18.82 -18.98
C ALA B 136 -14.46 -17.47 -18.92
N SER B 137 -14.01 -16.64 -17.98
CA SER B 137 -14.50 -15.24 -17.85
C SER B 137 -13.53 -14.27 -18.49
N PHE B 138 -14.09 -13.21 -19.07
CA PHE B 138 -13.34 -12.15 -19.71
C PHE B 138 -13.64 -10.86 -18.99
N ILE B 139 -12.59 -10.29 -18.44
CA ILE B 139 -12.73 -9.12 -17.61
C ILE B 139 -11.97 -8.02 -18.27
N TYR B 140 -12.65 -6.91 -18.55
CA TYR B 140 -12.07 -5.80 -19.23
C TYR B 140 -12.29 -4.53 -18.42
N ASP B 141 -11.22 -3.82 -18.18
CA ASP B 141 -11.25 -2.61 -17.37
C ASP B 141 -11.91 -2.80 -16.00
N GLY B 142 -11.57 -3.88 -15.31
CA GLY B 142 -12.19 -4.19 -14.02
C GLY B 142 -13.64 -4.64 -14.04
N MET B 143 -14.25 -4.84 -15.23
CA MET B 143 -15.61 -5.36 -15.32
C MET B 143 -15.70 -6.66 -16.10
N LEU B 144 -16.61 -7.53 -15.66
CA LEU B 144 -16.98 -8.69 -16.41
C LEU B 144 -17.63 -8.31 -17.72
N ALA B 145 -17.07 -8.77 -18.83
CA ALA B 145 -17.59 -8.40 -20.15
C ALA B 145 -18.18 -9.58 -20.93
N ASP B 146 -17.70 -10.78 -20.70
CA ASP B 146 -18.18 -11.94 -21.48
C ASP B 146 -17.76 -13.22 -20.79
N SER B 147 -18.26 -14.35 -21.25
CA SER B 147 -17.82 -15.66 -20.76
C SER B 147 -18.06 -16.74 -21.81
N ILE B 148 -17.33 -17.82 -21.74
CA ILE B 148 -17.59 -18.97 -22.60
C ILE B 148 -17.43 -20.27 -21.82
N GLY B 149 -18.28 -21.25 -22.12
CA GLY B 149 -18.19 -22.61 -21.56
C GLY B 149 -17.27 -23.53 -22.34
N SER B 150 -16.85 -24.62 -21.71
CA SER B 150 -16.03 -25.66 -22.33
C SER B 150 -16.74 -26.29 -23.53
N TRP B 151 -16.06 -26.38 -24.65
CA TRP B 151 -16.60 -26.98 -25.88
C TRP B 151 -16.28 -28.47 -26.09
N SER B 152 -15.30 -29.03 -25.42
CA SER B 152 -14.99 -30.47 -25.46
C SER B 152 -15.07 -31.22 -24.14
N GLN B 153 -15.43 -30.51 -23.09
CA GLN B 153 -15.66 -31.10 -21.77
C GLN B 153 -14.48 -31.85 -21.16
N ASN B 154 -13.29 -31.33 -21.39
CA ASN B 154 -12.07 -31.93 -20.87
C ASN B 154 -10.93 -30.90 -20.65
N ILE B 155 -11.16 -30.05 -19.68
CA ILE B 155 -10.17 -29.07 -19.17
C ILE B 155 -9.86 -27.95 -20.17
N LEU B 156 -10.81 -27.06 -20.29
CA LEU B 156 -10.57 -25.85 -21.04
C LEU B 156 -9.41 -25.10 -20.36
N ARG B 157 -8.42 -24.69 -21.15
CA ARG B 157 -7.19 -24.06 -20.64
C ARG B 157 -6.66 -23.04 -21.67
N THR B 158 -5.81 -22.14 -21.21
CA THR B 158 -5.27 -21.10 -22.08
C THR B 158 -3.77 -20.92 -21.95
N GLN B 159 -3.25 -19.75 -22.26
CA GLN B 159 -1.80 -19.61 -22.48
C GLN B 159 -0.86 -19.69 -21.24
N GLU B 160 -1.32 -19.17 -20.12
CA GLU B 160 -0.46 -18.87 -18.99
C GLU B 160 0.63 -17.85 -19.29
N SER B 161 0.36 -16.95 -20.21
CA SER B 161 1.25 -15.81 -20.48
C SER B 161 0.45 -14.72 -21.23
N GLU B 162 1.11 -13.64 -21.61
CA GLU B 162 0.38 -12.50 -22.06
C GLU B 162 -0.29 -12.78 -23.39
N CYS B 163 -1.52 -12.28 -23.50
CA CYS B 163 -2.18 -12.22 -24.81
C CYS B 163 -1.64 -10.98 -25.53
N VAL B 164 -2.14 -10.71 -26.74
CA VAL B 164 -1.61 -9.61 -27.58
C VAL B 164 -2.76 -8.87 -28.26
N CYS B 165 -2.70 -7.55 -28.23
CA CYS B 165 -3.73 -6.70 -28.79
C CYS B 165 -3.14 -5.80 -29.83
N ILE B 166 -3.79 -5.71 -30.97
CA ILE B 166 -3.44 -4.74 -31.99
C ILE B 166 -4.65 -3.94 -32.41
N ASN B 167 -4.51 -2.63 -32.30
CA ASN B 167 -5.58 -1.74 -32.68
C ASN B 167 -6.91 -2.08 -32.04
N GLY B 168 -6.90 -2.47 -30.78
CA GLY B 168 -8.14 -2.71 -30.05
C GLY B 168 -8.65 -4.14 -30.11
N THR B 169 -8.07 -4.99 -30.96
CA THR B 169 -8.46 -6.38 -31.01
C THR B 169 -7.40 -7.27 -30.38
N CYS B 170 -7.80 -8.04 -29.38
CA CYS B 170 -6.89 -8.90 -28.64
C CYS B 170 -7.12 -10.33 -29.06
N THR B 171 -6.06 -11.08 -29.10
CA THR B 171 -6.13 -12.47 -29.42
C THR B 171 -5.54 -13.34 -28.33
N VAL B 172 -6.17 -14.50 -28.14
CA VAL B 172 -5.79 -15.51 -27.16
C VAL B 172 -6.16 -16.91 -27.63
N VAL B 173 -5.25 -17.82 -27.36
CA VAL B 173 -5.34 -19.18 -27.85
C VAL B 173 -5.77 -20.03 -26.69
N MET B 174 -6.74 -20.92 -26.94
CA MET B 174 -7.33 -21.79 -25.94
C MET B 174 -7.45 -23.21 -26.47
N THR B 175 -7.30 -24.18 -25.60
CA THR B 175 -7.42 -25.57 -25.99
C THR B 175 -8.33 -26.25 -25.01
N ASP B 176 -9.17 -27.13 -25.54
CA ASP B 176 -9.99 -27.98 -24.69
C ASP B 176 -9.85 -29.41 -25.20
N GLY B 177 -9.78 -30.37 -24.32
CA GLY B 177 -9.86 -31.73 -24.83
C GLY B 177 -8.61 -32.47 -24.45
N SER B 178 -8.50 -33.71 -24.91
CA SER B 178 -7.65 -34.68 -24.22
C SER B 178 -6.22 -34.29 -24.42
N ALA B 179 -5.53 -34.01 -23.29
CA ALA B 179 -4.09 -33.82 -23.19
C ALA B 179 -3.32 -35.09 -23.65
N SER B 180 -2.99 -35.13 -24.94
CA SER B 180 -2.42 -36.34 -25.59
C SER B 180 -3.46 -37.20 -26.30
N GLY B 181 -4.32 -36.59 -27.10
CA GLY B 181 -5.22 -37.35 -27.99
C GLY B 181 -5.46 -36.40 -29.16
N ARG B 182 -6.68 -36.29 -29.67
CA ARG B 182 -7.07 -35.06 -30.37
C ARG B 182 -7.74 -34.09 -29.42
N ALA B 183 -7.17 -32.89 -29.39
CA ALA B 183 -7.69 -31.77 -28.64
C ALA B 183 -8.17 -30.73 -29.62
N ASP B 184 -8.94 -29.81 -29.10
CA ASP B 184 -9.61 -28.85 -29.92
C ASP B 184 -9.16 -27.45 -29.49
N THR B 185 -8.28 -26.90 -30.32
CA THR B 185 -7.67 -25.61 -30.15
C THR B 185 -8.44 -24.59 -30.96
N ARG B 186 -8.73 -23.46 -30.33
CA ARG B 186 -9.40 -22.32 -30.95
C ARG B 186 -8.74 -21.02 -30.60
N ILE B 187 -8.78 -20.08 -31.55
CA ILE B 187 -8.15 -18.79 -31.42
C ILE B 187 -9.29 -17.76 -31.32
N LEU B 188 -9.31 -17.05 -30.19
CA LEU B 188 -10.34 -16.07 -29.87
C LEU B 188 -9.86 -14.66 -30.13
N PHE B 189 -10.77 -13.85 -30.60
CA PHE B 189 -10.52 -12.47 -30.92
C PHE B 189 -11.51 -11.68 -30.09
N ILE B 190 -10.98 -10.73 -29.33
CA ILE B 190 -11.71 -10.03 -28.29
C ILE B 190 -11.54 -8.51 -28.38
N LYS B 191 -12.62 -7.79 -28.23
CA LYS B 191 -12.65 -6.36 -28.40
C LYS B 191 -13.39 -5.79 -27.21
N GLU B 192 -12.65 -5.06 -26.37
CA GLU B 192 -13.19 -4.50 -25.10
C GLU B 192 -13.86 -5.57 -24.27
N GLY B 193 -13.24 -6.74 -24.22
CA GLY B 193 -13.74 -7.89 -23.49
C GLY B 193 -14.81 -8.75 -24.12
N LYS B 194 -15.38 -8.31 -25.24
CA LYS B 194 -16.39 -9.07 -25.97
C LYS B 194 -15.75 -9.96 -27.01
N ILE B 195 -16.13 -11.21 -27.00
CA ILE B 195 -15.62 -12.13 -28.02
C ILE B 195 -16.26 -11.80 -29.35
N VAL B 196 -15.47 -11.43 -30.35
CA VAL B 196 -16.05 -11.04 -31.64
C VAL B 196 -15.84 -12.09 -32.72
N HIS B 197 -14.90 -12.99 -32.55
CA HIS B 197 -14.71 -14.07 -33.52
C HIS B 197 -13.93 -15.18 -32.85
N ILE B 198 -14.20 -16.40 -33.28
CA ILE B 198 -13.44 -17.57 -32.94
C ILE B 198 -13.03 -18.35 -34.22
N SER B 199 -11.75 -18.65 -34.39
CA SER B 199 -11.28 -19.40 -35.53
C SER B 199 -10.72 -20.69 -35.07
N PRO B 200 -10.96 -21.75 -35.84
CA PRO B 200 -10.31 -23.04 -35.50
C PRO B 200 -8.86 -23.03 -35.90
N LEU B 201 -8.08 -23.83 -35.21
CA LEU B 201 -6.71 -24.04 -35.59
C LEU B 201 -6.65 -24.64 -36.98
N SER B 202 -5.68 -24.20 -37.76
CA SER B 202 -5.50 -24.69 -39.08
C SER B 202 -3.98 -24.80 -39.37
N GLY B 203 -3.62 -25.55 -40.41
CA GLY B 203 -2.21 -25.76 -40.77
C GLY B 203 -1.69 -27.12 -40.31
N SER B 204 -0.40 -27.30 -40.06
CA SER B 204 0.14 -28.69 -39.73
C SER B 204 0.54 -28.97 -38.24
N ALA B 205 0.35 -27.98 -37.35
CA ALA B 205 0.60 -28.20 -35.93
C ALA B 205 -0.43 -29.16 -35.38
N GLN B 206 -0.02 -30.07 -34.49
CA GLN B 206 -0.96 -31.13 -34.07
C GLN B 206 -1.51 -31.14 -32.66
N HIS B 207 -0.74 -30.70 -31.67
CA HIS B 207 -1.24 -30.74 -30.31
C HIS B 207 -0.64 -29.38 -29.92
N ILE B 208 -1.45 -28.52 -29.35
CA ILE B 208 -1.09 -27.22 -28.93
C ILE B 208 -1.55 -26.92 -27.51
N GLU B 209 -0.60 -26.43 -26.74
CA GLU B 209 -0.80 -26.02 -25.37
C GLU B 209 0.03 -24.78 -25.07
N GLU B 210 -0.48 -23.94 -24.20
CA GLU B 210 0.33 -22.91 -23.48
C GLU B 210 1.17 -22.04 -24.42
N CYS B 211 0.52 -21.48 -25.42
CA CYS B 211 1.22 -20.61 -26.35
C CYS B 211 1.85 -19.35 -25.69
N SER B 212 3.09 -19.05 -26.09
CA SER B 212 3.68 -17.76 -25.89
C SER B 212 3.66 -16.97 -27.16
N CYS B 213 2.95 -15.86 -27.10
CA CYS B 213 2.60 -15.04 -28.26
C CYS B 213 3.20 -13.63 -28.19
N TYR B 214 3.42 -13.07 -29.37
CA TYR B 214 3.95 -11.75 -29.49
C TYR B 214 3.45 -11.05 -30.76
N PRO B 215 3.39 -9.72 -30.71
CA PRO B 215 3.02 -8.95 -31.87
C PRO B 215 4.12 -8.91 -32.88
N ARG B 216 3.70 -9.04 -34.12
CA ARG B 216 4.58 -8.93 -35.28
C ARG B 216 3.78 -8.23 -36.37
N TYR B 217 3.70 -6.92 -36.20
CA TYR B 217 2.73 -6.11 -36.90
C TYR B 217 2.71 -6.41 -38.42
N PRO B 218 1.52 -6.52 -39.03
CA PRO B 218 0.17 -6.36 -38.51
C PRO B 218 -0.41 -7.62 -37.83
N ASP B 219 0.40 -8.66 -37.66
CA ASP B 219 -0.09 -9.92 -37.13
C ASP B 219 0.44 -10.31 -35.77
N VAL B 220 0.08 -11.52 -35.35
CA VAL B 220 0.54 -12.06 -34.10
C VAL B 220 1.15 -13.42 -34.42
N ARG B 221 2.21 -13.75 -33.71
CA ARG B 221 2.82 -15.04 -33.85
C ARG B 221 2.99 -15.71 -32.45
N CYS B 222 2.73 -17.02 -32.38
CA CYS B 222 2.83 -17.78 -31.13
C CYS B 222 3.74 -18.96 -31.31
N VAL B 223 4.48 -19.29 -30.27
CA VAL B 223 5.21 -20.50 -30.21
C VAL B 223 4.73 -21.25 -29.00
N CYS B 224 4.48 -22.52 -29.17
CA CYS B 224 3.71 -23.26 -28.21
C CYS B 224 4.41 -24.56 -27.75
N ARG B 225 3.65 -25.37 -27.06
CA ARG B 225 4.07 -26.65 -26.52
C ARG B 225 3.23 -27.76 -27.19
N ASP B 226 3.94 -28.73 -27.77
CA ASP B 226 3.38 -30.02 -28.25
C ASP B 226 3.60 -31.01 -27.10
N ASN B 227 2.49 -31.40 -26.59
CA ASN B 227 2.25 -32.20 -25.44
C ASN B 227 2.44 -33.73 -25.62
N TRP B 228 2.51 -34.15 -26.87
CA TRP B 228 2.28 -35.54 -27.19
C TRP B 228 3.29 -36.16 -28.14
N LYS B 229 3.55 -35.53 -29.28
CA LYS B 229 4.39 -36.15 -30.30
C LYS B 229 5.67 -35.42 -30.68
N GLY B 230 5.81 -34.15 -30.32
CA GLY B 230 6.94 -33.39 -30.74
C GLY B 230 7.69 -32.72 -29.59
N SER B 231 9.01 -32.80 -29.64
CA SER B 231 9.88 -31.97 -28.83
C SER B 231 10.28 -30.70 -29.59
N ASN B 232 9.90 -30.63 -30.88
CA ASN B 232 10.00 -29.41 -31.62
C ASN B 232 8.71 -28.61 -31.33
N ARG B 233 8.83 -27.29 -31.26
CA ARG B 233 7.72 -26.45 -30.81
C ARG B 233 6.82 -26.04 -31.99
N PRO B 234 5.52 -26.18 -31.81
CA PRO B 234 4.59 -25.63 -32.79
C PRO B 234 4.62 -24.11 -32.87
N VAL B 235 4.31 -23.59 -34.06
CA VAL B 235 4.23 -22.20 -34.30
C VAL B 235 2.89 -21.92 -34.91
N ILE B 236 2.21 -20.91 -34.39
CA ILE B 236 0.92 -20.47 -34.97
C ILE B 236 1.00 -19.03 -35.45
N ASP B 237 0.54 -18.79 -36.68
CA ASP B 237 0.39 -17.42 -37.22
C ASP B 237 -1.04 -17.00 -37.29
N ILE B 238 -1.28 -15.78 -36.80
CA ILE B 238 -2.62 -15.27 -36.59
C ILE B 238 -2.76 -13.95 -37.33
N ASN B 239 -3.63 -13.93 -38.32
CA ASN B 239 -3.88 -12.71 -39.08
C ASN B 239 -4.94 -11.90 -38.37
N MET B 240 -4.56 -10.74 -37.91
CA MET B 240 -5.47 -9.95 -37.09
C MET B 240 -6.55 -9.15 -37.78
N ALA B 241 -6.38 -8.98 -39.06
CA ALA B 241 -7.35 -8.25 -39.84
C ALA B 241 -8.47 -9.20 -40.31
N ASP B 242 -8.10 -10.42 -40.74
CA ASP B 242 -8.97 -11.43 -41.44
C ASP B 242 -9.38 -12.61 -40.59
N TYR B 243 -8.71 -12.75 -39.46
CA TYR B 243 -8.88 -13.89 -38.56
C TYR B 243 -8.41 -15.25 -39.03
N SER B 244 -7.61 -15.29 -40.07
CA SER B 244 -7.15 -16.56 -40.63
C SER B 244 -5.90 -17.00 -39.88
N ILE B 245 -5.71 -18.30 -39.88
CA ILE B 245 -4.73 -19.00 -39.05
C ILE B 245 -3.85 -19.89 -39.92
N ASP B 246 -2.59 -19.98 -39.61
CA ASP B 246 -1.71 -21.04 -40.14
C ASP B 246 -0.80 -21.54 -39.01
N SER B 247 -0.19 -22.70 -39.20
CA SER B 247 0.67 -23.26 -38.22
C SER B 247 1.66 -24.29 -38.81
N SER B 248 2.75 -24.53 -38.10
CA SER B 248 3.79 -25.40 -38.50
C SER B 248 4.64 -25.63 -37.25
N TYR B 249 5.93 -25.98 -37.42
CA TYR B 249 6.86 -26.20 -36.30
C TYR B 249 8.11 -25.38 -36.57
N VAL B 250 8.71 -24.89 -35.49
CA VAL B 250 9.99 -24.22 -35.51
C VAL B 250 11.05 -25.08 -36.25
N CYS B 251 11.75 -24.46 -37.22
CA CYS B 251 12.66 -25.14 -38.15
C CYS B 251 13.93 -25.71 -37.48
N SER B 252 14.44 -24.98 -36.48
CA SER B 252 15.64 -25.31 -35.79
C SER B 252 15.76 -26.79 -35.41
N GLY B 253 16.92 -27.37 -35.76
CA GLY B 253 17.27 -28.69 -35.31
C GLY B 253 17.65 -28.74 -33.82
N LEU B 254 17.99 -27.60 -33.23
CA LEU B 254 18.11 -27.48 -31.77
C LEU B 254 16.67 -27.16 -31.24
N VAL B 255 16.05 -28.15 -30.61
CA VAL B 255 14.64 -28.01 -30.26
C VAL B 255 14.45 -27.51 -28.83
N GLY B 256 13.26 -26.97 -28.57
CA GLY B 256 13.01 -26.14 -27.41
C GLY B 256 12.23 -26.77 -26.29
N ASP B 257 11.68 -27.95 -26.53
CA ASP B 257 10.91 -28.60 -25.48
C ASP B 257 11.75 -29.48 -24.57
N THR B 258 11.09 -29.93 -23.51
CA THR B 258 11.64 -30.83 -22.51
C THR B 258 10.55 -31.87 -22.19
N PRO B 259 10.85 -33.18 -22.36
CA PRO B 259 12.13 -33.78 -22.76
C PRO B 259 12.41 -33.67 -24.25
N ARG B 260 13.61 -34.08 -24.63
CA ARG B 260 14.05 -34.00 -26.01
C ARG B 260 15.29 -34.87 -26.18
N ASN B 261 15.66 -35.16 -27.42
CA ASN B 261 16.91 -35.89 -27.67
C ASN B 261 18.01 -34.90 -27.47
N ASP B 262 19.23 -35.43 -27.30
CA ASP B 262 20.44 -34.61 -27.30
C ASP B 262 20.63 -33.94 -28.68
N ASP B 263 21.48 -32.93 -28.68
CA ASP B 263 21.69 -32.02 -29.79
C ASP B 263 22.18 -32.70 -31.07
N SER B 264 22.86 -33.82 -30.98
CA SER B 264 23.31 -34.43 -32.23
C SER B 264 22.26 -35.32 -32.87
N SER B 265 21.29 -35.79 -32.09
CA SER B 265 20.25 -36.64 -32.67
C SER B 265 18.84 -36.02 -32.70
N SER B 266 18.74 -34.74 -32.38
CA SER B 266 17.46 -34.09 -32.40
C SER B 266 17.19 -33.57 -33.81
N SER B 267 15.93 -33.38 -34.16
CA SER B 267 15.62 -32.83 -35.47
C SER B 267 14.25 -32.12 -35.55
N SER B 268 14.09 -31.37 -36.63
CA SER B 268 12.81 -30.80 -37.03
C SER B 268 12.76 -30.65 -38.54
N ASN B 269 11.63 -30.96 -39.14
CA ASN B 269 11.45 -30.73 -40.60
C ASN B 269 10.52 -29.53 -40.92
N CYS B 270 10.24 -28.68 -39.94
CA CYS B 270 9.38 -27.46 -40.12
C CYS B 270 7.90 -27.74 -40.23
N ARG B 271 7.51 -28.98 -40.46
CA ARG B 271 6.14 -29.25 -40.84
C ARG B 271 5.41 -30.18 -39.85
N ASP B 272 6.10 -31.19 -39.33
CA ASP B 272 5.51 -32.20 -38.49
C ASP B 272 6.16 -32.30 -37.11
N PRO B 273 5.41 -32.84 -36.14
CA PRO B 273 6.05 -33.19 -34.88
C PRO B 273 7.12 -34.26 -35.15
N ASN B 274 8.24 -34.17 -34.44
CA ASN B 274 9.42 -34.94 -34.74
C ASN B 274 9.40 -36.33 -34.16
N ASN B 275 8.39 -36.66 -33.37
CA ASN B 275 8.29 -37.97 -32.69
C ASN B 275 9.45 -38.36 -31.80
N GLU B 276 10.10 -37.37 -31.22
CA GLU B 276 11.26 -37.61 -30.36
C GLU B 276 10.89 -37.09 -28.96
N ARG B 277 10.52 -38.01 -28.08
CA ARG B 277 10.28 -37.75 -26.67
C ARG B 277 9.27 -36.62 -26.49
N GLY B 278 8.16 -36.78 -27.16
CA GLY B 278 7.18 -35.71 -27.32
C GLY B 278 6.42 -35.32 -26.05
N ASN B 279 6.42 -36.19 -25.05
CA ASN B 279 5.59 -36.08 -23.87
C ASN B 279 6.39 -35.92 -22.59
N PRO B 280 5.96 -35.07 -21.64
CA PRO B 280 4.80 -34.17 -21.61
C PRO B 280 5.06 -32.75 -22.13
N GLY B 281 6.31 -32.39 -22.34
CA GLY B 281 6.65 -31.02 -22.73
C GLY B 281 6.61 -30.02 -21.58
N VAL B 282 6.95 -28.78 -21.90
CA VAL B 282 6.92 -27.70 -20.98
C VAL B 282 6.66 -26.39 -21.73
N LYS B 283 5.97 -25.43 -21.09
CA LYS B 283 5.74 -24.15 -21.73
C LYS B 283 7.06 -23.43 -21.96
N GLY B 284 7.22 -22.88 -23.16
CA GLY B 284 8.38 -22.11 -23.50
C GLY B 284 8.09 -21.14 -24.64
N TRP B 285 9.14 -20.57 -25.23
CA TRP B 285 9.03 -19.48 -26.19
C TRP B 285 10.15 -19.50 -27.22
N ALA B 286 9.91 -18.75 -28.29
CA ALA B 286 10.91 -18.45 -29.30
C ALA B 286 10.41 -17.27 -30.13
N PHE B 287 11.32 -16.57 -30.80
CA PHE B 287 10.94 -15.60 -31.79
C PHE B 287 11.91 -15.49 -32.95
N ASP B 288 11.36 -15.04 -34.08
CA ASP B 288 12.11 -14.93 -35.34
C ASP B 288 12.79 -13.58 -35.43
N ASN B 289 13.98 -13.60 -36.01
CA ASN B 289 14.63 -12.40 -36.55
C ASN B 289 15.22 -12.72 -37.93
N GLY B 290 14.42 -12.43 -38.97
CA GLY B 290 14.72 -12.82 -40.36
C GLY B 290 14.77 -14.32 -40.51
N ASN B 291 15.94 -14.85 -40.87
CA ASN B 291 16.16 -16.28 -40.98
C ASN B 291 16.55 -16.96 -39.67
N ASP B 292 16.88 -16.14 -38.68
CA ASP B 292 17.35 -16.62 -37.38
C ASP B 292 16.20 -16.77 -36.38
N VAL B 293 16.40 -17.65 -35.38
CA VAL B 293 15.52 -17.74 -34.23
C VAL B 293 16.29 -17.44 -32.96
N TRP B 294 15.63 -16.73 -32.04
CA TRP B 294 16.04 -16.63 -30.64
C TRP B 294 15.09 -17.48 -29.82
N MET B 295 15.63 -18.23 -28.88
CA MET B 295 14.84 -19.16 -28.13
C MET B 295 15.45 -19.43 -26.77
N GLY B 296 14.60 -19.84 -25.83
CA GLY B 296 15.01 -20.40 -24.58
C GLY B 296 14.69 -21.89 -24.44
N ARG B 297 15.38 -22.56 -23.52
CA ARG B 297 15.00 -23.89 -23.12
C ARG B 297 15.68 -24.29 -21.82
N THR B 298 15.20 -25.36 -21.22
CA THR B 298 15.84 -25.92 -20.05
C THR B 298 17.23 -26.45 -20.50
N ILE B 299 18.20 -26.44 -19.59
CA ILE B 299 19.49 -26.97 -19.92
C ILE B 299 19.46 -28.49 -20.00
N SER B 300 18.80 -29.13 -19.04
CA SER B 300 18.62 -30.57 -19.09
C SER B 300 17.68 -30.95 -20.22
N GLU B 301 17.99 -32.08 -20.83
CA GLU B 301 17.14 -32.71 -21.87
C GLU B 301 16.04 -33.58 -21.28
N ASP B 302 16.17 -33.89 -19.98
CA ASP B 302 15.27 -34.84 -19.30
C ASP B 302 14.33 -34.15 -18.36
N SER B 303 14.80 -33.15 -17.65
CA SER B 303 13.95 -32.56 -16.68
C SER B 303 13.97 -31.04 -16.74
N ARG B 304 13.07 -30.44 -15.99
CA ARG B 304 12.93 -28.98 -15.90
C ARG B 304 13.95 -28.36 -14.95
N SER B 305 15.21 -28.42 -15.39
CA SER B 305 16.30 -27.94 -14.62
C SER B 305 17.20 -27.10 -15.53
N GLY B 306 17.65 -25.99 -14.99
CA GLY B 306 18.43 -25.02 -15.74
C GLY B 306 17.62 -24.21 -16.75
N TYR B 307 18.24 -23.17 -17.30
CA TYR B 307 17.65 -22.45 -18.39
C TYR B 307 18.73 -21.70 -19.14
N GLU B 308 18.58 -21.69 -20.47
CA GLU B 308 19.54 -21.08 -21.38
C GLU B 308 18.79 -20.41 -22.51
N THR B 309 19.42 -19.37 -23.06
CA THR B 309 18.96 -18.77 -24.30
C THR B 309 20.04 -18.76 -25.33
N PHE B 310 19.63 -18.72 -26.60
CA PHE B 310 20.58 -18.57 -27.69
C PHE B 310 19.87 -18.24 -28.97
N ARG B 311 20.68 -17.89 -29.95
CA ARG B 311 20.24 -17.70 -31.28
C ARG B 311 20.74 -18.84 -32.21
N VAL B 312 19.89 -19.26 -33.12
CA VAL B 312 20.25 -20.27 -34.10
C VAL B 312 20.21 -19.61 -35.45
N THR B 313 21.38 -19.52 -36.10
CA THR B 313 21.47 -18.86 -37.41
C THR B 313 20.77 -19.77 -38.45
N ASP B 314 19.89 -19.16 -39.23
CA ASP B 314 19.02 -19.88 -40.17
C ASP B 314 18.02 -20.82 -39.53
N GLY B 315 17.88 -20.74 -38.22
CA GLY B 315 16.99 -21.66 -37.50
C GLY B 315 15.50 -21.39 -37.63
N TRP B 316 15.15 -20.23 -38.18
CA TRP B 316 13.77 -19.97 -38.49
C TRP B 316 13.31 -20.45 -39.87
N THR B 317 14.17 -20.41 -40.88
CA THR B 317 13.75 -20.70 -42.27
C THR B 317 14.43 -21.92 -42.94
N THR B 318 15.45 -22.52 -42.32
CA THR B 318 16.05 -23.73 -42.86
C THR B 318 15.86 -24.91 -41.90
N ALA B 319 15.20 -25.93 -42.39
CA ALA B 319 14.97 -27.15 -41.62
C ALA B 319 16.26 -27.68 -41.03
N ASN B 320 16.21 -27.92 -39.73
CA ASN B 320 17.26 -28.66 -39.03
C ASN B 320 18.60 -27.92 -38.80
N SER B 321 18.62 -26.59 -38.89
CA SER B 321 19.86 -25.89 -38.54
C SER B 321 20.20 -26.11 -37.10
N LYS B 322 21.50 -26.27 -36.85
CA LYS B 322 22.02 -26.51 -35.53
C LYS B 322 23.14 -25.55 -35.18
N SER B 323 23.15 -24.44 -35.86
CA SER B 323 24.23 -23.52 -35.80
C SER B 323 24.02 -22.39 -34.71
N GLN B 324 24.38 -22.67 -33.47
CA GLN B 324 24.06 -21.68 -32.44
C GLN B 324 25.12 -20.68 -32.18
N VAL B 325 24.66 -19.52 -31.73
CA VAL B 325 25.52 -18.47 -31.33
C VAL B 325 24.85 -17.63 -30.21
N ASN B 326 25.64 -16.89 -29.45
CA ASN B 326 25.15 -16.00 -28.36
C ASN B 326 24.41 -16.67 -27.24
N ARG B 327 24.92 -17.80 -26.83
CA ARG B 327 24.35 -18.47 -25.70
C ARG B 327 24.52 -17.65 -24.42
N GLN B 328 23.52 -17.74 -23.57
CA GLN B 328 23.60 -17.26 -22.18
C GLN B 328 22.92 -18.27 -21.24
N ILE B 329 23.59 -18.56 -20.14
CA ILE B 329 23.01 -19.24 -19.01
C ILE B 329 22.16 -18.25 -18.17
N ILE B 330 20.89 -18.58 -17.99
CA ILE B 330 20.01 -17.78 -17.11
C ILE B 330 19.90 -18.36 -15.71
N VAL B 331 19.71 -19.68 -15.67
CA VAL B 331 19.69 -20.45 -14.45
C VAL B 331 20.57 -21.71 -14.68
N ASP B 332 21.54 -21.94 -13.80
CA ASP B 332 22.47 -23.04 -14.01
C ASP B 332 21.73 -24.37 -13.79
N ASN B 333 22.37 -25.43 -14.28
CA ASN B 333 21.79 -26.76 -14.27
C ASN B 333 21.78 -27.48 -12.93
N ASN B 334 22.26 -26.84 -11.86
CA ASN B 334 22.02 -27.39 -10.52
C ASN B 334 20.80 -26.82 -9.85
N ASN B 335 19.96 -26.08 -10.59
CA ASN B 335 18.75 -25.47 -10.05
C ASN B 335 17.53 -25.67 -10.91
N TRP B 336 16.39 -25.66 -10.26
CA TRP B 336 15.14 -26.00 -10.89
C TRP B 336 14.64 -24.79 -11.64
N SER B 337 14.06 -25.07 -12.81
CA SER B 337 13.39 -24.05 -13.57
C SER B 337 11.91 -24.41 -13.62
N GLY B 338 11.30 -24.35 -14.80
CA GLY B 338 9.85 -24.47 -14.91
C GLY B 338 9.41 -23.85 -16.21
N TYR B 339 8.19 -23.35 -16.22
CA TYR B 339 7.66 -22.70 -17.41
C TYR B 339 8.43 -21.46 -17.76
N SER B 340 8.38 -21.06 -19.04
CA SER B 340 8.90 -19.74 -19.43
C SER B 340 8.03 -19.21 -20.47
N GLY B 341 8.10 -17.90 -20.65
CA GLY B 341 7.32 -17.25 -21.68
C GLY B 341 7.85 -15.87 -22.08
N ILE B 342 7.26 -15.34 -23.13
CA ILE B 342 7.66 -14.09 -23.72
C ILE B 342 6.68 -12.94 -23.37
N PHE B 343 7.20 -11.73 -23.31
CA PHE B 343 6.43 -10.53 -23.33
C PHE B 343 7.18 -9.45 -24.13
N SER B 344 6.43 -8.45 -24.59
CA SER B 344 6.97 -7.45 -25.52
C SER B 344 6.77 -6.07 -24.97
N VAL B 345 7.69 -5.18 -25.29
CA VAL B 345 7.69 -3.81 -24.77
C VAL B 345 7.98 -2.78 -25.85
N GLU B 346 7.17 -1.74 -25.91
CA GLU B 346 7.26 -0.73 -26.99
C GLU B 346 8.20 0.37 -26.59
N GLY B 347 9.31 0.52 -27.31
CA GLY B 347 10.23 1.66 -27.06
C GLY B 347 9.88 2.77 -28.02
N LYS B 348 10.71 3.80 -28.07
CA LYS B 348 10.44 4.97 -28.91
C LYS B 348 10.53 4.60 -30.41
N SER B 349 11.50 3.78 -30.76
N SER B 349 11.50 3.78 -30.76
CA SER B 349 11.69 3.41 -32.16
CA SER B 349 11.70 3.41 -32.16
C SER B 349 11.51 1.93 -32.50
C SER B 349 11.53 1.92 -32.50
N CYS B 350 11.45 1.06 -31.49
CA CYS B 350 11.33 -0.37 -31.77
C CYS B 350 10.67 -1.13 -30.67
N ILE B 351 10.30 -2.37 -31.01
CA ILE B 351 9.62 -3.29 -30.11
C ILE B 351 10.63 -4.30 -29.58
N ASN B 352 10.79 -4.32 -28.26
CA ASN B 352 11.71 -5.22 -27.61
C ASN B 352 10.98 -6.50 -27.17
N ARG B 353 11.72 -7.59 -27.09
CA ARG B 353 11.24 -8.86 -26.61
C ARG B 353 11.92 -9.14 -25.27
N CYS B 354 11.14 -9.63 -24.30
CA CYS B 354 11.61 -10.01 -22.97
C CYS B 354 11.04 -11.39 -22.58
N PHE B 355 11.62 -12.03 -21.56
CA PHE B 355 11.05 -13.29 -21.10
C PHE B 355 11.18 -13.43 -19.60
N TYR B 356 10.35 -14.32 -19.06
CA TYR B 356 10.38 -14.69 -17.65
C TYR B 356 10.68 -16.22 -17.57
N VAL B 357 11.26 -16.63 -16.46
CA VAL B 357 11.39 -18.03 -16.12
C VAL B 357 10.79 -18.28 -14.73
N GLU B 358 9.87 -19.24 -14.68
CA GLU B 358 9.34 -19.81 -13.43
C GLU B 358 10.38 -20.75 -12.80
N LEU B 359 10.68 -20.52 -11.53
CA LEU B 359 11.58 -21.34 -10.74
C LEU B 359 10.76 -22.11 -9.69
N ILE B 360 10.43 -23.36 -10.02
CA ILE B 360 9.54 -24.17 -9.22
C ILE B 360 10.32 -24.81 -8.08
N ARG B 361 9.76 -24.69 -6.87
CA ARG B 361 10.32 -25.34 -5.70
C ARG B 361 9.24 -26.19 -5.00
N GLY B 362 9.70 -27.18 -4.25
CA GLY B 362 8.80 -28.12 -3.59
C GLY B 362 8.45 -29.35 -4.46
N ARG B 363 7.25 -29.88 -4.29
CA ARG B 363 6.87 -31.14 -4.94
C ARG B 363 6.68 -30.92 -6.45
N PRO B 364 6.96 -31.97 -7.27
CA PRO B 364 7.37 -33.34 -6.89
C PRO B 364 8.88 -33.55 -6.65
N GLN B 365 9.71 -32.63 -7.08
CA GLN B 365 11.16 -32.85 -7.02
C GLN B 365 11.75 -32.78 -5.63
N GLU B 366 11.16 -31.99 -4.75
CA GLU B 366 11.70 -31.77 -3.39
C GLU B 366 10.68 -32.21 -2.35
N THR B 367 10.91 -33.36 -1.76
CA THR B 367 9.93 -34.02 -0.89
C THR B 367 10.08 -33.78 0.62
N ARG B 368 11.09 -33.05 1.05
CA ARG B 368 11.09 -32.62 2.45
C ARG B 368 9.82 -31.76 2.79
N VAL B 369 9.26 -31.05 1.82
CA VAL B 369 8.10 -30.21 2.05
C VAL B 369 6.90 -30.80 1.37
N TRP B 370 5.72 -30.29 1.72
CA TRP B 370 4.44 -30.79 1.18
C TRP B 370 3.81 -29.85 0.17
N TRP B 371 4.44 -28.70 -0.05
CA TRP B 371 3.89 -27.68 -0.91
C TRP B 371 4.64 -27.64 -2.24
N THR B 372 4.08 -26.89 -3.19
CA THR B 372 4.72 -26.59 -4.44
C THR B 372 4.52 -25.09 -4.64
N SER B 373 5.54 -24.37 -5.03
CA SER B 373 5.40 -22.95 -5.33
C SER B 373 6.50 -22.54 -6.25
N ASN B 374 6.61 -21.24 -6.52
CA ASN B 374 7.71 -20.80 -7.40
C ASN B 374 8.14 -19.37 -7.11
N SER B 375 9.31 -18.96 -7.60
CA SER B 375 9.62 -17.55 -7.78
C SER B 375 9.85 -17.30 -9.26
N ILE B 376 10.26 -16.09 -9.64
CA ILE B 376 10.60 -15.77 -11.02
C ILE B 376 11.85 -14.97 -11.19
N VAL B 377 12.38 -15.03 -12.42
CA VAL B 377 13.45 -14.17 -12.85
C VAL B 377 13.11 -13.72 -14.25
N VAL B 378 13.47 -12.48 -14.57
CA VAL B 378 13.04 -11.83 -15.78
C VAL B 378 14.21 -11.12 -16.43
N PHE B 379 14.27 -11.24 -17.76
CA PHE B 379 15.34 -10.66 -18.61
C PHE B 379 14.72 -9.96 -19.80
N CYS B 380 15.42 -8.98 -20.34
CA CYS B 380 14.91 -8.23 -21.50
C CYS B 380 15.98 -8.05 -22.54
N GLY B 381 15.54 -7.99 -23.79
CA GLY B 381 16.43 -7.85 -24.92
C GLY B 381 17.23 -6.59 -24.78
N THR B 382 18.47 -6.66 -25.21
CA THR B 382 19.35 -5.52 -25.26
C THR B 382 20.08 -5.49 -26.61
N SER B 383 20.37 -4.29 -27.07
CA SER B 383 21.30 -4.15 -28.18
C SER B 383 22.69 -3.68 -27.72
N GLY B 384 22.93 -3.65 -26.41
CA GLY B 384 24.28 -3.34 -25.89
C GLY B 384 25.15 -4.57 -25.67
N THR B 385 26.05 -4.48 -24.69
CA THR B 385 26.82 -5.62 -24.23
C THR B 385 26.39 -6.04 -22.81
N TYR B 386 26.89 -7.20 -22.40
CA TYR B 386 26.50 -7.83 -21.16
C TYR B 386 27.54 -8.93 -20.79
N GLY B 387 27.40 -9.46 -19.58
CA GLY B 387 28.35 -10.44 -19.02
C GLY B 387 27.64 -11.78 -18.83
N THR B 388 27.99 -12.48 -17.73
CA THR B 388 27.48 -13.81 -17.40
C THR B 388 27.07 -13.92 -15.97
N GLY B 389 26.24 -14.91 -15.72
CA GLY B 389 25.81 -15.17 -14.36
C GLY B 389 24.86 -16.33 -14.28
N SER B 390 24.35 -16.54 -13.08
CA SER B 390 23.25 -17.51 -12.86
C SER B 390 22.34 -16.95 -11.78
N TRP B 391 21.05 -16.97 -12.03
CA TRP B 391 20.08 -16.33 -11.14
C TRP B 391 18.94 -17.27 -10.74
N PRO B 392 19.26 -18.30 -9.93
CA PRO B 392 18.26 -19.24 -9.56
C PRO B 392 17.40 -18.70 -8.39
N ASP B 393 16.48 -19.52 -7.93
CA ASP B 393 15.54 -19.15 -6.88
C ASP B 393 16.25 -18.74 -5.56
N GLY B 394 17.21 -19.55 -5.13
CA GLY B 394 18.07 -19.26 -4.04
C GLY B 394 17.65 -19.72 -2.68
N ALA B 395 16.47 -20.33 -2.56
CA ALA B 395 16.01 -20.77 -1.25
C ALA B 395 16.68 -22.08 -0.89
N ASN B 396 16.97 -22.22 0.38
CA ASN B 396 17.42 -23.44 0.93
C ASN B 396 16.23 -24.22 1.45
N ILE B 397 15.99 -25.38 0.86
CA ILE B 397 14.81 -26.17 1.17
C ILE B 397 14.75 -26.53 2.65
N ASN B 398 15.91 -26.67 3.30
CA ASN B 398 15.96 -27.02 4.74
C ASN B 398 15.54 -25.91 5.69
N PHE B 399 15.41 -24.69 5.20
CA PHE B 399 15.09 -23.53 6.03
C PHE B 399 13.58 -23.26 5.98
N MET B 400 12.86 -24.01 5.16
CA MET B 400 11.46 -23.72 4.90
C MET B 400 10.48 -24.39 5.86
N PRO B 401 9.34 -23.75 6.15
CA PRO B 401 8.16 -24.44 6.71
C PRO B 401 7.80 -25.62 5.83
N ILE B 402 7.21 -26.68 6.36
CA ILE B 402 7.29 -27.98 5.63
C ILE B 402 6.31 -28.20 4.45
N ALA C 15 -15.74 16.01 -12.66
CA ALA C 15 -16.67 14.87 -12.44
C ALA C 15 -18.11 15.38 -12.24
N GLU C 16 -19.03 14.63 -12.81
CA GLU C 16 -20.45 14.89 -12.74
C GLU C 16 -21.07 13.81 -11.83
N TYR C 17 -22.29 14.02 -11.39
CA TYR C 17 -23.06 12.98 -10.74
C TYR C 17 -23.41 11.86 -11.69
N ARG C 18 -23.46 10.65 -11.16
CA ARG C 18 -24.02 9.51 -11.86
C ARG C 18 -25.51 9.53 -11.87
N ASN C 19 -26.07 9.05 -13.00
CA ASN C 19 -27.51 8.88 -13.17
C ASN C 19 -27.99 7.45 -13.38
N TRP C 20 -27.09 6.55 -13.72
CA TRP C 20 -27.46 5.17 -14.07
C TRP C 20 -28.59 5.13 -15.13
N SER C 21 -28.52 6.03 -16.09
CA SER C 21 -29.58 6.15 -17.06
C SER C 21 -29.27 5.31 -18.29
N LYS C 22 -29.17 3.98 -18.11
CA LYS C 22 -29.01 3.03 -19.16
C LYS C 22 -29.87 1.83 -18.86
N PRO C 23 -30.37 1.15 -19.89
CA PRO C 23 -31.07 -0.07 -19.61
C PRO C 23 -30.18 -1.14 -18.93
N GLN C 24 -30.86 -2.12 -18.36
CA GLN C 24 -30.26 -3.31 -17.80
C GLN C 24 -29.76 -4.29 -18.85
N CYS C 25 -28.55 -4.79 -18.66
CA CYS C 25 -27.97 -5.77 -19.62
C CYS C 25 -28.83 -7.02 -19.66
N GLN C 26 -29.03 -7.57 -20.85
CA GLN C 26 -29.70 -8.86 -21.00
C GLN C 26 -28.69 -9.98 -20.76
N ILE C 27 -28.98 -10.85 -19.79
CA ILE C 27 -28.04 -11.90 -19.36
C ILE C 27 -28.61 -13.29 -19.50
N THR C 28 -27.73 -14.28 -19.52
CA THR C 28 -28.11 -15.69 -19.63
C THR C 28 -27.83 -16.43 -18.34
N GLY C 29 -27.21 -15.70 -17.40
CA GLY C 29 -26.66 -16.30 -16.17
C GLY C 29 -25.52 -15.47 -15.63
N PHE C 30 -24.70 -16.09 -14.80
CA PHE C 30 -23.64 -15.41 -14.10
C PHE C 30 -22.34 -16.14 -14.24
N ALA C 31 -21.27 -15.36 -14.29
CA ALA C 31 -19.97 -15.85 -14.42
C ALA C 31 -19.12 -15.43 -13.21
N PRO C 32 -18.11 -16.26 -12.85
CA PRO C 32 -17.19 -15.97 -11.77
C PRO C 32 -16.42 -14.68 -11.94
N PHE C 33 -16.35 -13.91 -10.86
CA PHE C 33 -15.72 -12.59 -10.88
C PHE C 33 -14.63 -12.44 -9.84
N SER C 34 -14.89 -12.74 -8.58
CA SER C 34 -13.89 -12.48 -7.53
C SER C 34 -14.10 -13.42 -6.39
N LYS C 35 -13.03 -13.68 -5.68
CA LYS C 35 -13.07 -14.53 -4.48
C LYS C 35 -11.98 -14.05 -3.57
N ASP C 36 -12.19 -13.93 -2.28
CA ASP C 36 -11.09 -13.36 -1.50
C ASP C 36 -10.27 -14.33 -0.64
N ASN C 37 -10.76 -15.52 -0.40
CA ASN C 37 -10.04 -16.51 0.37
C ASN C 37 -9.61 -16.10 1.81
N SER C 38 -10.36 -15.20 2.44
CA SER C 38 -9.96 -14.62 3.74
C SER C 38 -9.66 -15.61 4.82
N ILE C 39 -10.49 -16.65 4.94
CA ILE C 39 -10.34 -17.58 6.04
C ILE C 39 -9.13 -18.48 5.81
N ARG C 40 -9.00 -19.03 4.59
CA ARG C 40 -7.78 -19.78 4.22
C ARG C 40 -6.51 -18.94 4.50
N LEU C 41 -6.52 -17.67 4.12
CA LEU C 41 -5.37 -16.81 4.45
C LEU C 41 -5.16 -16.53 5.96
N SER C 42 -6.25 -16.46 6.72
CA SER C 42 -6.20 -16.13 8.15
C SER C 42 -5.41 -17.13 8.95
N ALA C 43 -5.26 -18.32 8.40
CA ALA C 43 -4.49 -19.37 9.00
C ALA C 43 -3.01 -19.25 8.82
N GLY C 44 -2.56 -18.23 8.08
CA GLY C 44 -1.11 -17.98 7.97
C GLY C 44 -0.85 -16.54 7.60
N GLY C 45 -1.39 -15.65 8.41
CA GLY C 45 -1.30 -14.22 8.16
C GLY C 45 -2.31 -13.46 9.01
N ASP C 46 -2.07 -12.17 9.13
CA ASP C 46 -2.91 -11.25 9.93
C ASP C 46 -4.02 -10.67 9.08
N ILE C 47 -5.22 -11.19 9.29
CA ILE C 47 -6.38 -10.88 8.54
C ILE C 47 -7.53 -10.50 9.49
N TRP C 48 -8.28 -9.46 9.13
CA TRP C 48 -9.38 -8.97 9.95
C TRP C 48 -10.47 -10.01 10.11
N VAL C 49 -11.05 -10.07 11.30
CA VAL C 49 -12.32 -10.78 11.50
C VAL C 49 -13.47 -9.87 11.10
N THR C 50 -14.39 -10.41 10.30
CA THR C 50 -15.48 -9.64 9.74
C THR C 50 -16.80 -10.39 9.64
N ARG C 51 -17.84 -9.63 9.31
CA ARG C 51 -19.13 -10.15 8.83
C ARG C 51 -19.89 -9.05 8.12
N GLU C 52 -20.98 -9.45 7.47
CA GLU C 52 -21.86 -8.54 6.77
C GLU C 52 -21.12 -7.81 5.70
N PRO C 53 -20.43 -8.55 4.82
CA PRO C 53 -19.71 -7.87 3.74
C PRO C 53 -20.65 -7.39 2.63
N TYR C 54 -20.09 -6.54 1.74
CA TYR C 54 -20.78 -6.21 0.47
C TYR C 54 -19.79 -5.61 -0.51
N VAL C 55 -20.30 -5.30 -1.70
CA VAL C 55 -19.48 -4.78 -2.77
C VAL C 55 -20.18 -3.54 -3.36
N SER C 56 -19.40 -2.51 -3.74
CA SER C 56 -19.89 -1.31 -4.43
C SER C 56 -18.76 -0.74 -5.27
N CYS C 57 -19.10 -0.16 -6.43
CA CYS C 57 -18.11 0.38 -7.38
C CYS C 57 -18.28 1.91 -7.52
N SER C 58 -17.21 2.66 -7.43
CA SER C 58 -17.12 4.00 -7.94
C SER C 58 -16.97 3.88 -9.48
N PRO C 59 -16.93 5.01 -10.20
CA PRO C 59 -16.88 4.89 -11.69
C PRO C 59 -15.54 4.32 -12.11
N GLY C 60 -14.53 4.55 -11.27
CA GLY C 60 -13.18 4.05 -11.54
C GLY C 60 -12.87 2.64 -11.06
N LYS C 61 -13.40 2.24 -9.89
CA LYS C 61 -13.23 0.86 -9.44
C LYS C 61 -14.15 0.31 -8.38
N CYS C 62 -14.04 -1.01 -8.21
CA CYS C 62 -14.82 -1.78 -7.25
C CYS C 62 -14.15 -2.00 -5.90
N TYR C 63 -14.95 -1.99 -4.84
CA TYR C 63 -14.46 -2.18 -3.51
C TYR C 63 -15.26 -3.23 -2.80
N GLN C 64 -14.61 -3.97 -1.90
CA GLN C 64 -15.28 -4.82 -0.96
C GLN C 64 -15.28 -4.18 0.43
N PHE C 65 -16.39 -4.36 1.13
CA PHE C 65 -16.65 -3.72 2.40
C PHE C 65 -17.05 -4.80 3.36
N ALA C 66 -16.81 -4.54 4.63
CA ALA C 66 -17.33 -5.42 5.66
C ALA C 66 -17.27 -4.79 7.03
N LEU C 67 -18.02 -5.33 7.97
CA LEU C 67 -17.93 -4.82 9.36
C LEU C 67 -16.90 -5.61 10.12
N GLY C 68 -15.78 -4.97 10.43
CA GLY C 68 -14.78 -5.62 11.23
C GLY C 68 -15.27 -5.82 12.63
N GLN C 69 -14.53 -6.65 13.35
CA GLN C 69 -14.76 -6.87 14.75
C GLN C 69 -13.63 -6.29 15.64
N GLY C 70 -12.89 -5.36 15.12
CA GLY C 70 -11.83 -4.74 15.88
C GLY C 70 -10.68 -5.66 16.25
N THR C 71 -10.47 -6.68 15.45
CA THR C 71 -9.44 -7.66 15.73
C THR C 71 -9.14 -8.51 14.51
N THR C 72 -7.93 -9.07 14.50
CA THR C 72 -7.58 -10.07 13.50
C THR C 72 -7.98 -11.42 14.04
N LEU C 73 -7.87 -12.43 13.22
CA LEU C 73 -8.39 -13.72 13.60
C LEU C 73 -7.45 -14.47 14.49
N ASN C 74 -6.19 -14.42 14.19
CA ASN C 74 -5.22 -15.06 15.00
C ASN C 74 -4.77 -14.13 16.10
N ASN C 75 -5.67 -14.00 17.07
CA ASN C 75 -5.63 -12.92 18.05
C ASN C 75 -6.63 -13.36 19.09
N LYS C 76 -6.27 -13.28 20.35
CA LYS C 76 -7.22 -13.66 21.40
C LYS C 76 -8.50 -12.81 21.47
N HIS C 77 -8.48 -11.60 20.95
CA HIS C 77 -9.72 -10.84 20.88
C HIS C 77 -10.76 -11.36 19.87
N SER C 78 -10.41 -12.37 19.06
CA SER C 78 -11.39 -12.95 18.11
C SER C 78 -12.41 -13.81 18.86
N ASN C 79 -12.12 -14.13 20.12
CA ASN C 79 -13.04 -14.90 20.97
C ASN C 79 -14.35 -14.15 21.20
N GLY C 80 -15.49 -14.74 20.87
CA GLY C 80 -16.76 -14.11 21.13
C GLY C 80 -17.27 -13.22 20.03
N THR C 81 -16.67 -13.30 18.86
CA THR C 81 -17.06 -12.47 17.71
C THR C 81 -18.34 -12.88 16.97
N ILE C 82 -19.06 -13.85 17.52
CA ILE C 82 -20.48 -14.06 17.09
C ILE C 82 -21.42 -12.86 17.41
N HIS C 83 -21.15 -12.14 18.49
CA HIS C 83 -22.01 -10.98 18.86
C HIS C 83 -21.93 -9.92 17.76
N ASP C 84 -23.08 -9.36 17.43
CA ASP C 84 -23.20 -8.42 16.37
C ASP C 84 -22.82 -6.99 16.70
N ARG C 85 -22.91 -6.58 17.96
CA ARG C 85 -22.83 -5.16 18.26
C ARG C 85 -21.92 -4.82 19.40
N ILE C 86 -20.70 -4.42 19.08
CA ILE C 86 -19.77 -3.91 20.06
C ILE C 86 -19.26 -2.56 19.55
N PRO C 87 -18.68 -1.76 20.44
CA PRO C 87 -18.19 -0.43 20.02
C PRO C 87 -17.00 -0.47 19.10
N HIS C 88 -16.31 -1.60 19.05
CA HIS C 88 -15.08 -1.70 18.26
C HIS C 88 -15.35 -2.05 16.80
N ARG C 89 -16.61 -2.28 16.42
CA ARG C 89 -16.86 -2.60 15.02
C ARG C 89 -16.70 -1.34 14.16
N THR C 90 -15.99 -1.49 13.04
CA THR C 90 -15.73 -0.42 12.11
C THR C 90 -16.01 -0.93 10.69
N LEU C 91 -16.36 -0.01 9.80
CA LEU C 91 -16.55 -0.36 8.43
C LEU C 91 -15.20 -0.42 7.67
N LEU C 92 -14.87 -1.61 7.16
CA LEU C 92 -13.64 -1.82 6.36
C LEU C 92 -13.91 -1.64 4.87
N MET C 93 -12.95 -1.01 4.18
CA MET C 93 -13.04 -0.76 2.77
C MET C 93 -11.73 -1.12 2.08
N SER C 94 -11.80 -1.98 1.07
CA SER C 94 -10.59 -2.40 0.35
C SER C 94 -10.92 -2.64 -1.11
N GLU C 95 -9.96 -2.50 -1.98
CA GLU C 95 -10.23 -2.76 -3.41
C GLU C 95 -10.67 -4.19 -3.54
N LEU C 96 -11.65 -4.45 -4.41
CA LEU C 96 -12.16 -5.81 -4.61
C LEU C 96 -11.04 -6.78 -5.00
N GLY C 97 -10.93 -7.87 -4.27
CA GLY C 97 -9.87 -8.85 -4.43
C GLY C 97 -8.67 -8.68 -3.50
N VAL C 98 -8.54 -7.51 -2.86
CA VAL C 98 -7.47 -7.31 -1.90
C VAL C 98 -8.07 -7.71 -0.57
N PRO C 99 -7.58 -8.79 0.03
CA PRO C 99 -8.13 -9.18 1.34
C PRO C 99 -8.01 -8.12 2.45
N PHE C 100 -8.73 -8.33 3.54
CA PHE C 100 -8.78 -7.37 4.64
C PHE C 100 -7.58 -7.63 5.56
N HIS C 101 -6.44 -7.10 5.18
CA HIS C 101 -5.19 -7.20 5.91
C HIS C 101 -4.99 -5.94 6.79
N LEU C 102 -3.87 -5.85 7.49
CA LEU C 102 -3.65 -4.73 8.42
C LEU C 102 -3.53 -3.31 7.83
N GLY C 103 -3.28 -3.18 6.55
CA GLY C 103 -3.33 -1.87 5.89
C GLY C 103 -4.70 -1.40 5.44
N THR C 104 -5.72 -2.17 5.76
CA THR C 104 -7.06 -1.85 5.37
C THR C 104 -7.57 -0.62 6.14
N LYS C 105 -8.21 0.26 5.39
CA LYS C 105 -8.79 1.45 5.94
C LYS C 105 -10.13 1.17 6.69
N GLN C 106 -10.19 1.65 7.92
CA GLN C 106 -11.43 1.68 8.70
C GLN C 106 -12.07 3.03 8.47
N VAL C 107 -13.13 3.01 7.72
CA VAL C 107 -13.70 4.22 7.15
C VAL C 107 -14.61 4.94 8.16
N CYS C 108 -15.19 4.23 9.13
CA CYS C 108 -16.05 4.85 10.14
C CYS C 108 -16.41 3.77 11.16
N ILE C 109 -17.05 4.17 12.27
CA ILE C 109 -17.35 3.29 13.37
C ILE C 109 -18.72 2.75 13.12
N ALA C 110 -18.91 1.43 13.08
CA ALA C 110 -20.20 0.88 12.62
C ALA C 110 -20.40 -0.56 12.99
N TRP C 111 -21.55 -0.84 13.57
CA TRP C 111 -22.05 -2.19 13.63
C TRP C 111 -23.22 -2.42 12.65
N SER C 112 -23.55 -1.43 11.80
CA SER C 112 -24.46 -1.64 10.66
C SER C 112 -24.09 -0.56 9.68
N SER C 113 -24.16 -0.85 8.37
CA SER C 113 -23.71 0.14 7.39
C SER C 113 -24.25 -0.05 5.98
N SER C 114 -24.05 1.01 5.16
CA SER C 114 -24.35 1.02 3.77
C SER C 114 -23.45 2.05 3.11
N SER C 115 -23.02 1.81 1.87
CA SER C 115 -22.11 2.76 1.18
C SER C 115 -22.48 2.92 -0.26
N CYS C 116 -22.19 4.08 -0.84
CA CYS C 116 -22.37 4.23 -2.27
C CYS C 116 -21.63 5.44 -2.71
N HIS C 117 -21.39 5.51 -4.02
CA HIS C 117 -20.60 6.57 -4.65
C HIS C 117 -21.54 7.32 -5.61
N ASP C 118 -21.60 8.65 -5.52
CA ASP C 118 -22.58 9.45 -6.29
C ASP C 118 -22.03 9.94 -7.61
N GLY C 119 -20.84 9.48 -7.95
CA GLY C 119 -20.08 9.98 -9.11
C GLY C 119 -18.98 10.98 -8.76
N LYS C 120 -19.11 11.65 -7.63
CA LYS C 120 -18.05 12.56 -7.15
C LYS C 120 -17.32 12.05 -5.92
N ALA C 121 -18.04 11.40 -5.02
CA ALA C 121 -17.50 10.99 -3.74
C ALA C 121 -18.29 9.84 -3.11
N TRP C 122 -17.66 9.24 -2.11
CA TRP C 122 -18.28 8.21 -1.33
C TRP C 122 -19.18 8.78 -0.26
N LEU C 123 -20.35 8.14 -0.09
CA LEU C 123 -21.18 8.26 1.10
C LEU C 123 -21.16 6.94 1.89
N HIS C 124 -20.97 7.07 3.18
CA HIS C 124 -21.10 5.95 4.09
C HIS C 124 -22.11 6.31 5.16
N VAL C 125 -22.96 5.33 5.44
CA VAL C 125 -23.88 5.39 6.52
C VAL C 125 -23.51 4.37 7.57
N CYS C 126 -23.24 4.88 8.78
CA CYS C 126 -22.54 4.11 9.78
C CYS C 126 -23.27 4.22 11.09
N VAL C 127 -23.74 3.10 11.61
CA VAL C 127 -24.54 3.10 12.83
C VAL C 127 -23.75 2.43 13.91
N THR C 128 -23.67 3.11 15.06
CA THR C 128 -22.94 2.58 16.24
C THR C 128 -23.56 3.17 17.54
N GLY C 129 -23.10 2.70 18.69
CA GLY C 129 -23.57 3.11 20.00
C GLY C 129 -24.44 2.11 20.70
N ASP C 130 -25.14 2.58 21.74
CA ASP C 130 -26.03 1.72 22.53
C ASP C 130 -27.07 1.11 21.60
N ASP C 131 -27.40 -0.14 21.83
CA ASP C 131 -28.42 -0.86 21.07
C ASP C 131 -29.68 0.01 20.82
N ARG C 132 -30.18 0.62 21.88
CA ARG C 132 -31.50 1.22 21.87
C ARG C 132 -31.43 2.71 21.79
N ASN C 133 -30.23 3.26 21.60
CA ASN C 133 -30.08 4.71 21.47
C ASN C 133 -28.89 4.99 20.59
N ALA C 134 -28.93 4.41 19.39
CA ALA C 134 -27.75 4.46 18.49
C ALA C 134 -27.65 5.78 17.81
N THR C 135 -26.52 6.00 17.16
CA THR C 135 -26.33 7.10 16.30
C THR C 135 -25.96 6.60 14.90
N ALA C 136 -26.56 7.18 13.89
CA ALA C 136 -26.15 6.94 12.53
C ALA C 136 -25.44 8.16 12.04
N SER C 137 -24.19 7.96 11.63
CA SER C 137 -23.38 9.06 11.04
C SER C 137 -23.39 8.92 9.51
N PHE C 138 -23.38 10.05 8.86
CA PHE C 138 -23.31 10.17 7.41
C PHE C 138 -22.04 10.88 7.01
N ILE C 139 -21.23 10.16 6.26
CA ILE C 139 -19.89 10.61 5.94
C ILE C 139 -19.79 10.70 4.45
N TYR C 140 -19.47 11.91 3.98
CA TYR C 140 -19.49 12.20 2.59
C TYR C 140 -18.14 12.79 2.28
N ASP C 141 -17.47 12.20 1.30
CA ASP C 141 -16.14 12.65 0.88
C ASP C 141 -15.17 12.75 2.05
N GLY C 142 -15.18 11.74 2.90
CA GLY C 142 -14.28 11.75 4.06
C GLY C 142 -14.67 12.70 5.21
N MET C 143 -15.78 13.41 5.13
CA MET C 143 -16.20 14.34 6.19
C MET C 143 -17.57 14.03 6.75
N LEU C 144 -17.70 14.22 8.06
CA LEU C 144 -18.96 14.05 8.70
C LEU C 144 -19.92 15.13 8.29
N ALA C 145 -21.03 14.73 7.72
CA ALA C 145 -21.96 15.69 7.14
C ALA C 145 -23.30 15.77 7.87
N ASP C 146 -23.68 14.73 8.58
CA ASP C 146 -24.95 14.71 9.27
C ASP C 146 -25.02 13.51 10.20
N SER C 147 -26.03 13.49 11.07
CA SER C 147 -26.27 12.33 11.89
C SER C 147 -27.74 12.30 12.28
N ILE C 148 -28.20 11.13 12.68
CA ILE C 148 -29.52 11.00 13.21
C ILE C 148 -29.49 10.00 14.34
N GLY C 149 -30.27 10.27 15.39
CA GLY C 149 -30.50 9.35 16.50
C GLY C 149 -31.59 8.33 16.19
N SER C 150 -31.62 7.26 16.95
CA SER C 150 -32.69 6.24 16.85
C SER C 150 -34.02 6.93 17.11
N TRP C 151 -34.98 6.77 16.20
CA TRP C 151 -36.31 7.39 16.33
C TRP C 151 -37.33 6.57 17.11
N SER C 152 -37.13 5.27 17.26
CA SER C 152 -38.03 4.45 18.10
C SER C 152 -37.39 3.86 19.31
N GLN C 153 -36.08 3.98 19.43
CA GLN C 153 -35.33 3.36 20.52
C GLN C 153 -35.48 1.87 20.60
N ASN C 154 -35.59 1.26 19.42
CA ASN C 154 -35.30 -0.15 19.22
C ASN C 154 -33.87 -0.17 18.68
N ILE C 155 -33.51 -1.12 17.85
CA ILE C 155 -32.16 -1.14 17.28
C ILE C 155 -32.10 -0.59 15.87
N LEU C 156 -31.48 0.57 15.71
CA LEU C 156 -31.42 1.22 14.42
C LEU C 156 -30.40 0.48 13.55
N ARG C 157 -30.83 0.07 12.37
CA ARG C 157 -30.05 -0.72 11.45
C ARG C 157 -30.31 -0.31 9.99
N THR C 158 -29.36 -0.62 9.10
CA THR C 158 -29.52 -0.32 7.69
C THR C 158 -29.22 -1.53 6.79
N GLN C 159 -28.86 -1.27 5.54
CA GLN C 159 -28.95 -2.33 4.49
C GLN C 159 -27.95 -3.45 4.54
N GLU C 160 -26.77 -3.15 5.02
CA GLU C 160 -25.63 -4.04 4.85
C GLU C 160 -25.29 -4.37 3.36
N SER C 161 -25.61 -3.44 2.47
CA SER C 161 -25.17 -3.51 1.07
C SER C 161 -25.23 -2.10 0.47
N GLU C 162 -24.93 -1.97 -0.82
CA GLU C 162 -24.80 -0.64 -1.40
C GLU C 162 -26.13 0.15 -1.41
N CYS C 163 -26.02 1.43 -1.07
CA CYS C 163 -27.10 2.38 -1.33
C CYS C 163 -26.99 2.78 -2.81
N VAL C 164 -27.89 3.65 -3.23
CA VAL C 164 -27.99 4.03 -4.62
C VAL C 164 -28.17 5.53 -4.73
N CYS C 165 -27.43 6.14 -5.65
CA CYS C 165 -27.49 7.56 -5.88
C CYS C 165 -27.83 7.84 -7.28
N ILE C 166 -28.80 8.76 -7.47
CA ILE C 166 -29.13 9.26 -8.80
C ILE C 166 -29.13 10.77 -8.84
N ASN C 167 -28.35 11.31 -9.78
CA ASN C 167 -28.25 12.76 -9.91
C ASN C 167 -27.97 13.47 -8.59
N GLY C 168 -27.11 12.91 -7.78
CA GLY C 168 -26.67 13.63 -6.59
C GLY C 168 -27.50 13.37 -5.36
N THR C 169 -28.62 12.67 -5.52
CA THR C 169 -29.43 12.26 -4.39
C THR C 169 -29.29 10.75 -4.14
N CYS C 170 -28.89 10.43 -2.93
CA CYS C 170 -28.72 9.04 -2.52
C CYS C 170 -29.83 8.60 -1.61
N THR C 171 -30.23 7.36 -1.78
CA THR C 171 -31.29 6.83 -0.99
C THR C 171 -30.79 5.60 -0.25
N VAL C 172 -31.29 5.46 0.98
CA VAL C 172 -30.95 4.38 1.85
C VAL C 172 -32.15 4.05 2.76
N VAL C 173 -32.32 2.73 3.00
CA VAL C 173 -33.40 2.22 3.77
C VAL C 173 -32.88 1.86 5.13
N MET C 174 -33.63 2.27 6.15
CA MET C 174 -33.27 2.02 7.55
C MET C 174 -34.47 1.53 8.33
N THR C 175 -34.24 0.66 9.27
CA THR C 175 -35.28 0.12 10.11
C THR C 175 -34.82 0.27 11.56
N ASP C 176 -35.71 0.79 12.39
CA ASP C 176 -35.47 0.89 13.84
C ASP C 176 -36.44 -0.18 14.37
N GLY C 177 -35.88 -1.33 14.73
CA GLY C 177 -36.67 -2.55 14.99
C GLY C 177 -36.11 -3.47 16.06
N SER C 178 -36.86 -4.49 16.42
CA SER C 178 -36.54 -5.32 17.57
C SER C 178 -37.11 -6.68 17.31
N ALA C 179 -36.59 -7.63 18.09
CA ALA C 179 -36.93 -9.06 18.03
C ALA C 179 -38.43 -9.33 18.22
N SER C 180 -39.17 -8.45 18.91
CA SER C 180 -40.63 -8.59 19.07
C SER C 180 -41.53 -8.34 17.83
N GLY C 181 -40.98 -8.55 16.62
CA GLY C 181 -41.64 -8.22 15.35
C GLY C 181 -41.88 -6.75 15.01
N ARG C 182 -41.33 -5.87 15.84
CA ARG C 182 -41.51 -4.44 15.69
C ARG C 182 -40.49 -3.88 14.66
N ALA C 183 -40.95 -3.04 13.73
CA ALA C 183 -40.09 -2.55 12.70
C ALA C 183 -40.58 -1.19 12.21
N ASP C 184 -39.91 -0.08 12.50
CA ASP C 184 -40.27 1.20 11.95
C ASP C 184 -39.26 1.51 10.85
N THR C 185 -39.70 1.35 9.60
CA THR C 185 -38.86 1.46 8.46
C THR C 185 -39.02 2.83 7.80
N ARG C 186 -37.89 3.47 7.48
CA ARG C 186 -37.86 4.79 6.84
C ARG C 186 -36.86 4.83 5.72
N ILE C 187 -37.18 5.59 4.70
CA ILE C 187 -36.35 5.75 3.56
C ILE C 187 -35.82 7.17 3.59
N LEU C 188 -34.49 7.26 3.64
CA LEU C 188 -33.80 8.53 3.68
C LEU C 188 -33.29 8.94 2.31
N PHE C 189 -33.29 10.24 2.08
CA PHE C 189 -32.79 10.89 0.89
C PHE C 189 -31.74 11.87 1.28
N ILE C 190 -30.57 11.71 0.68
CA ILE C 190 -29.38 12.36 1.17
C ILE C 190 -28.60 13.01 0.00
N LYS C 191 -28.18 14.25 0.21
CA LYS C 191 -27.54 15.06 -0.83
C LYS C 191 -26.25 15.59 -0.24
N GLU C 192 -25.13 15.10 -0.77
CA GLU C 192 -23.80 15.43 -0.27
C GLU C 192 -23.68 15.21 1.24
N GLY C 193 -24.23 14.10 1.69
CA GLY C 193 -24.24 13.73 3.07
C GLY C 193 -25.27 14.35 3.99
N LYS C 194 -26.02 15.35 3.52
CA LYS C 194 -27.11 15.97 4.28
C LYS C 194 -28.42 15.25 4.02
N ILE C 195 -29.12 14.94 5.08
CA ILE C 195 -30.45 14.37 4.95
C ILE C 195 -31.41 15.44 4.51
N VAL C 196 -32.02 15.29 3.34
CA VAL C 196 -32.92 16.33 2.87
C VAL C 196 -34.36 15.93 3.03
N HIS C 197 -34.65 14.65 3.22
CA HIS C 197 -36.01 14.20 3.41
C HIS C 197 -36.00 12.79 3.96
N ILE C 198 -37.04 12.47 4.72
CA ILE C 198 -37.31 11.11 5.20
C ILE C 198 -38.74 10.69 4.93
N SER C 199 -38.94 9.56 4.26
CA SER C 199 -40.30 9.10 3.96
C SER C 199 -40.56 7.84 4.75
N PRO C 200 -41.74 7.71 5.31
CA PRO C 200 -42.11 6.41 5.86
C PRO C 200 -42.32 5.32 4.76
N LEU C 201 -42.14 4.08 5.14
CA LEU C 201 -42.54 2.99 4.30
C LEU C 201 -44.04 3.00 4.05
N SER C 202 -44.42 2.66 2.85
CA SER C 202 -45.82 2.61 2.48
C SER C 202 -46.02 1.40 1.51
N GLY C 203 -47.27 0.97 1.34
CA GLY C 203 -47.61 -0.19 0.51
C GLY C 203 -47.85 -1.45 1.36
N SER C 204 -47.70 -2.64 0.82
CA SER C 204 -48.15 -3.85 1.54
C SER C 204 -47.03 -4.71 2.18
N ALA C 205 -45.78 -4.31 2.03
CA ALA C 205 -44.68 -5.02 2.67
C ALA C 205 -44.74 -4.78 4.17
N GLN C 206 -44.45 -5.79 4.97
CA GLN C 206 -44.74 -5.64 6.37
C GLN C 206 -43.58 -5.56 7.33
N HIS C 207 -42.49 -6.27 7.08
CA HIS C 207 -41.41 -6.27 8.07
C HIS C 207 -40.32 -6.23 7.01
N ILE C 208 -39.41 -5.28 7.16
CA ILE C 208 -38.36 -5.04 6.23
C ILE C 208 -37.07 -4.90 6.96
N GLU C 209 -36.08 -5.65 6.47
CA GLU C 209 -34.72 -5.62 6.95
C GLU C 209 -33.79 -5.72 5.74
N GLU C 210 -32.60 -5.14 5.87
CA GLU C 210 -31.46 -5.52 5.02
C GLU C 210 -31.73 -5.55 3.48
N CYS C 211 -32.24 -4.45 2.99
CA CYS C 211 -32.58 -4.31 1.62
C CYS C 211 -31.35 -4.38 0.72
N SER C 212 -31.48 -5.17 -0.36
CA SER C 212 -30.58 -5.10 -1.51
C SER C 212 -31.24 -4.28 -2.58
N CYS C 213 -30.64 -3.14 -2.87
CA CYS C 213 -31.21 -2.12 -3.75
C CYS C 213 -30.38 -1.90 -5.02
N TYR C 214 -31.09 -1.45 -6.06
CA TYR C 214 -30.47 -1.19 -7.33
C TYR C 214 -31.15 -0.08 -8.05
N PRO C 215 -30.37 0.63 -8.86
CA PRO C 215 -30.94 1.65 -9.72
C PRO C 215 -31.73 1.05 -10.86
N ARG C 216 -32.89 1.67 -11.08
CA ARG C 216 -33.79 1.32 -12.16
C ARG C 216 -34.39 2.64 -12.68
N TYR C 217 -33.57 3.34 -13.44
CA TYR C 217 -33.75 4.72 -13.75
C TYR C 217 -35.16 5.01 -14.24
N PRO C 218 -35.78 6.13 -13.78
CA PRO C 218 -35.31 7.17 -12.85
C PRO C 218 -35.44 6.84 -11.36
N ASP C 219 -35.84 5.60 -11.03
CA ASP C 219 -36.11 5.25 -9.66
C ASP C 219 -35.11 4.25 -9.07
N VAL C 220 -35.41 3.80 -7.86
CA VAL C 220 -34.63 2.80 -7.18
C VAL C 220 -35.54 1.72 -6.70
N ARG C 221 -35.05 0.48 -6.79
CA ARG C 221 -35.85 -0.68 -6.39
C ARG C 221 -35.05 -1.57 -5.44
N CYS C 222 -35.71 -2.09 -4.40
CA CYS C 222 -35.06 -2.88 -3.38
C CYS C 222 -35.79 -4.19 -3.19
N VAL C 223 -35.05 -5.27 -2.94
CA VAL C 223 -35.60 -6.55 -2.54
C VAL C 223 -34.99 -6.87 -1.19
N CYS C 224 -35.84 -7.21 -0.25
CA CYS C 224 -35.48 -7.19 1.15
C CYS C 224 -35.74 -8.54 1.84
N ARG C 225 -35.60 -8.50 3.14
CA ARG C 225 -35.83 -9.63 4.01
C ARG C 225 -37.03 -9.32 4.94
N ASP C 226 -38.03 -10.20 4.90
CA ASP C 226 -39.11 -10.29 5.87
C ASP C 226 -38.67 -11.34 6.95
N ASN C 227 -38.43 -10.78 8.08
CA ASN C 227 -37.87 -11.19 9.36
C ASN C 227 -38.89 -12.06 10.13
N TRP C 228 -40.17 -12.00 9.77
CA TRP C 228 -41.25 -12.40 10.73
C TRP C 228 -42.34 -13.27 10.16
N LYS C 229 -42.91 -12.91 9.02
CA LYS C 229 -44.06 -13.66 8.49
C LYS C 229 -43.93 -14.27 7.13
N GLY C 230 -42.96 -13.85 6.35
CA GLY C 230 -42.86 -14.27 4.95
C GLY C 230 -41.51 -14.88 4.58
N SER C 231 -41.54 -16.00 3.90
CA SER C 231 -40.38 -16.55 3.18
C SER C 231 -40.33 -16.04 1.73
N ASN C 232 -41.37 -15.34 1.32
CA ASN C 232 -41.31 -14.57 0.06
C ASN C 232 -40.70 -13.20 0.42
N ARG C 233 -39.94 -12.63 -0.51
CA ARG C 233 -39.18 -11.40 -0.22
C ARG C 233 -39.98 -10.13 -0.54
N PRO C 234 -39.98 -9.17 0.39
CA PRO C 234 -40.56 -7.86 0.10
C PRO C 234 -39.82 -7.09 -1.00
N VAL C 235 -40.55 -6.22 -1.68
CA VAL C 235 -40.01 -5.38 -2.69
C VAL C 235 -40.43 -3.98 -2.32
N ILE C 236 -39.51 -3.06 -2.40
CA ILE C 236 -39.79 -1.65 -2.29
C ILE C 236 -39.43 -0.82 -3.50
N ASP C 237 -40.35 0.05 -3.93
CA ASP C 237 -40.09 1.04 -5.00
C ASP C 237 -40.00 2.44 -4.47
N ILE C 238 -38.98 3.14 -4.91
CA ILE C 238 -38.63 4.44 -4.37
C ILE C 238 -38.58 5.45 -5.50
N ASN C 239 -39.46 6.44 -5.43
CA ASN C 239 -39.56 7.46 -6.45
C ASN C 239 -38.64 8.58 -6.13
N MET C 240 -37.64 8.78 -6.96
CA MET C 240 -36.59 9.75 -6.65
C MET C 240 -36.96 11.20 -6.99
N ALA C 241 -38.07 11.42 -7.68
CA ALA C 241 -38.55 12.76 -8.06
C ALA C 241 -39.41 13.38 -6.98
N ASP C 242 -40.32 12.62 -6.40
CA ASP C 242 -41.23 13.16 -5.37
C ASP C 242 -41.12 12.46 -3.99
N TYR C 243 -40.17 11.55 -3.84
CA TYR C 243 -39.92 10.87 -2.55
C TYR C 243 -41.00 9.92 -2.07
N SER C 244 -41.93 9.53 -2.92
CA SER C 244 -42.99 8.61 -2.53
C SER C 244 -42.49 7.15 -2.65
N ILE C 245 -43.17 6.28 -1.92
CA ILE C 245 -42.77 4.92 -1.73
C ILE C 245 -43.91 3.94 -2.02
N ASP C 246 -43.59 2.78 -2.61
CA ASP C 246 -44.56 1.70 -2.67
C ASP C 246 -43.85 0.39 -2.34
N SER C 247 -44.60 -0.66 -2.02
CA SER C 247 -44.04 -1.93 -1.71
C SER C 247 -45.00 -3.07 -1.89
N SER C 248 -44.46 -4.27 -2.04
CA SER C 248 -45.21 -5.51 -2.23
C SER C 248 -44.24 -6.69 -2.00
N TYR C 249 -44.48 -7.88 -2.58
CA TYR C 249 -43.65 -9.07 -2.45
C TYR C 249 -43.41 -9.66 -3.82
N VAL C 250 -42.22 -10.25 -3.97
CA VAL C 250 -41.82 -10.96 -5.17
C VAL C 250 -42.82 -12.05 -5.53
N CYS C 251 -43.27 -12.03 -6.81
CA CYS C 251 -44.38 -12.89 -7.28
C CYS C 251 -44.05 -14.38 -7.29
N SER C 252 -42.81 -14.69 -7.64
CA SER C 252 -42.37 -16.06 -7.81
C SER C 252 -42.82 -17.01 -6.72
N GLY C 253 -43.37 -18.15 -7.13
CA GLY C 253 -43.70 -19.21 -6.20
C GLY C 253 -42.47 -19.99 -5.71
N LEU C 254 -41.34 -19.86 -6.42
CA LEU C 254 -40.07 -20.30 -5.89
C LEU C 254 -39.52 -19.13 -5.05
N VAL C 255 -39.56 -19.26 -3.73
CA VAL C 255 -39.28 -18.11 -2.88
C VAL C 255 -37.81 -18.04 -2.50
N GLY C 256 -37.36 -16.84 -2.12
CA GLY C 256 -35.93 -16.58 -1.91
C GLY C 256 -35.34 -16.58 -0.51
N ASP C 257 -36.19 -16.70 0.50
CA ASP C 257 -35.72 -16.61 1.88
C ASP C 257 -35.36 -17.97 2.42
N THR C 258 -34.74 -17.93 3.61
CA THR C 258 -34.39 -19.10 4.36
C THR C 258 -34.70 -18.84 5.84
N PRO C 259 -35.52 -19.71 6.49
CA PRO C 259 -36.14 -20.92 5.99
C PRO C 259 -37.31 -20.70 5.07
N ARG C 260 -37.79 -21.79 4.49
CA ARG C 260 -38.90 -21.74 3.52
C ARG C 260 -39.44 -23.15 3.30
N ASN C 261 -40.60 -23.26 2.69
CA ASN C 261 -41.15 -24.59 2.38
C ASN C 261 -40.41 -25.09 1.17
N ASP C 262 -40.49 -26.38 0.94
CA ASP C 262 -39.99 -26.99 -0.31
C ASP C 262 -40.78 -26.46 -1.50
N ASP C 263 -40.21 -26.71 -2.67
CA ASP C 263 -40.65 -26.13 -3.95
C ASP C 263 -42.06 -26.52 -4.38
N SER C 264 -42.55 -27.66 -3.96
CA SER C 264 -43.91 -27.97 -4.35
C SER C 264 -44.97 -27.36 -3.43
N SER C 265 -44.62 -26.99 -2.21
CA SER C 265 -45.62 -26.40 -1.33
C SER C 265 -45.42 -24.90 -0.99
N SER C 266 -44.48 -24.26 -1.66
CA SER C 266 -44.16 -22.87 -1.36
C SER C 266 -45.06 -22.00 -2.22
N SER C 267 -45.31 -20.77 -1.77
CA SER C 267 -46.15 -19.86 -2.56
C SER C 267 -45.92 -18.37 -2.29
N SER C 268 -46.42 -17.54 -3.21
CA SER C 268 -46.48 -16.08 -3.05
C SER C 268 -47.67 -15.56 -3.82
N ASN C 269 -48.40 -14.62 -3.24
CA ASN C 269 -49.48 -13.94 -3.98
C ASN C 269 -49.17 -12.52 -4.42
N CYS C 270 -47.90 -12.12 -4.42
CA CYS C 270 -47.44 -10.75 -4.83
C CYS C 270 -47.73 -9.63 -3.84
N ARG C 271 -48.59 -9.87 -2.86
CA ARG C 271 -49.11 -8.76 -2.08
C ARG C 271 -48.77 -8.89 -0.59
N ASP C 272 -48.82 -10.11 -0.08
CA ASP C 272 -48.73 -10.34 1.35
C ASP C 272 -47.65 -11.33 1.69
N PRO C 273 -47.19 -11.26 2.95
CA PRO C 273 -46.25 -12.29 3.38
C PRO C 273 -47.01 -13.59 3.29
N ASN C 274 -46.32 -14.65 2.94
CA ASN C 274 -46.96 -15.95 2.69
C ASN C 274 -47.24 -16.77 3.93
N ASN C 275 -46.77 -16.33 5.10
CA ASN C 275 -46.91 -17.06 6.36
C ASN C 275 -46.35 -18.48 6.38
N GLU C 276 -45.29 -18.70 5.62
CA GLU C 276 -44.65 -19.98 5.51
C GLU C 276 -43.22 -19.79 6.03
N ARG C 277 -43.00 -20.25 7.25
CA ARG C 277 -41.67 -20.26 7.84
C ARG C 277 -40.97 -18.91 7.72
N GLY C 278 -41.66 -17.89 8.19
CA GLY C 278 -41.27 -16.52 8.00
C GLY C 278 -40.08 -16.01 8.82
N ASN C 279 -39.75 -16.67 9.90
CA ASN C 279 -38.65 -16.20 10.72
C ASN C 279 -37.50 -17.23 10.80
N PRO C 280 -36.25 -16.78 10.93
CA PRO C 280 -35.82 -15.36 10.96
C PRO C 280 -35.50 -14.73 9.57
N GLY C 281 -35.39 -15.56 8.53
CA GLY C 281 -34.94 -15.07 7.24
C GLY C 281 -33.46 -14.81 7.13
N VAL C 282 -33.06 -14.34 5.96
CA VAL C 282 -31.67 -14.03 5.67
C VAL C 282 -31.61 -12.93 4.62
N LYS C 283 -30.59 -12.07 4.67
CA LYS C 283 -30.42 -11.06 3.60
C LYS C 283 -30.14 -11.74 2.24
N GLY C 284 -30.85 -11.30 1.22
CA GLY C 284 -30.71 -11.79 -0.13
C GLY C 284 -31.15 -10.76 -1.14
N TRP C 285 -31.33 -11.19 -2.38
CA TRP C 285 -31.56 -10.30 -3.51
C TRP C 285 -32.38 -10.97 -4.63
N ALA C 286 -32.90 -10.10 -5.48
CA ALA C 286 -33.57 -10.49 -6.74
C ALA C 286 -33.72 -9.26 -7.59
N PHE C 287 -33.88 -9.46 -8.89
CA PHE C 287 -34.17 -8.35 -9.75
C PHE C 287 -35.06 -8.78 -10.92
N ASP C 288 -35.73 -7.78 -11.48
CA ASP C 288 -36.67 -7.95 -12.55
C ASP C 288 -36.03 -7.82 -13.91
N ASN C 289 -36.48 -8.66 -14.83
CA ASN C 289 -36.21 -8.47 -16.25
C ASN C 289 -37.49 -8.73 -17.02
N GLY C 290 -38.22 -7.64 -17.27
CA GLY C 290 -39.57 -7.74 -17.83
C GLY C 290 -40.49 -8.51 -16.89
N ASN C 291 -41.01 -9.62 -17.37
CA ASN C 291 -41.89 -10.48 -16.59
C ASN C 291 -41.15 -11.49 -15.75
N ASP C 292 -39.86 -11.62 -16.04
CA ASP C 292 -39.02 -12.61 -15.39
C ASP C 292 -38.34 -12.03 -14.15
N VAL C 293 -37.92 -12.93 -13.25
CA VAL C 293 -37.05 -12.54 -12.16
C VAL C 293 -35.79 -13.36 -12.23
N TRP C 294 -34.69 -12.72 -11.87
CA TRP C 294 -33.48 -13.43 -11.49
C TRP C 294 -33.35 -13.35 -9.98
N MET C 295 -32.93 -14.44 -9.37
CA MET C 295 -32.79 -14.44 -7.93
C MET C 295 -31.77 -15.46 -7.48
N GLY C 296 -31.24 -15.24 -6.28
CA GLY C 296 -30.42 -16.21 -5.59
C GLY C 296 -31.09 -16.70 -4.34
N ARG C 297 -30.62 -17.83 -3.82
CA ARG C 297 -31.04 -18.32 -2.53
C ARG C 297 -30.19 -19.47 -2.06
N THR C 298 -30.27 -19.77 -0.78
CA THR C 298 -29.51 -20.87 -0.20
C THR C 298 -30.10 -22.14 -0.81
N ILE C 299 -29.29 -23.20 -0.92
CA ILE C 299 -29.81 -24.45 -1.45
C ILE C 299 -30.68 -25.15 -0.41
N SER C 300 -30.25 -25.15 0.85
CA SER C 300 -31.06 -25.69 1.91
C SER C 300 -32.27 -24.79 2.15
N GLU C 301 -33.38 -25.42 2.45
CA GLU C 301 -34.59 -24.75 2.86
C GLU C 301 -34.62 -24.46 4.35
N ASP C 302 -33.70 -25.06 5.08
CA ASP C 302 -33.67 -24.93 6.55
C ASP C 302 -32.59 -24.04 7.04
N SER C 303 -31.41 -24.12 6.44
CA SER C 303 -30.28 -23.43 7.02
C SER C 303 -29.47 -22.75 5.93
N ARG C 304 -28.55 -21.91 6.39
CA ARG C 304 -27.75 -21.07 5.48
C ARG C 304 -26.57 -21.88 4.96
N SER C 305 -26.92 -22.82 4.11
CA SER C 305 -25.97 -23.70 3.51
C SER C 305 -26.27 -23.77 1.98
N GLY C 306 -25.20 -23.77 1.19
CA GLY C 306 -25.30 -23.74 -0.25
C GLY C 306 -25.75 -22.41 -0.79
N TYR C 307 -25.65 -22.27 -2.08
CA TYR C 307 -26.19 -21.13 -2.81
C TYR C 307 -26.41 -21.44 -4.30
N GLU C 308 -27.52 -20.97 -4.84
CA GLU C 308 -27.97 -21.24 -6.23
C GLU C 308 -28.61 -19.99 -6.78
N THR C 309 -28.52 -19.84 -8.08
CA THR C 309 -29.21 -18.77 -8.79
C THR C 309 -30.03 -19.39 -9.93
N PHE C 310 -31.06 -18.66 -10.33
CA PHE C 310 -31.81 -19.02 -11.45
C PHE C 310 -32.75 -17.93 -11.81
N ARG C 311 -33.39 -18.16 -12.94
CA ARG C 311 -34.42 -17.30 -13.44
C ARG C 311 -35.74 -18.02 -13.35
N VAL C 312 -36.78 -17.26 -12.99
CA VAL C 312 -38.14 -17.81 -13.01
C VAL C 312 -38.93 -17.07 -14.08
N THR C 313 -39.37 -17.79 -15.12
CA THR C 313 -40.08 -17.15 -16.25
C THR C 313 -41.43 -16.73 -15.69
N ASP C 314 -41.80 -15.49 -15.96
CA ASP C 314 -43.02 -14.90 -15.41
C ASP C 314 -43.02 -14.73 -13.91
N GLY C 315 -41.87 -14.90 -13.28
CA GLY C 315 -41.79 -14.87 -11.82
C GLY C 315 -41.86 -13.47 -11.23
N TRP C 316 -41.75 -12.44 -12.08
CA TRP C 316 -41.91 -11.08 -11.61
C TRP C 316 -43.34 -10.55 -11.65
N THR C 317 -44.13 -10.97 -12.63
CA THR C 317 -45.46 -10.39 -12.80
C THR C 317 -46.64 -11.35 -12.64
N THR C 318 -46.40 -12.66 -12.55
CA THR C 318 -47.47 -13.64 -12.33
C THR C 318 -47.28 -14.35 -10.99
N ALA C 319 -48.27 -14.21 -10.14
CA ALA C 319 -48.29 -14.83 -8.85
C ALA C 319 -48.03 -16.34 -8.97
N ASN C 320 -47.06 -16.78 -8.19
CA ASN C 320 -46.84 -18.17 -7.95
C ASN C 320 -46.17 -18.95 -9.09
N SER C 321 -45.58 -18.27 -10.06
CA SER C 321 -44.88 -18.99 -11.13
C SER C 321 -43.71 -19.80 -10.52
N LYS C 322 -43.57 -21.03 -11.02
CA LYS C 322 -42.57 -21.98 -10.52
C LYS C 322 -41.74 -22.54 -11.64
N SER C 323 -41.69 -21.77 -12.70
CA SER C 323 -41.12 -22.18 -13.93
C SER C 323 -39.61 -21.74 -14.04
N GLN C 324 -38.71 -22.52 -13.45
CA GLN C 324 -37.32 -22.11 -13.48
C GLN C 324 -36.54 -22.59 -14.67
N VAL C 325 -35.54 -21.79 -14.97
CA VAL C 325 -34.62 -22.05 -16.00
C VAL C 325 -33.27 -21.37 -15.62
N ASN C 326 -32.18 -21.89 -16.18
CA ASN C 326 -30.84 -21.34 -16.04
C ASN C 326 -30.30 -21.41 -14.63
N ARG C 327 -30.56 -22.51 -13.96
CA ARG C 327 -30.04 -22.71 -12.67
C ARG C 327 -28.54 -22.91 -12.68
N GLN C 328 -27.88 -22.31 -11.67
CA GLN C 328 -26.48 -22.51 -11.41
C GLN C 328 -26.24 -22.68 -9.94
N ILE C 329 -25.41 -23.67 -9.62
CA ILE C 329 -24.83 -23.79 -8.32
C ILE C 329 -23.62 -22.86 -8.17
N ILE C 330 -23.67 -22.06 -7.13
CA ILE C 330 -22.56 -21.21 -6.76
C ILE C 330 -21.72 -21.80 -5.67
N VAL C 331 -22.42 -22.27 -4.62
CA VAL C 331 -21.78 -22.93 -3.51
C VAL C 331 -22.57 -24.21 -3.27
N ASP C 332 -21.92 -25.37 -3.28
CA ASP C 332 -22.61 -26.63 -3.05
C ASP C 332 -23.14 -26.73 -1.62
N ASN C 333 -24.12 -27.63 -1.46
CA ASN C 333 -24.84 -27.80 -0.21
C ASN C 333 -24.10 -28.55 0.91
N ASN C 334 -22.84 -28.90 0.72
CA ASN C 334 -21.97 -29.26 1.85
C ASN C 334 -21.19 -28.11 2.48
N ASN C 335 -21.45 -26.86 2.09
CA ASN C 335 -20.69 -25.72 2.56
C ASN C 335 -21.61 -24.60 3.01
N TRP C 336 -21.12 -23.81 3.96
CA TRP C 336 -21.85 -22.74 4.58
C TRP C 336 -21.83 -21.56 3.69
N SER C 337 -22.99 -20.92 3.65
CA SER C 337 -23.16 -19.64 2.96
C SER C 337 -23.45 -18.56 4.04
N GLY C 338 -24.44 -17.72 3.80
CA GLY C 338 -24.62 -16.55 4.63
C GLY C 338 -25.43 -15.51 3.91
N TYR C 339 -25.22 -14.25 4.27
CA TYR C 339 -25.90 -13.12 3.55
C TYR C 339 -25.49 -13.07 2.06
N SER C 340 -26.35 -12.53 1.23
CA SER C 340 -25.96 -12.22 -0.15
C SER C 340 -26.60 -10.93 -0.51
N GLY C 341 -26.06 -10.30 -1.54
CA GLY C 341 -26.60 -9.01 -1.98
C GLY C 341 -26.18 -8.65 -3.40
N ILE C 342 -26.84 -7.64 -3.91
CA ILE C 342 -26.68 -7.18 -5.23
C ILE C 342 -25.79 -5.94 -5.27
N PHE C 343 -25.06 -5.79 -6.36
CA PHE C 343 -24.50 -4.48 -6.74
C PHE C 343 -24.61 -4.32 -8.27
N SER C 344 -24.48 -3.07 -8.71
CA SER C 344 -24.69 -2.73 -10.11
C SER C 344 -23.46 -2.04 -10.70
N VAL C 345 -23.22 -2.31 -11.99
CA VAL C 345 -22.03 -1.85 -12.68
C VAL C 345 -22.40 -1.23 -14.01
N GLU C 346 -21.90 -0.02 -14.24
CA GLU C 346 -22.22 0.76 -15.43
C GLU C 346 -21.24 0.42 -16.53
N GLY C 347 -21.72 -0.20 -17.60
CA GLY C 347 -20.87 -0.39 -18.78
C GLY C 347 -21.05 0.80 -19.71
N LYS C 348 -20.52 0.71 -20.94
CA LYS C 348 -20.66 1.82 -21.88
C LYS C 348 -22.12 1.98 -22.33
N SER C 349 -22.84 0.88 -22.50
N SER C 349 -22.84 0.89 -22.51
CA SER C 349 -24.23 0.96 -23.02
CA SER C 349 -24.23 0.98 -23.02
C SER C 349 -25.31 0.38 -22.09
C SER C 349 -25.31 0.39 -22.09
N CYS C 350 -24.92 -0.36 -21.05
CA CYS C 350 -25.90 -0.95 -20.15
C CYS C 350 -25.40 -1.16 -18.74
N ILE C 351 -26.33 -1.38 -17.84
CA ILE C 351 -26.08 -1.57 -16.42
C ILE C 351 -26.15 -3.08 -16.15
N ASN C 352 -25.04 -3.63 -15.70
CA ASN C 352 -24.97 -5.07 -15.33
C ASN C 352 -25.24 -5.24 -13.81
N ARG C 353 -25.79 -6.40 -13.48
CA ARG C 353 -26.13 -6.76 -12.11
C ARG C 353 -25.20 -7.87 -11.73
N CYS C 354 -24.66 -7.73 -10.53
CA CYS C 354 -23.72 -8.69 -9.94
C CYS C 354 -24.13 -8.96 -8.48
N PHE C 355 -23.60 -10.03 -7.90
CA PHE C 355 -23.94 -10.35 -6.55
C PHE C 355 -22.76 -10.96 -5.84
N TYR C 356 -22.81 -10.88 -4.49
CA TYR C 356 -21.80 -11.43 -3.61
C TYR C 356 -22.52 -12.43 -2.71
N VAL C 357 -21.80 -13.45 -2.28
CA VAL C 357 -22.25 -14.37 -1.22
C VAL C 357 -21.24 -14.41 -0.06
N GLU C 358 -21.73 -14.15 1.13
CA GLU C 358 -20.96 -14.24 2.37
C GLU C 358 -20.87 -15.71 2.71
N LEU C 359 -19.67 -16.19 2.96
CA LEU C 359 -19.39 -17.60 3.35
C LEU C 359 -18.93 -17.59 4.81
N ILE C 360 -19.87 -17.86 5.70
CA ILE C 360 -19.63 -17.71 7.13
C ILE C 360 -18.93 -18.97 7.67
N ARG C 361 -17.85 -18.78 8.42
CA ARG C 361 -17.17 -19.84 9.12
C ARG C 361 -17.10 -19.57 10.64
N GLY C 362 -16.99 -20.64 11.40
CA GLY C 362 -16.93 -20.54 12.85
C GLY C 362 -18.29 -20.62 13.51
N ARG C 363 -18.45 -19.93 14.64
CA ARG C 363 -19.64 -20.06 15.46
C ARG C 363 -20.84 -19.43 14.75
N PRO C 364 -22.06 -19.95 14.97
CA PRO C 364 -22.42 -21.08 15.84
C PRO C 364 -22.29 -22.49 15.22
N GLN C 365 -22.16 -22.60 13.90
CA GLN C 365 -22.15 -23.92 13.28
C GLN C 365 -20.90 -24.72 13.54
N GLU C 366 -19.75 -24.08 13.67
CA GLU C 366 -18.46 -24.79 13.85
C GLU C 366 -17.82 -24.44 15.23
N THR C 367 -17.92 -25.34 16.19
CA THR C 367 -17.57 -25.05 17.58
C THR C 367 -16.16 -25.43 17.99
N ARG C 368 -15.38 -26.00 17.10
CA ARG C 368 -13.99 -26.17 17.42
C ARG C 368 -13.29 -24.81 17.70
N VAL C 369 -13.75 -23.76 17.06
CA VAL C 369 -13.17 -22.43 17.23
C VAL C 369 -14.13 -21.54 18.02
N TRP C 370 -13.62 -20.42 18.51
CA TRP C 370 -14.38 -19.47 19.34
C TRP C 370 -14.82 -18.20 18.58
N TRP C 371 -14.39 -18.06 17.33
CA TRP C 371 -14.61 -16.87 16.54
C TRP C 371 -15.70 -17.14 15.47
N THR C 372 -16.15 -16.07 14.84
CA THR C 372 -17.05 -16.14 13.70
C THR C 372 -16.47 -15.15 12.69
N SER C 373 -16.35 -15.56 11.44
CA SER C 373 -15.85 -14.65 10.40
C SER C 373 -16.35 -15.12 9.05
N ASN C 374 -15.91 -14.48 7.98
CA ASN C 374 -16.42 -14.90 6.68
C ASN C 374 -15.41 -14.67 5.58
N SER C 375 -15.57 -15.33 4.44
CA SER C 375 -15.01 -14.87 3.20
C SER C 375 -16.12 -14.51 2.22
N ILE C 376 -15.77 -14.11 1.00
CA ILE C 376 -16.75 -13.85 -0.06
C ILE C 376 -16.42 -14.44 -1.43
N VAL C 377 -17.45 -14.61 -2.21
CA VAL C 377 -17.33 -14.98 -3.58
C VAL C 377 -18.32 -14.06 -4.32
N VAL C 378 -17.94 -13.65 -5.53
CA VAL C 378 -18.63 -12.67 -6.31
C VAL C 378 -18.77 -13.14 -7.76
N PHE C 379 -19.96 -12.94 -8.32
CA PHE C 379 -20.31 -13.33 -9.69
C PHE C 379 -21.01 -12.19 -10.37
N CYS C 380 -20.92 -12.14 -11.70
CA CYS C 380 -21.50 -11.01 -12.46
C CYS C 380 -22.26 -11.51 -13.66
N GLY C 381 -23.27 -10.76 -14.04
CA GLY C 381 -24.11 -11.13 -15.19
C GLY C 381 -23.31 -11.27 -16.46
N THR C 382 -23.61 -12.29 -17.26
CA THR C 382 -22.99 -12.50 -18.54
C THR C 382 -24.06 -12.74 -19.60
N SER C 383 -23.77 -12.32 -20.82
CA SER C 383 -24.59 -12.72 -21.93
C SER C 383 -23.94 -13.81 -22.78
N GLY C 384 -22.82 -14.36 -22.31
CA GLY C 384 -22.18 -15.48 -23.02
C GLY C 384 -22.61 -16.87 -22.55
N THR C 385 -21.71 -17.83 -22.63
CA THR C 385 -21.96 -19.16 -22.11
C THR C 385 -21.00 -19.46 -20.95
N TYR C 386 -21.32 -20.54 -20.24
CA TYR C 386 -20.60 -20.91 -19.06
C TYR C 386 -20.81 -22.37 -18.77
N GLY C 387 -20.06 -22.88 -17.79
CA GLY C 387 -20.14 -24.28 -17.36
C GLY C 387 -20.71 -24.43 -15.96
N THR C 388 -20.10 -25.31 -15.17
CA THR C 388 -20.50 -25.56 -13.78
C THR C 388 -19.34 -25.57 -12.83
N GLY C 389 -19.66 -25.43 -11.56
CA GLY C 389 -18.67 -25.56 -10.48
C GLY C 389 -19.22 -25.33 -9.09
N SER C 390 -18.31 -25.18 -8.14
CA SER C 390 -18.69 -24.81 -6.79
C SER C 390 -17.52 -24.08 -6.16
N TRP C 391 -17.81 -22.93 -5.55
CA TRP C 391 -16.76 -22.06 -5.06
C TRP C 391 -16.98 -21.69 -3.60
N PRO C 392 -16.80 -22.65 -2.70
CA PRO C 392 -17.03 -22.38 -1.27
C PRO C 392 -15.80 -21.73 -0.63
N ASP C 393 -15.87 -21.53 0.68
CA ASP C 393 -14.84 -20.82 1.41
C ASP C 393 -13.48 -21.53 1.30
N GLY C 394 -13.49 -22.83 1.54
CA GLY C 394 -12.35 -23.71 1.32
C GLY C 394 -11.44 -23.91 2.47
N ALA C 395 -11.69 -23.25 3.61
CA ALA C 395 -10.82 -23.47 4.73
C ALA C 395 -11.14 -24.81 5.40
N ASN C 396 -10.13 -25.45 5.94
CA ASN C 396 -10.25 -26.59 6.81
C ASN C 396 -10.24 -26.14 8.28
N ILE C 397 -11.35 -26.39 8.97
CA ILE C 397 -11.56 -25.82 10.29
C ILE C 397 -10.52 -26.33 11.26
N ASN C 398 -9.98 -27.51 10.99
CA ASN C 398 -8.91 -28.07 11.84
C ASN C 398 -7.56 -27.44 11.71
N PHE C 399 -7.34 -26.64 10.68
CA PHE C 399 -6.05 -25.99 10.46
C PHE C 399 -6.05 -24.57 11.06
N MET C 400 -7.17 -24.13 11.61
CA MET C 400 -7.31 -22.74 12.07
C MET C 400 -6.87 -22.52 13.52
N PRO C 401 -6.33 -21.34 13.82
CA PRO C 401 -6.26 -20.84 15.22
C PRO C 401 -7.63 -20.91 15.86
N ILE C 402 -7.70 -21.07 17.15
CA ILE C 402 -8.89 -21.66 17.76
C ILE C 402 -10.07 -20.78 18.33
N ALA D 15 5.46 17.51 -18.19
CA ALA D 15 6.73 17.55 -17.41
C ALA D 15 7.94 17.82 -18.32
N GLU D 16 8.85 18.64 -17.80
CA GLU D 16 10.03 19.09 -18.50
C GLU D 16 11.22 18.42 -17.77
N TYR D 17 12.39 18.40 -18.39
CA TYR D 17 13.61 17.98 -17.72
C TYR D 17 14.01 18.94 -16.61
N ARG D 18 14.56 18.40 -15.53
CA ARG D 18 15.22 19.21 -14.51
C ARG D 18 16.56 19.71 -14.95
N ASN D 19 16.89 20.93 -14.48
CA ASN D 19 18.20 21.54 -14.74
C ASN D 19 19.04 21.87 -13.52
N TRP D 20 18.43 21.93 -12.34
CA TRP D 20 19.12 22.34 -11.12
C TRP D 20 19.84 23.70 -11.30
N SER D 21 19.25 24.61 -12.08
CA SER D 21 19.91 25.84 -12.41
C SER D 21 19.59 26.92 -11.39
N LYS D 22 20.02 26.69 -10.16
CA LYS D 22 19.94 27.66 -9.10
C LYS D 22 21.21 27.58 -8.31
N PRO D 23 21.62 28.68 -7.67
CA PRO D 23 22.74 28.57 -6.74
C PRO D 23 22.45 27.67 -5.52
N GLN D 24 23.53 27.27 -4.87
CA GLN D 24 23.51 26.53 -3.65
C GLN D 24 23.00 27.37 -2.43
N CYS D 25 22.12 26.80 -1.62
CA CYS D 25 21.63 27.46 -0.41
C CYS D 25 22.79 27.68 0.56
N GLN D 26 22.83 28.84 1.20
CA GLN D 26 23.81 29.15 2.23
C GLN D 26 23.28 28.59 3.52
N ILE D 27 24.01 27.64 4.09
CA ILE D 27 23.55 26.92 5.26
C ILE D 27 24.44 27.20 6.47
N THR D 28 23.90 26.96 7.65
CA THR D 28 24.62 27.18 8.92
C THR D 28 24.96 25.88 9.57
N GLY D 29 24.51 24.80 8.92
CA GLY D 29 24.56 23.47 9.48
C GLY D 29 23.42 22.59 8.94
N PHE D 30 23.12 21.54 9.68
CA PHE D 30 22.11 20.62 9.28
C PHE D 30 21.11 20.38 10.35
N ALA D 31 19.90 20.06 9.90
CA ALA D 31 18.78 19.73 10.79
C ALA D 31 18.22 18.34 10.52
N PRO D 32 17.66 17.71 11.56
CA PRO D 32 17.08 16.40 11.43
C PRO D 32 15.95 16.37 10.43
N PHE D 33 15.96 15.33 9.60
CA PHE D 33 14.94 15.17 8.53
C PHE D 33 14.21 13.82 8.59
N SER D 34 14.91 12.67 8.70
CA SER D 34 14.23 11.40 8.67
C SER D 34 15.05 10.34 9.34
N LYS D 35 14.37 9.31 9.78
CA LYS D 35 15.01 8.16 10.42
C LYS D 35 14.10 6.96 10.20
N ASP D 36 14.64 5.80 9.85
CA ASP D 36 13.72 4.71 9.56
C ASP D 36 13.55 3.61 10.60
N ASN D 37 14.43 3.50 11.58
CA ASN D 37 14.26 2.54 12.63
C ASN D 37 14.16 1.06 12.21
N SER D 38 14.74 0.72 11.05
CA SER D 38 14.60 -0.64 10.49
C SER D 38 14.97 -1.80 11.38
N ILE D 39 16.07 -1.65 12.10
CA ILE D 39 16.58 -2.77 12.93
C ILE D 39 15.72 -2.96 14.16
N ARG D 40 15.35 -1.85 14.82
CA ARG D 40 14.38 -1.91 15.92
C ARG D 40 13.09 -2.57 15.49
N LEU D 41 12.60 -2.20 14.31
CA LEU D 41 11.39 -2.85 13.78
C LEU D 41 11.53 -4.33 13.37
N SER D 42 12.71 -4.69 12.87
CA SER D 42 13.05 -6.07 12.51
C SER D 42 12.88 -7.09 13.61
N ALA D 43 12.98 -6.64 14.85
CA ALA D 43 12.78 -7.49 16.02
C ALA D 43 11.32 -7.78 16.36
N GLY D 44 10.39 -7.22 15.61
CA GLY D 44 8.99 -7.56 15.78
C GLY D 44 8.22 -7.25 14.52
N GLY D 45 8.66 -7.85 13.44
CA GLY D 45 8.06 -7.63 12.14
C GLY D 45 8.99 -8.13 11.03
N ASP D 46 8.41 -8.27 9.85
CA ASP D 46 9.07 -8.74 8.65
C ASP D 46 9.63 -7.55 7.84
N ILE D 47 10.95 -7.36 7.96
CA ILE D 47 11.69 -6.25 7.42
C ILE D 47 12.90 -6.79 6.64
N TRP D 48 13.17 -6.20 5.48
CA TRP D 48 14.22 -6.64 4.58
C TRP D 48 15.57 -6.46 5.24
N VAL D 49 16.48 -7.40 4.97
CA VAL D 49 17.87 -7.22 5.26
C VAL D 49 18.47 -6.44 4.08
N THR D 50 19.25 -5.40 4.41
CA THR D 50 19.82 -4.51 3.41
C THR D 50 21.24 -4.03 3.76
N ARG D 51 21.81 -3.35 2.80
CA ARG D 51 22.97 -2.50 2.97
C ARG D 51 23.11 -1.56 1.77
N GLU D 52 24.04 -0.62 1.90
CA GLU D 52 24.32 0.33 0.85
C GLU D 52 23.05 1.14 0.50
N PRO D 53 22.45 1.77 1.52
CA PRO D 53 21.30 2.60 1.23
C PRO D 53 21.66 3.96 0.68
N TYR D 54 20.65 4.60 0.10
CA TYR D 54 20.79 6.01 -0.29
C TYR D 54 19.44 6.66 -0.48
N VAL D 55 19.46 7.94 -0.77
CA VAL D 55 18.23 8.73 -0.84
C VAL D 55 18.29 9.54 -2.15
N SER D 56 17.17 9.68 -2.81
CA SER D 56 17.05 10.50 -4.02
C SER D 56 15.58 10.97 -4.15
N CYS D 57 15.38 12.20 -4.62
CA CYS D 57 14.06 12.82 -4.74
C CYS D 57 13.72 13.08 -6.21
N SER D 58 12.54 12.69 -6.63
CA SER D 58 11.93 13.22 -7.84
C SER D 58 11.48 14.66 -7.51
N PRO D 59 10.94 15.37 -8.47
CA PRO D 59 10.40 16.73 -8.14
C PRO D 59 9.20 16.67 -7.20
N GLY D 60 8.44 15.57 -7.24
CA GLY D 60 7.29 15.38 -6.34
C GLY D 60 7.56 14.77 -4.97
N LYS D 61 8.49 13.82 -4.87
CA LYS D 61 8.87 13.27 -3.58
C LYS D 61 10.21 12.53 -3.44
N CYS D 62 10.55 12.28 -2.18
CA CYS D 62 11.76 11.62 -1.78
C CYS D 62 11.61 10.14 -1.54
N TYR D 63 12.66 9.38 -1.94
CA TYR D 63 12.64 7.93 -1.78
C TYR D 63 13.90 7.47 -1.08
N GLN D 64 13.78 6.39 -0.31
CA GLN D 64 14.94 5.69 0.17
C GLN D 64 15.16 4.42 -0.63
N PHE D 65 16.41 4.11 -0.88
CA PHE D 65 16.80 2.96 -1.66
C PHE D 65 17.77 2.14 -0.84
N ALA D 66 17.87 0.87 -1.20
CA ALA D 66 18.96 0.07 -0.66
C ALA D 66 19.10 -1.24 -1.44
N LEU D 67 20.20 -1.95 -1.23
CA LEU D 67 20.38 -3.26 -1.83
C LEU D 67 19.93 -4.33 -0.87
N GLY D 68 18.84 -4.98 -1.22
CA GLY D 68 18.35 -6.08 -0.37
C GLY D 68 19.26 -7.29 -0.51
N GLN D 69 19.10 -8.21 0.41
CA GLN D 69 19.79 -9.46 0.41
C GLN D 69 18.86 -10.62 0.16
N GLY D 70 17.72 -10.33 -0.49
CA GLY D 70 16.79 -11.38 -0.88
C GLY D 70 16.22 -12.16 0.31
N THR D 71 16.13 -11.49 1.44
CA THR D 71 15.56 -12.08 2.64
C THR D 71 15.14 -10.99 3.60
N THR D 72 14.21 -11.36 4.47
CA THR D 72 13.94 -10.58 5.67
C THR D 72 14.92 -10.98 6.78
N LEU D 73 14.90 -10.25 7.86
CA LEU D 73 15.89 -10.45 8.94
C LEU D 73 15.55 -11.58 9.84
N ASN D 74 14.30 -11.71 10.24
CA ASN D 74 13.92 -12.90 11.04
C ASN D 74 13.52 -14.06 10.10
N ASN D 75 14.56 -14.68 9.55
CA ASN D 75 14.48 -15.59 8.47
C ASN D 75 15.87 -16.25 8.47
N LYS D 76 15.93 -17.55 8.41
CA LYS D 76 17.21 -18.25 8.36
C LYS D 76 18.08 -17.92 7.17
N HIS D 77 17.50 -17.45 6.06
CA HIS D 77 18.37 -16.95 4.98
C HIS D 77 19.17 -15.66 5.31
N SER D 78 18.92 -15.02 6.45
CA SER D 78 19.71 -13.84 6.82
C SER D 78 21.15 -14.22 7.23
N ASN D 79 21.38 -15.49 7.49
CA ASN D 79 22.69 -15.99 7.87
C ASN D 79 23.69 -15.75 6.77
N GLY D 80 24.79 -15.08 7.05
CA GLY D 80 25.82 -14.91 6.01
C GLY D 80 25.65 -13.68 5.11
N THR D 81 24.79 -12.75 5.52
CA THR D 81 24.54 -11.56 4.73
C THR D 81 25.59 -10.46 4.79
N ILE D 82 26.72 -10.76 5.41
CA ILE D 82 27.88 -9.90 5.26
C ILE D 82 28.43 -9.89 3.80
N HIS D 83 28.33 -11.01 3.09
CA HIS D 83 28.79 -11.09 1.67
C HIS D 83 28.05 -10.11 0.79
N ASP D 84 28.82 -9.37 0.00
CA ASP D 84 28.33 -8.26 -0.81
C ASP D 84 27.62 -8.68 -2.11
N ARG D 85 28.00 -9.80 -2.71
CA ARG D 85 27.56 -10.08 -4.11
C ARG D 85 26.97 -11.43 -4.30
N ILE D 86 25.67 -11.49 -4.25
CA ILE D 86 24.92 -12.72 -4.55
C ILE D 86 23.81 -12.38 -5.59
N PRO D 87 23.34 -13.39 -6.31
CA PRO D 87 22.37 -13.15 -7.37
C PRO D 87 21.00 -12.71 -6.87
N HIS D 88 20.76 -12.86 -5.57
CA HIS D 88 19.47 -12.50 -5.01
C HIS D 88 19.38 -11.03 -4.56
N ARG D 89 20.46 -10.26 -4.69
CA ARG D 89 20.40 -8.86 -4.33
C ARG D 89 19.60 -8.08 -5.36
N THR D 90 18.68 -7.23 -4.86
CA THR D 90 17.84 -6.40 -5.69
C THR D 90 17.82 -4.99 -5.12
N LEU D 91 17.62 -4.03 -6.00
CA LEU D 91 17.45 -2.66 -5.57
C LEU D 91 16.05 -2.37 -5.03
N LEU D 92 15.97 -2.03 -3.72
CA LEU D 92 14.72 -1.68 -3.03
C LEU D 92 14.46 -0.20 -3.09
N MET D 93 13.21 0.18 -3.30
CA MET D 93 12.78 1.58 -3.41
C MET D 93 11.48 1.80 -2.65
N SER D 94 11.51 2.72 -1.71
CA SER D 94 10.35 3.02 -0.86
C SER D 94 10.31 4.50 -0.56
N GLU D 95 9.14 5.05 -0.36
CA GLU D 95 9.06 6.52 -0.03
C GLU D 95 9.83 6.76 1.25
N LEU D 96 10.55 7.86 1.31
CA LEU D 96 11.40 8.14 2.44
C LEU D 96 10.57 8.13 3.74
N GLY D 97 11.01 7.37 4.71
CA GLY D 97 10.30 7.19 5.98
C GLY D 97 9.46 5.94 6.09
N VAL D 98 9.14 5.31 4.94
CA VAL D 98 8.41 4.07 4.93
C VAL D 98 9.47 2.96 4.98
N PRO D 99 9.46 2.14 6.02
CA PRO D 99 10.52 1.10 6.13
C PRO D 99 10.41 0.00 5.08
N PHE D 100 11.47 -0.78 4.93
CA PHE D 100 11.56 -1.75 3.87
C PHE D 100 10.84 -3.02 4.34
N HIS D 101 9.53 -3.01 4.22
CA HIS D 101 8.66 -4.12 4.59
C HIS D 101 8.35 -4.97 3.34
N LEU D 102 7.52 -5.99 3.49
CA LEU D 102 7.24 -6.92 2.38
C LEU D 102 6.52 -6.37 1.14
N GLY D 103 5.86 -5.22 1.25
CA GLY D 103 5.29 -4.57 0.11
C GLY D 103 6.28 -3.69 -0.66
N THR D 104 7.54 -3.69 -0.26
CA THR D 104 8.49 -2.86 -0.95
C THR D 104 8.75 -3.40 -2.37
N LYS D 105 8.83 -2.46 -3.30
CA LYS D 105 9.16 -2.76 -4.69
C LYS D 105 10.68 -3.06 -4.88
N GLN D 106 10.96 -4.19 -5.52
CA GLN D 106 12.30 -4.51 -6.03
C GLN D 106 12.37 -4.06 -7.45
N VAL D 107 13.14 -3.01 -7.66
CA VAL D 107 13.11 -2.27 -8.90
C VAL D 107 14.02 -2.91 -9.99
N CYS D 108 15.04 -3.66 -9.58
CA CYS D 108 15.89 -4.34 -10.56
C CYS D 108 16.82 -5.25 -9.78
N ILE D 109 17.57 -6.08 -10.47
CA ILE D 109 18.47 -7.05 -9.84
C ILE D 109 19.80 -6.33 -9.73
N ALA D 110 20.40 -6.28 -8.55
CA ALA D 110 21.58 -5.46 -8.33
C ALA D 110 22.32 -5.76 -7.09
N TRP D 111 23.63 -5.92 -7.25
CA TRP D 111 24.51 -5.86 -6.09
C TRP D 111 25.35 -4.60 -6.09
N SER D 112 25.13 -3.69 -7.03
CA SER D 112 25.66 -2.34 -6.96
C SER D 112 24.68 -1.48 -7.78
N SER D 113 24.45 -0.24 -7.38
CA SER D 113 23.47 0.57 -8.07
C SER D 113 23.63 2.08 -7.90
N SER D 114 22.89 2.79 -8.72
CA SER D 114 22.71 4.25 -8.61
C SER D 114 21.36 4.61 -9.24
N SER D 115 20.68 5.64 -8.72
CA SER D 115 19.38 6.03 -9.25
C SER D 115 19.26 7.53 -9.31
N CYS D 116 18.48 8.03 -10.24
CA CYS D 116 18.19 9.46 -10.29
C CYS D 116 17.02 9.70 -11.19
N HIS D 117 16.41 10.87 -10.98
CA HIS D 117 15.18 11.23 -11.72
C HIS D 117 15.52 12.44 -12.57
N ASP D 118 15.15 12.44 -13.86
CA ASP D 118 15.57 13.51 -14.80
C ASP D 118 14.54 14.59 -14.97
N GLY D 119 13.51 14.51 -14.14
CA GLY D 119 12.34 15.38 -14.24
C GLY D 119 11.13 14.75 -14.92
N LYS D 120 11.36 13.74 -15.77
CA LYS D 120 10.28 12.94 -16.40
C LYS D 120 10.13 11.51 -15.85
N ALA D 121 11.25 10.87 -15.53
CA ALA D 121 11.25 9.50 -15.13
C ALA D 121 12.49 9.11 -14.34
N TRP D 122 12.39 7.96 -13.71
CA TRP D 122 13.49 7.35 -12.95
C TRP D 122 14.42 6.60 -13.88
N LEU D 123 15.71 6.82 -13.68
CA LEU D 123 16.77 5.97 -14.19
C LEU D 123 17.37 5.17 -13.05
N HIS D 124 17.54 3.87 -13.27
CA HIS D 124 18.26 3.04 -12.35
C HIS D 124 19.40 2.36 -13.12
N VAL D 125 20.57 2.37 -12.51
CA VAL D 125 21.71 1.62 -12.96
C VAL D 125 21.95 0.47 -12.00
N CYS D 126 21.88 -0.75 -12.54
CA CYS D 126 21.81 -1.94 -11.75
C CYS D 126 22.85 -2.95 -12.24
N VAL D 127 23.79 -3.32 -11.37
CA VAL D 127 24.87 -4.24 -11.75
C VAL D 127 24.69 -5.51 -11.02
N THR D 128 24.74 -6.61 -11.78
CA THR D 128 24.62 -7.97 -11.21
C THR D 128 25.38 -9.02 -12.10
N GLY D 129 25.41 -10.26 -11.64
CA GLY D 129 26.08 -11.36 -12.30
C GLY D 129 27.39 -11.81 -11.68
N ASP D 130 28.17 -12.56 -12.45
CA ASP D 130 29.50 -12.97 -12.05
C ASP D 130 30.35 -11.77 -11.67
N ASP D 131 31.12 -11.90 -10.60
CA ASP D 131 32.03 -10.85 -10.17
C ASP D 131 32.85 -10.21 -11.29
N ARG D 132 33.49 -11.07 -12.09
CA ARG D 132 34.44 -10.61 -13.10
C ARG D 132 33.85 -10.50 -14.50
N ASN D 133 32.53 -10.65 -14.62
CA ASN D 133 31.90 -10.53 -15.96
C ASN D 133 30.49 -10.06 -15.80
N ALA D 134 30.37 -8.94 -15.12
CA ALA D 134 29.05 -8.49 -14.72
C ALA D 134 28.31 -7.82 -15.84
N THR D 135 27.03 -7.59 -15.62
CA THR D 135 26.22 -6.82 -16.50
C THR D 135 25.59 -5.62 -15.77
N ALA D 136 25.69 -4.43 -16.37
CA ALA D 136 25.02 -3.26 -15.83
C ALA D 136 23.81 -2.98 -16.72
N SER D 137 22.63 -3.02 -16.12
CA SER D 137 21.40 -2.72 -16.85
C SER D 137 20.97 -1.29 -16.52
N PHE D 138 20.46 -0.65 -17.54
CA PHE D 138 19.94 0.71 -17.45
C PHE D 138 18.46 0.69 -17.67
N ILE D 139 17.74 1.11 -16.65
CA ILE D 139 16.28 1.00 -16.66
C ILE D 139 15.74 2.36 -16.55
N TYR D 140 14.99 2.75 -17.59
CA TYR D 140 14.46 4.09 -17.69
C TYR D 140 12.97 4.00 -17.82
N ASP D 141 12.29 4.71 -16.93
CA ASP D 141 10.84 4.71 -16.88
C ASP D 141 10.22 3.30 -16.80
N GLY D 142 10.80 2.44 -15.97
CA GLY D 142 10.34 1.07 -15.83
C GLY D 142 10.70 0.13 -16.98
N MET D 143 11.42 0.58 -18.01
CA MET D 143 11.81 -0.28 -19.10
C MET D 143 13.30 -0.42 -19.24
N LEU D 144 13.73 -1.60 -19.67
CA LEU D 144 15.13 -1.81 -19.97
C LEU D 144 15.54 -1.07 -21.21
N ALA D 145 16.52 -0.18 -21.09
CA ALA D 145 16.90 0.68 -22.18
C ALA D 145 18.27 0.43 -22.76
N ASP D 146 19.17 -0.07 -21.98
CA ASP D 146 20.51 -0.35 -22.46
C ASP D 146 21.24 -1.23 -21.44
N SER D 147 22.40 -1.73 -21.82
CA SER D 147 23.24 -2.53 -20.93
C SER D 147 24.66 -2.44 -21.37
N ILE D 148 25.57 -2.68 -20.44
CA ILE D 148 26.95 -2.79 -20.77
C ILE D 148 27.56 -3.90 -19.93
N GLY D 149 28.52 -4.61 -20.52
CA GLY D 149 29.33 -5.63 -19.84
C GLY D 149 30.58 -5.03 -19.22
N SER D 150 31.16 -5.75 -18.29
CA SER D 150 32.42 -5.36 -17.69
C SER D 150 33.50 -5.18 -18.77
N TRP D 151 34.18 -4.04 -18.80
CA TRP D 151 35.22 -3.72 -19.79
C TRP D 151 36.64 -4.20 -19.41
N SER D 152 36.93 -4.39 -18.14
CA SER D 152 38.25 -4.91 -17.75
C SER D 152 38.21 -6.29 -17.15
N GLN D 153 37.01 -6.77 -16.87
CA GLN D 153 36.83 -8.05 -16.17
C GLN D 153 37.49 -8.09 -14.83
N ASN D 154 37.46 -6.95 -14.17
CA ASN D 154 37.56 -6.88 -12.70
C ASN D 154 36.11 -6.79 -12.21
N ILE D 155 35.84 -6.15 -11.10
CA ILE D 155 34.48 -6.08 -10.62
C ILE D 155 33.85 -4.77 -11.01
N LEU D 156 32.86 -4.82 -11.89
CA LEU D 156 32.17 -3.60 -12.27
C LEU D 156 31.23 -3.11 -11.14
N ARG D 157 31.38 -1.87 -10.73
CA ARG D 157 30.67 -1.25 -9.61
C ARG D 157 30.35 0.21 -9.85
N THR D 158 29.33 0.75 -9.16
CA THR D 158 28.95 2.13 -9.33
C THR D 158 28.77 2.86 -7.97
N GLN D 159 27.96 3.90 -7.94
CA GLN D 159 28.07 4.89 -6.86
C GLN D 159 27.53 4.50 -5.51
N GLU D 160 26.49 3.69 -5.52
CA GLU D 160 25.69 3.48 -4.33
C GLU D 160 25.12 4.79 -3.74
N SER D 161 24.88 5.77 -4.61
CA SER D 161 24.08 6.95 -4.24
C SER D 161 23.53 7.57 -5.52
N GLU D 162 22.83 8.69 -5.39
CA GLU D 162 22.14 9.24 -6.53
C GLU D 162 23.06 9.68 -7.66
N CYS D 163 22.64 9.38 -8.89
CA CYS D 163 23.26 9.98 -10.06
C CYS D 163 22.62 11.36 -10.24
N VAL D 164 23.07 12.07 -11.28
CA VAL D 164 22.69 13.45 -11.47
C VAL D 164 22.36 13.70 -12.93
N CYS D 165 21.20 14.34 -13.15
CA CYS D 165 20.73 14.62 -14.51
C CYS D 165 20.54 16.08 -14.70
N ILE D 166 21.07 16.60 -15.80
CA ILE D 166 20.83 17.97 -16.19
C ILE D 166 20.33 18.04 -17.61
N ASN D 167 19.18 18.67 -17.75
CA ASN D 167 18.60 18.84 -19.04
C ASN D 167 18.51 17.56 -19.84
N GLY D 168 18.13 16.47 -19.20
CA GLY D 168 17.86 15.23 -19.90
C GLY D 168 19.07 14.34 -20.04
N THR D 169 20.25 14.83 -19.67
CA THR D 169 21.46 14.01 -19.70
C THR D 169 21.88 13.65 -18.28
N CYS D 170 21.95 12.36 -18.00
CA CYS D 170 22.31 11.88 -16.69
C CYS D 170 23.73 11.33 -16.72
N THR D 171 24.44 11.57 -15.64
CA THR D 171 25.81 11.13 -15.55
C THR D 171 25.97 10.22 -14.32
N VAL D 172 26.79 9.22 -14.51
CA VAL D 172 27.07 8.27 -13.50
C VAL D 172 28.54 7.80 -13.64
N VAL D 173 29.20 7.61 -12.49
CA VAL D 173 30.55 7.18 -12.45
C VAL D 173 30.57 5.69 -12.11
N MET D 174 31.42 4.95 -12.81
CA MET D 174 31.56 3.51 -12.64
C MET D 174 33.04 3.13 -12.66
N THR D 175 33.38 2.13 -11.89
CA THR D 175 34.72 1.66 -11.82
C THR D 175 34.70 0.16 -12.01
N ASP D 176 35.58 -0.32 -12.86
CA ASP D 176 35.80 -1.77 -13.06
C ASP D 176 37.15 -1.97 -12.37
N GLY D 177 37.10 -2.51 -11.17
CA GLY D 177 38.25 -2.55 -10.24
C GLY D 177 38.30 -3.75 -9.32
N SER D 178 39.38 -3.89 -8.59
CA SER D 178 39.63 -5.12 -7.83
C SER D 178 40.39 -4.72 -6.62
N ALA D 179 40.32 -5.62 -5.66
CA ALA D 179 40.97 -5.46 -4.37
C ALA D 179 42.49 -5.27 -4.48
N SER D 180 43.12 -5.77 -5.56
CA SER D 180 44.52 -5.48 -5.82
C SER D 180 44.85 -4.00 -6.09
N GLY D 181 43.93 -3.06 -5.80
CA GLY D 181 44.06 -1.64 -6.20
C GLY D 181 44.02 -1.32 -7.71
N ARG D 182 43.53 -2.23 -8.53
CA ARG D 182 43.26 -1.93 -9.97
C ARG D 182 41.95 -1.18 -10.08
N ALA D 183 41.92 -0.14 -10.88
CA ALA D 183 40.70 0.64 -11.03
C ALA D 183 40.65 1.26 -12.41
N ASP D 184 39.75 0.82 -13.28
CA ASP D 184 39.49 1.55 -14.53
C ASP D 184 38.14 2.27 -14.41
N THR D 185 38.23 3.58 -14.24
CA THR D 185 37.08 4.42 -13.96
C THR D 185 36.59 5.09 -15.19
N ARG D 186 35.28 5.05 -15.41
CA ARG D 186 34.68 5.69 -16.57
C ARG D 186 33.42 6.46 -16.14
N ILE D 187 33.15 7.54 -16.86
CA ILE D 187 32.03 8.39 -16.62
C ILE D 187 31.07 8.27 -17.78
N LEU D 188 29.86 7.80 -17.48
CA LEU D 188 28.84 7.53 -18.47
C LEU D 188 27.85 8.65 -18.52
N PHE D 189 27.41 8.93 -19.75
CA PHE D 189 26.41 9.93 -20.03
C PHE D 189 25.26 9.22 -20.69
N ILE D 190 24.08 9.44 -20.14
CA ILE D 190 22.94 8.65 -20.47
C ILE D 190 21.72 9.54 -20.73
N LYS D 191 21.00 9.22 -21.79
CA LYS D 191 19.87 10.04 -22.24
C LYS D 191 18.68 9.09 -22.44
N GLU D 192 17.69 9.22 -21.60
CA GLU D 192 16.51 8.34 -21.60
C GLU D 192 16.93 6.88 -21.56
N GLY D 193 17.89 6.59 -20.69
CA GLY D 193 18.39 5.27 -20.50
C GLY D 193 19.40 4.74 -21.51
N LYS D 194 19.59 5.46 -22.62
CA LYS D 194 20.58 5.11 -23.62
C LYS D 194 21.93 5.73 -23.30
N ILE D 195 22.96 4.91 -23.35
CA ILE D 195 24.31 5.43 -23.19
C ILE D 195 24.73 6.20 -24.43
N VAL D 196 25.01 7.49 -24.31
CA VAL D 196 25.37 8.25 -25.48
C VAL D 196 26.83 8.55 -25.54
N HIS D 197 27.54 8.45 -24.43
CA HIS D 197 28.99 8.68 -24.44
C HIS D 197 29.59 8.12 -23.18
N ILE D 198 30.84 7.69 -23.30
CA ILE D 198 31.64 7.29 -22.17
C ILE D 198 32.99 7.98 -22.17
N SER D 199 33.36 8.63 -21.06
CA SER D 199 34.64 9.33 -20.99
C SER D 199 35.51 8.66 -19.98
N PRO D 200 36.81 8.56 -20.29
CA PRO D 200 37.73 8.07 -19.27
C PRO D 200 37.97 9.10 -18.21
N LEU D 201 38.29 8.62 -17.02
CA LEU D 201 38.75 9.51 -15.95
C LEU D 201 39.98 10.23 -16.39
N SER D 202 40.06 11.49 -16.05
CA SER D 202 41.23 12.27 -16.33
C SER D 202 41.54 13.19 -15.08
N GLY D 203 42.76 13.69 -15.00
CA GLY D 203 43.23 14.49 -13.83
C GLY D 203 44.05 13.65 -12.86
N SER D 204 44.13 14.03 -11.59
CA SER D 204 45.11 13.38 -10.69
C SER D 204 44.55 12.38 -9.65
N ALA D 205 43.24 12.19 -9.62
CA ALA D 205 42.62 11.24 -8.69
C ALA D 205 42.92 9.82 -9.07
N GLN D 206 43.15 8.94 -8.10
CA GLN D 206 43.79 7.67 -8.48
C GLN D 206 43.01 6.38 -8.31
N HIS D 207 42.19 6.25 -7.28
CA HIS D 207 41.55 4.91 -7.07
C HIS D 207 40.06 4.91 -6.58
N ILE D 208 39.27 5.38 -7.52
CA ILE D 208 37.99 6.01 -7.29
C ILE D 208 36.96 4.92 -7.13
N GLU D 209 36.16 5.05 -6.08
CA GLU D 209 35.03 4.17 -5.76
C GLU D 209 33.89 5.05 -5.22
N GLU D 210 32.66 4.60 -5.45
CA GLU D 210 31.49 5.05 -4.67
C GLU D 210 31.35 6.58 -4.56
N CYS D 211 31.35 7.24 -5.73
CA CYS D 211 31.20 8.68 -5.76
C CYS D 211 29.85 9.17 -5.20
N SER D 212 29.91 10.18 -4.35
CA SER D 212 28.76 11.03 -4.00
C SER D 212 28.78 12.31 -4.80
N CYS D 213 27.82 12.42 -5.71
CA CYS D 213 27.76 13.44 -6.73
C CYS D 213 26.62 14.40 -6.50
N TYR D 214 26.79 15.61 -7.03
CA TYR D 214 25.80 16.62 -6.93
C TYR D 214 25.85 17.59 -8.08
N PRO D 215 24.68 18.21 -8.36
CA PRO D 215 24.62 19.18 -9.43
C PRO D 215 25.20 20.50 -8.95
N ARG D 216 25.99 21.08 -9.85
CA ARG D 216 26.63 22.34 -9.64
C ARG D 216 26.60 23.00 -11.01
N TYR D 217 25.39 23.45 -11.35
CA TYR D 217 25.04 23.90 -12.68
C TYR D 217 26.09 24.83 -13.29
N PRO D 218 26.47 24.62 -14.55
CA PRO D 218 25.96 23.65 -15.54
C PRO D 218 26.64 22.30 -15.45
N ASP D 219 27.46 22.09 -14.43
CA ASP D 219 28.20 20.84 -14.31
C ASP D 219 27.78 19.96 -13.16
N VAL D 220 28.52 18.86 -13.00
CA VAL D 220 28.33 17.93 -11.92
C VAL D 220 29.68 17.72 -11.21
N ARG D 221 29.63 17.56 -9.91
CA ARG D 221 30.81 17.41 -9.08
C ARG D 221 30.60 16.25 -8.13
N CYS D 222 31.64 15.45 -7.96
CA CYS D 222 31.58 14.24 -7.13
C CYS D 222 32.71 14.24 -6.15
N VAL D 223 32.44 13.76 -4.92
CA VAL D 223 33.45 13.49 -3.95
C VAL D 223 33.39 12.02 -3.67
N CYS D 224 34.55 11.36 -3.69
CA CYS D 224 34.59 9.90 -3.74
C CYS D 224 35.39 9.27 -2.61
N ARG D 225 35.64 7.98 -2.78
CA ARG D 225 36.44 7.17 -1.91
C ARG D 225 37.66 6.66 -2.67
N ASP D 226 38.83 6.95 -2.10
CA ASP D 226 40.10 6.36 -2.46
C ASP D 226 40.26 5.17 -1.53
N ASN D 227 40.23 4.06 -2.21
CA ASN D 227 40.24 2.70 -1.76
C ASN D 227 41.58 2.15 -1.31
N TRP D 228 42.65 2.86 -1.64
CA TRP D 228 43.97 2.23 -1.63
C TRP D 228 45.07 3.10 -1.04
N LYS D 229 45.20 4.36 -1.48
CA LYS D 229 46.32 5.17 -1.08
C LYS D 229 46.02 6.46 -0.32
N GLY D 230 44.79 6.93 -0.32
CA GLY D 230 44.48 8.24 0.29
C GLY D 230 43.34 8.20 1.28
N SER D 231 43.57 8.79 2.45
CA SER D 231 42.47 9.07 3.39
C SER D 231 41.88 10.45 3.11
N ASN D 232 42.49 11.19 2.18
CA ASN D 232 41.87 12.37 1.64
C ASN D 232 40.98 11.91 0.48
N ARG D 233 39.87 12.61 0.26
CA ARG D 233 38.87 12.16 -0.68
C ARG D 233 39.09 12.73 -2.09
N PRO D 234 39.02 11.88 -3.11
CA PRO D 234 39.07 12.36 -4.50
C PRO D 234 37.87 13.23 -4.88
N VAL D 235 38.10 14.14 -5.80
CA VAL D 235 37.06 15.01 -6.31
C VAL D 235 37.09 14.88 -7.82
N ILE D 236 35.93 14.68 -8.41
CA ILE D 236 35.80 14.69 -9.87
C ILE D 236 34.88 15.73 -10.39
N ASP D 237 35.33 16.47 -11.42
CA ASP D 237 34.46 17.47 -12.11
C ASP D 237 34.09 17.00 -13.49
N ILE D 238 32.81 17.14 -13.79
CA ILE D 238 32.23 16.58 -14.99
C ILE D 238 31.56 17.67 -15.76
N ASN D 239 32.07 17.91 -16.96
CA ASN D 239 31.50 18.93 -17.83
C ASN D 239 30.36 18.32 -18.65
N MET D 240 29.16 18.81 -18.44
CA MET D 240 28.00 18.18 -19.05
C MET D 240 27.76 18.61 -20.48
N ALA D 241 28.49 19.62 -20.93
CA ALA D 241 28.29 20.18 -22.25
C ALA D 241 29.18 19.49 -23.27
N ASP D 242 30.42 19.24 -22.91
CA ASP D 242 31.38 18.60 -23.85
C ASP D 242 31.97 17.27 -23.36
N TYR D 243 31.47 16.78 -22.21
CA TYR D 243 31.88 15.46 -21.67
C TYR D 243 33.32 15.34 -21.17
N SER D 244 34.00 16.45 -20.95
CA SER D 244 35.37 16.42 -20.43
C SER D 244 35.38 16.36 -18.90
N ILE D 245 36.50 15.87 -18.39
CA ILE D 245 36.62 15.42 -17.01
C ILE D 245 37.87 15.99 -16.38
N ASP D 246 37.81 16.36 -15.11
CA ASP D 246 39.00 16.65 -14.35
C ASP D 246 38.85 16.06 -12.95
N SER D 247 39.94 15.96 -12.22
CA SER D 247 39.92 15.42 -10.88
C SER D 247 41.14 15.79 -10.04
N SER D 248 40.98 15.72 -8.74
CA SER D 248 42.00 16.10 -7.75
C SER D 248 41.57 15.49 -6.39
N TYR D 249 42.03 16.04 -5.28
CA TYR D 249 41.64 15.64 -3.94
C TYR D 249 41.18 16.90 -3.18
N VAL D 250 40.21 16.72 -2.30
CA VAL D 250 39.78 17.71 -1.35
C VAL D 250 40.97 18.29 -0.53
N CYS D 251 41.04 19.63 -0.51
CA CYS D 251 42.19 20.38 0.06
C CYS D 251 42.35 20.25 1.57
N SER D 252 41.22 20.22 2.27
CA SER D 252 41.17 20.17 3.74
C SER D 252 42.17 19.21 4.36
N GLY D 253 42.91 19.74 5.33
CA GLY D 253 43.82 18.91 6.11
C GLY D 253 43.09 18.05 7.14
N LEU D 254 41.83 18.40 7.44
CA LEU D 254 40.92 17.49 8.19
C LEU D 254 40.27 16.56 7.15
N VAL D 255 40.70 15.30 7.09
CA VAL D 255 40.33 14.46 5.96
C VAL D 255 39.09 13.64 6.30
N GLY D 256 38.43 13.13 5.26
CA GLY D 256 37.10 12.55 5.39
C GLY D 256 36.93 11.05 5.39
N ASP D 257 38.01 10.33 5.11
CA ASP D 257 37.92 8.89 5.01
C ASP D 257 38.17 8.21 6.37
N THR D 258 37.93 6.91 6.37
CA THR D 258 38.18 6.05 7.48
C THR D 258 38.81 4.77 6.90
N PRO D 259 39.98 4.35 7.39
CA PRO D 259 40.76 4.94 8.46
C PRO D 259 41.50 6.21 8.04
N ARG D 260 42.14 6.86 8.99
CA ARG D 260 42.87 8.08 8.74
C ARG D 260 43.80 8.36 9.92
N ASN D 261 44.75 9.28 9.74
CA ASN D 261 45.52 9.72 10.88
C ASN D 261 44.64 10.63 11.74
N ASP D 262 45.06 10.87 12.98
CA ASP D 262 44.49 11.90 13.82
C ASP D 262 44.71 13.27 13.23
N ASP D 263 43.99 14.23 13.78
CA ASP D 263 43.88 15.59 13.25
C ASP D 263 45.15 16.40 13.23
N SER D 264 46.06 16.13 14.13
CA SER D 264 47.30 16.93 14.10
C SER D 264 48.33 16.37 13.11
N SER D 265 48.24 15.11 12.72
CA SER D 265 49.16 14.56 11.73
C SER D 265 48.59 14.23 10.34
N SER D 266 47.33 14.58 10.10
CA SER D 266 46.69 14.27 8.82
C SER D 266 46.98 15.38 7.83
N SER D 267 46.96 15.07 6.53
CA SER D 267 47.23 16.11 5.54
C SER D 267 46.62 15.84 4.16
N SER D 268 46.58 16.89 3.36
CA SER D 268 46.23 16.82 1.96
C SER D 268 46.95 17.94 1.22
N ASN D 269 47.46 17.63 0.03
CA ASN D 269 48.06 18.67 -0.82
C ASN D 269 47.20 19.04 -2.03
N CYS D 270 45.92 18.67 -2.04
CA CYS D 270 44.94 18.99 -3.14
C CYS D 270 45.14 18.18 -4.40
N ARG D 271 46.24 17.48 -4.55
CA ARG D 271 46.57 16.94 -5.87
C ARG D 271 46.75 15.43 -5.85
N ASP D 272 47.38 14.91 -4.80
CA ASP D 272 47.73 13.49 -4.71
C ASP D 272 47.10 12.79 -3.49
N PRO D 273 46.93 11.47 -3.58
CA PRO D 273 46.56 10.77 -2.40
C PRO D 273 47.64 11.01 -1.36
N ASN D 274 47.26 11.12 -0.11
CA ASN D 274 48.17 11.48 0.96
C ASN D 274 48.99 10.33 1.53
N ASN D 275 48.72 9.09 1.13
CA ASN D 275 49.42 7.89 1.66
C ASN D 275 49.35 7.65 3.12
N GLU D 276 48.26 8.08 3.70
CA GLU D 276 48.04 7.94 5.13
C GLU D 276 46.83 7.05 5.28
N ARG D 277 47.09 5.78 5.60
CA ARG D 277 46.05 4.82 5.98
C ARG D 277 44.95 4.77 4.95
N GLY D 278 45.38 4.56 3.74
CA GLY D 278 44.52 4.74 2.57
C GLY D 278 43.50 3.64 2.34
N ASN D 279 43.70 2.47 2.93
CA ASN D 279 42.77 1.38 2.65
C ASN D 279 42.10 0.90 3.93
N PRO D 280 40.87 0.38 3.85
CA PRO D 280 40.03 0.29 2.67
C PRO D 280 39.17 1.52 2.33
N GLY D 281 39.07 2.47 3.24
CA GLY D 281 38.19 3.61 3.03
C GLY D 281 36.73 3.28 3.23
N VAL D 282 35.91 4.31 3.12
CA VAL D 282 34.49 4.20 3.30
C VAL D 282 33.80 5.22 2.41
N LYS D 283 32.63 4.91 1.90
CA LYS D 283 31.90 5.90 1.14
C LYS D 283 31.50 7.08 2.02
N GLY D 284 31.72 8.28 1.48
CA GLY D 284 31.32 9.52 2.12
C GLY D 284 31.08 10.65 1.13
N TRP D 285 31.03 11.88 1.67
CA TRP D 285 30.67 13.05 0.90
C TRP D 285 31.32 14.33 1.45
N ALA D 286 31.30 15.34 0.59
CA ALA D 286 31.68 16.71 0.92
C ALA D 286 31.17 17.63 -0.19
N PHE D 287 31.02 18.90 0.14
CA PHE D 287 30.69 19.87 -0.90
C PHE D 287 31.29 21.25 -0.61
N ASP D 288 31.47 22.00 -1.70
CA ASP D 288 32.16 23.28 -1.65
C ASP D 288 31.17 24.38 -1.44
N ASN D 289 31.58 25.37 -0.65
CA ASN D 289 30.91 26.65 -0.56
C ASN D 289 31.96 27.77 -0.60
N GLY D 290 32.25 28.25 -1.81
CA GLY D 290 33.32 29.17 -2.08
C GLY D 290 34.67 28.54 -1.75
N ASN D 291 35.38 29.12 -0.78
CA ASN D 291 36.66 28.60 -0.29
C ASN D 291 36.53 27.56 0.79
N ASP D 292 35.32 27.42 1.31
CA ASP D 292 35.04 26.52 2.44
C ASP D 292 34.54 25.17 1.94
N VAL D 293 34.67 24.16 2.78
CA VAL D 293 34.09 22.84 2.48
C VAL D 293 33.20 22.43 3.65
N TRP D 294 32.01 21.91 3.33
CA TRP D 294 31.22 21.17 4.31
C TRP D 294 31.42 19.67 4.07
N MET D 295 31.58 18.92 5.15
CA MET D 295 31.87 17.50 5.01
C MET D 295 31.37 16.71 6.20
N GLY D 296 31.15 15.41 5.99
CA GLY D 296 30.93 14.47 7.09
C GLY D 296 32.06 13.47 7.21
N ARG D 297 32.14 12.81 8.35
CA ARG D 297 33.02 11.67 8.54
C ARG D 297 32.69 10.91 9.80
N THR D 298 33.24 9.70 9.92
CA THR D 298 33.08 8.89 11.13
C THR D 298 33.86 9.59 12.25
N ILE D 299 33.42 9.47 13.49
CA ILE D 299 34.13 10.12 14.58
C ILE D 299 35.41 9.34 14.83
N SER D 300 35.33 8.03 14.83
CA SER D 300 36.56 7.19 15.00
C SER D 300 37.46 7.29 13.77
N GLU D 301 38.75 7.32 14.01
CA GLU D 301 39.77 7.35 12.96
C GLU D 301 40.11 5.96 12.50
N ASP D 302 39.65 4.96 13.25
CA ASP D 302 39.98 3.57 12.97
C ASP D 302 38.84 2.79 12.42
N SER D 303 37.65 3.03 12.90
CA SER D 303 36.57 2.19 12.49
C SER D 303 35.32 3.02 12.19
N ARG D 304 34.33 2.33 11.61
CA ARG D 304 33.12 2.96 11.20
C ARG D 304 32.15 3.13 12.37
N SER D 305 32.53 4.00 13.29
CA SER D 305 31.77 4.27 14.48
C SER D 305 31.63 5.81 14.65
N GLY D 306 30.44 6.23 15.04
CA GLY D 306 30.10 7.65 15.12
C GLY D 306 29.97 8.35 13.79
N TYR D 307 29.48 9.59 13.84
CA TYR D 307 29.40 10.44 12.67
C TYR D 307 29.25 11.92 13.08
N GLU D 308 29.95 12.78 12.35
CA GLU D 308 30.07 14.21 12.64
C GLU D 308 30.12 14.95 11.36
N THR D 309 29.59 16.17 11.39
CA THR D 309 29.71 17.10 10.31
C THR D 309 30.31 18.40 10.77
N PHE D 310 30.96 19.08 9.84
CA PHE D 310 31.50 20.38 10.11
C PHE D 310 31.88 21.08 8.83
N ARG D 311 32.17 22.34 9.02
CA ARG D 311 32.76 23.14 7.97
C ARG D 311 34.22 23.43 8.25
N VAL D 312 35.00 23.45 7.19
CA VAL D 312 36.43 23.83 7.32
C VAL D 312 36.64 25.11 6.52
N THR D 313 37.02 26.19 7.21
CA THR D 313 37.19 27.50 6.52
C THR D 313 38.43 27.38 5.65
N ASP D 314 38.30 27.78 4.39
CA ASP D 314 39.37 27.66 3.40
C ASP D 314 39.72 26.24 3.04
N GLY D 315 38.92 25.30 3.48
CA GLY D 315 39.23 23.89 3.27
C GLY D 315 39.03 23.40 1.84
N TRP D 316 38.36 24.19 1.03
CA TRP D 316 38.20 23.85 -0.38
C TRP D 316 39.34 24.31 -1.25
N THR D 317 39.94 25.45 -0.96
CA THR D 317 40.92 26.04 -1.88
C THR D 317 42.32 26.16 -1.35
N THR D 318 42.54 26.00 -0.06
CA THR D 318 43.88 26.08 0.53
C THR D 318 44.30 24.75 1.09
N ALA D 319 45.39 24.23 0.56
CA ALA D 319 45.92 22.93 0.97
C ALA D 319 46.12 22.91 2.44
N ASN D 320 45.56 21.85 3.04
CA ASN D 320 45.86 21.53 4.43
C ASN D 320 45.21 22.42 5.54
N SER D 321 44.18 23.20 5.22
CA SER D 321 43.48 23.93 6.29
C SER D 321 42.88 22.96 7.27
N LYS D 322 43.00 23.33 8.53
CA LYS D 322 42.51 22.54 9.65
C LYS D 322 41.66 23.38 10.58
N SER D 323 41.08 24.40 9.99
CA SER D 323 40.34 25.37 10.73
C SER D 323 38.80 25.06 10.77
N GLN D 324 38.36 24.20 11.68
CA GLN D 324 36.95 23.84 11.67
C GLN D 324 36.04 24.71 12.51
N VAL D 325 34.79 24.72 12.10
CA VAL D 325 33.75 25.41 12.75
C VAL D 325 32.41 24.68 12.47
N ASN D 326 31.43 24.93 13.33
CA ASN D 326 30.08 24.41 13.15
C ASN D 326 29.95 22.91 13.19
N ARG D 327 30.72 22.32 14.09
CA ARG D 327 30.61 20.94 14.26
C ARG D 327 29.24 20.53 14.82
N GLN D 328 28.72 19.40 14.31
CA GLN D 328 27.63 18.70 14.88
C GLN D 328 27.91 17.20 14.96
N ILE D 329 27.56 16.61 16.10
CA ILE D 329 27.44 15.19 16.25
C ILE D 329 26.11 14.67 15.69
N ILE D 330 26.18 13.74 14.76
CA ILE D 330 24.99 13.10 14.22
C ILE D 330 24.72 11.77 14.89
N VAL D 331 25.79 10.99 15.04
CA VAL D 331 25.77 9.73 15.77
C VAL D 331 26.95 9.71 16.72
N ASP D 332 26.71 9.48 18.02
CA ASP D 332 27.81 9.50 18.98
C ASP D 332 28.76 8.32 18.72
N ASN D 333 29.94 8.41 19.31
CA ASN D 333 31.00 7.41 19.10
C ASN D 333 30.86 6.13 19.88
N ASN D 334 29.78 5.93 20.61
CA ASN D 334 29.46 4.59 21.12
C ASN D 334 28.58 3.77 20.19
N ASN D 335 28.36 4.24 18.98
CA ASN D 335 27.40 3.59 18.06
C ASN D 335 27.96 3.46 16.70
N TRP D 336 27.49 2.45 15.99
CA TRP D 336 28.03 2.12 14.67
C TRP D 336 27.44 3.03 13.65
N SER D 337 28.27 3.40 12.69
CA SER D 337 27.82 4.11 11.50
C SER D 337 28.06 3.21 10.26
N GLY D 338 28.57 3.78 9.16
CA GLY D 338 28.63 3.11 7.90
C GLY D 338 28.87 4.09 6.74
N TYR D 339 28.44 3.70 5.54
CA TYR D 339 28.49 4.58 4.39
C TYR D 339 27.67 5.87 4.66
N SER D 340 28.04 6.95 3.97
CA SER D 340 27.20 8.15 3.93
C SER D 340 27.31 8.72 2.59
N GLY D 341 26.33 9.55 2.26
CA GLY D 341 26.26 10.14 0.96
C GLY D 341 25.38 11.38 0.91
N ILE D 342 25.49 12.08 -0.21
CA ILE D 342 24.77 13.31 -0.43
C ILE D 342 23.60 13.12 -1.35
N PHE D 343 22.60 13.95 -1.16
CA PHE D 343 21.56 14.17 -2.16
C PHE D 343 21.16 15.64 -2.13
N SER D 344 20.54 16.04 -3.24
CA SER D 344 20.23 17.42 -3.45
C SER D 344 18.72 17.66 -3.67
N VAL D 345 18.24 18.82 -3.22
CA VAL D 345 16.84 19.17 -3.25
C VAL D 345 16.63 20.58 -3.80
N GLU D 346 15.77 20.69 -4.79
CA GLU D 346 15.52 21.98 -5.41
C GLU D 346 14.46 22.74 -4.63
N GLY D 347 14.81 23.86 -4.04
CA GLY D 347 13.82 24.77 -3.47
C GLY D 347 13.37 25.83 -4.48
N LYS D 348 12.68 26.86 -4.03
CA LYS D 348 12.14 27.91 -4.96
C LYS D 348 13.27 28.78 -5.54
N SER D 349 14.25 29.10 -4.71
N SER D 349 14.25 29.16 -4.71
CA SER D 349 15.35 29.96 -5.14
CA SER D 349 15.37 29.96 -5.20
C SER D 349 16.76 29.34 -5.07
C SER D 349 16.77 29.30 -5.13
N CYS D 350 16.91 28.17 -4.42
CA CYS D 350 18.22 27.58 -4.29
C CYS D 350 18.18 26.07 -4.11
N ILE D 351 19.35 25.48 -4.29
CA ILE D 351 19.52 24.01 -4.24
C ILE D 351 20.12 23.66 -2.87
N ASN D 352 19.39 22.86 -2.11
CA ASN D 352 19.84 22.47 -0.78
C ASN D 352 20.57 21.13 -0.85
N ARG D 353 21.50 20.93 0.10
CA ARG D 353 22.29 19.73 0.19
C ARG D 353 21.88 18.99 1.47
N CYS D 354 21.65 17.70 1.34
CA CYS D 354 21.28 16.85 2.41
C CYS D 354 22.20 15.64 2.42
N PHE D 355 22.19 14.88 3.52
CA PHE D 355 22.95 13.65 3.55
C PHE D 355 22.28 12.58 4.36
N TYR D 356 22.70 11.34 4.13
CA TYR D 356 22.20 10.18 4.88
C TYR D 356 23.37 9.50 5.49
N VAL D 357 23.12 8.80 6.57
CA VAL D 357 24.12 7.93 7.20
C VAL D 357 23.56 6.53 7.37
N GLU D 358 24.31 5.53 6.87
CA GLU D 358 24.00 4.12 7.03
C GLU D 358 24.46 3.77 8.43
N LEU D 359 23.59 3.14 9.20
CA LEU D 359 23.88 2.63 10.55
C LEU D 359 23.91 1.10 10.49
N ILE D 360 25.09 0.53 10.37
CA ILE D 360 25.23 -0.89 10.15
C ILE D 360 25.16 -1.63 11.47
N ARG D 361 24.36 -2.70 11.53
CA ARG D 361 24.32 -3.58 12.69
C ARG D 361 24.60 -5.03 12.30
N GLY D 362 25.09 -5.79 13.25
CA GLY D 362 25.45 -7.18 13.02
C GLY D 362 26.91 -7.36 12.67
N ARG D 363 27.21 -8.32 11.78
CA ARG D 363 28.60 -8.65 11.45
C ARG D 363 29.20 -7.54 10.61
N PRO D 364 30.52 -7.29 10.73
CA PRO D 364 31.50 -8.07 11.52
C PRO D 364 31.62 -7.62 12.98
N GLN D 365 31.09 -6.46 13.32
CA GLN D 365 31.31 -5.91 14.68
C GLN D 365 30.54 -6.56 15.78
N GLU D 366 29.36 -7.11 15.47
CA GLU D 366 28.49 -7.68 16.51
C GLU D 366 28.25 -9.14 16.19
N THR D 367 28.90 -10.00 16.93
CA THR D 367 28.94 -11.43 16.60
C THR D 367 27.91 -12.31 17.33
N ARG D 368 27.09 -11.74 18.19
CA ARG D 368 25.97 -12.51 18.73
C ARG D 368 25.02 -12.95 17.61
N VAL D 369 24.91 -12.18 16.55
CA VAL D 369 24.05 -12.54 15.42
C VAL D 369 24.89 -12.96 14.21
N TRP D 370 24.25 -13.55 13.22
CA TRP D 370 24.89 -14.07 12.01
C TRP D 370 24.60 -13.22 10.75
N TRP D 371 23.77 -12.16 10.89
CA TRP D 371 23.31 -11.36 9.78
C TRP D 371 23.68 -10.10 9.05
N THR D 372 24.39 -9.18 9.54
CA THR D 372 24.52 -7.88 8.69
C THR D 372 23.35 -7.12 8.04
N SER D 373 23.03 -5.96 8.59
CA SER D 373 21.93 -5.09 8.00
C SER D 373 22.14 -3.67 8.47
N ASN D 374 21.23 -2.77 8.13
CA ASN D 374 21.44 -1.37 8.50
C ASN D 374 20.10 -0.65 8.67
N SER D 375 20.10 0.47 9.39
CA SER D 375 19.03 1.49 9.26
C SER D 375 19.67 2.76 8.73
N ILE D 376 18.89 3.82 8.61
CA ILE D 376 19.41 5.11 8.23
C ILE D 376 18.90 6.28 9.06
N VAL D 377 19.65 7.35 9.00
CA VAL D 377 19.25 8.62 9.51
C VAL D 377 19.65 9.65 8.48
N VAL D 378 18.85 10.72 8.36
CA VAL D 378 18.98 11.70 7.30
C VAL D 378 18.79 13.09 7.86
N PHE D 379 19.63 13.98 7.37
CA PHE D 379 19.67 15.37 7.79
C PHE D 379 19.71 16.23 6.52
N CYS D 380 19.23 17.46 6.65
CA CYS D 380 19.23 18.40 5.54
C CYS D 380 19.81 19.77 5.96
N GLY D 381 20.36 20.47 5.01
CA GLY D 381 20.87 21.79 5.24
C GLY D 381 19.78 22.72 5.74
N THR D 382 20.13 23.55 6.70
CA THR D 382 19.28 24.60 7.20
C THR D 382 20.03 25.92 7.23
N SER D 383 19.30 26.98 6.98
CA SER D 383 19.85 28.32 7.21
C SER D 383 19.25 28.96 8.48
N GLY D 384 18.53 28.17 9.28
CA GLY D 384 18.10 28.61 10.60
C GLY D 384 19.08 28.22 11.73
N THR D 385 18.55 27.96 12.91
CA THR D 385 19.33 27.52 14.05
C THR D 385 18.90 26.12 14.50
N TYR D 386 19.68 25.57 15.40
CA TYR D 386 19.51 24.22 15.84
C TYR D 386 20.27 23.96 17.15
N GLY D 387 20.07 22.79 17.73
CA GLY D 387 20.71 22.34 18.98
C GLY D 387 21.68 21.17 18.76
N THR D 388 21.65 20.22 19.69
CA THR D 388 22.51 19.05 19.71
C THR D 388 21.72 17.80 19.99
N GLY D 389 22.30 16.69 19.58
CA GLY D 389 21.76 15.39 19.93
C GLY D 389 22.61 14.24 19.41
N SER D 390 22.03 13.04 19.44
CA SER D 390 22.62 11.90 18.83
C SER D 390 21.51 10.97 18.39
N TRP D 391 21.58 10.47 17.15
CA TRP D 391 20.49 9.71 16.60
C TRP D 391 21.01 8.38 15.99
N PRO D 392 21.43 7.46 16.87
CA PRO D 392 21.94 6.19 16.36
C PRO D 392 20.81 5.24 15.98
N ASP D 393 21.17 4.04 15.60
CA ASP D 393 20.23 3.00 15.19
C ASP D 393 19.20 2.63 16.27
N GLY D 394 19.70 2.42 17.48
CA GLY D 394 18.87 2.24 18.65
C GLY D 394 18.45 0.83 18.97
N ALA D 395 18.83 -0.15 18.17
CA ALA D 395 18.48 -1.53 18.48
C ALA D 395 19.42 -2.09 19.55
N ASN D 396 18.86 -2.90 20.44
CA ASN D 396 19.58 -3.67 21.40
C ASN D 396 19.85 -5.06 20.79
N ILE D 397 21.13 -5.33 20.57
CA ILE D 397 21.55 -6.52 19.85
C ILE D 397 21.06 -7.77 20.56
N ASN D 398 20.89 -7.71 21.88
CA ASN D 398 20.35 -8.87 22.66
C ASN D 398 18.87 -9.18 22.47
N PHE D 399 18.11 -8.28 21.89
CA PHE D 399 16.70 -8.48 21.64
C PHE D 399 16.43 -9.02 20.23
N MET D 400 17.46 -9.23 19.41
CA MET D 400 17.27 -9.58 18.01
C MET D 400 17.24 -11.08 17.76
N PRO D 401 16.49 -11.52 16.74
CA PRO D 401 16.68 -12.88 16.10
C PRO D 401 18.12 -13.04 15.68
N ILE D 402 18.66 -14.26 15.68
CA ILE D 402 20.08 -14.44 15.85
C ILE D 402 21.06 -14.53 14.61
#